data_2EZD
# 
_entry.id   2EZD 
# 
_audit_conform.dict_name       mmcif_pdbx.dic 
_audit_conform.dict_version    5.392 
_audit_conform.dict_location   http://mmcif.pdb.org/dictionaries/ascii/mmcif_pdbx.dic 
# 
loop_
_database_2.database_id 
_database_2.database_code 
_database_2.pdbx_database_accession 
_database_2.pdbx_DOI 
PDB   2EZD         pdb_00002ezd 10.2210/pdb2ezd/pdb 
WWPDB D_1000178055 ?            ?                   
# 
loop_
_pdbx_audit_revision_history.ordinal 
_pdbx_audit_revision_history.data_content_type 
_pdbx_audit_revision_history.major_revision 
_pdbx_audit_revision_history.minor_revision 
_pdbx_audit_revision_history.revision_date 
1 'Structure model' 1 0 1997-10-15 
2 'Structure model' 1 1 2008-03-24 
3 'Structure model' 1 2 2011-07-13 
4 'Structure model' 1 3 2022-03-09 
5 'Structure model' 1 4 2024-05-22 
# 
_pdbx_audit_revision_details.ordinal             1 
_pdbx_audit_revision_details.revision_ordinal    1 
_pdbx_audit_revision_details.data_content_type   'Structure model' 
_pdbx_audit_revision_details.provider            repository 
_pdbx_audit_revision_details.type                'Initial release' 
_pdbx_audit_revision_details.description         ? 
_pdbx_audit_revision_details.details             ? 
# 
loop_
_pdbx_audit_revision_group.ordinal 
_pdbx_audit_revision_group.revision_ordinal 
_pdbx_audit_revision_group.data_content_type 
_pdbx_audit_revision_group.group 
1 2 'Structure model' 'Version format compliance' 
2 3 'Structure model' 'Version format compliance' 
3 4 'Structure model' 'Database references'       
4 4 'Structure model' 'Derived calculations'      
5 4 'Structure model' Other                       
6 5 'Structure model' 'Data collection'           
# 
loop_
_pdbx_audit_revision_category.ordinal 
_pdbx_audit_revision_category.revision_ordinal 
_pdbx_audit_revision_category.data_content_type 
_pdbx_audit_revision_category.category 
1 4 'Structure model' database_2            
2 4 'Structure model' pdbx_database_status  
3 4 'Structure model' pdbx_struct_assembly  
4 4 'Structure model' pdbx_struct_oper_list 
5 5 'Structure model' chem_comp_atom        
6 5 'Structure model' chem_comp_bond        
# 
loop_
_pdbx_audit_revision_item.ordinal 
_pdbx_audit_revision_item.revision_ordinal 
_pdbx_audit_revision_item.data_content_type 
_pdbx_audit_revision_item.item 
1 4 'Structure model' '_database_2.pdbx_DOI'                
2 4 'Structure model' '_database_2.pdbx_database_accession' 
3 4 'Structure model' '_pdbx_database_status.process_site'  
# 
_pdbx_database_status.status_code                     REL 
_pdbx_database_status.entry_id                        2EZD 
_pdbx_database_status.recvd_initial_deposition_date   1997-06-04 
_pdbx_database_status.deposit_site                    ? 
_pdbx_database_status.process_site                    BNL 
_pdbx_database_status.SG_entry                        . 
_pdbx_database_status.pdb_format_compatible           Y 
_pdbx_database_status.status_code_mr                  ? 
_pdbx_database_status.status_code_sf                  ? 
_pdbx_database_status.status_code_cs                  ? 
_pdbx_database_status.status_code_nmr_data            ? 
_pdbx_database_status.methods_development_category    ? 
# 
_pdbx_database_related.db_name        PDB 
_pdbx_database_related.db_id          2EZE 
_pdbx_database_related.details        'ENSEMBLE OF 35 STRUCTURES' 
_pdbx_database_related.content_type   ensemble 
# 
loop_
_audit_author.name 
_audit_author.pdbx_ordinal 
'Clore, G.M.'      1 
'Huth, J.R.'       2 
'Bewley, C.'       3 
'Gronenborn, A.M.' 4 
# 
_citation.id                        primary 
_citation.title                     
'The solution structure of an HMG-I(Y)-DNA complex defines a new architectural minor groove binding motif.' 
_citation.journal_abbrev            Nat.Struct.Biol. 
_citation.journal_volume            4 
_citation.page_first                657 
_citation.page_last                 665 
_citation.year                      1997 
_citation.journal_id_ASTM           NSBIEW 
_citation.country                   US 
_citation.journal_id_ISSN           1072-8368 
_citation.journal_id_CSD            2024 
_citation.book_publisher            ? 
_citation.pdbx_database_id_PubMed   9253416 
_citation.pdbx_database_id_DOI      10.1038/nsb0897-657 
# 
loop_
_citation_author.citation_id 
_citation_author.name 
_citation_author.ordinal 
_citation_author.identifier_ORCID 
primary 'Huth, J.R.'       1 ? 
primary 'Bewley, C.A.'     2 ? 
primary 'Nissen, M.S.'     3 ? 
primary 'Evans, J.N.'      4 ? 
primary 'Reeves, R.'       5 ? 
primary 'Gronenborn, A.M.' 6 ? 
primary 'Clore, G.M.'      7 ? 
# 
loop_
_entity.id 
_entity.type 
_entity.src_method 
_entity.pdbx_description 
_entity.formula_weight 
_entity.pdbx_number_of_molecules 
_entity.pdbx_ec 
_entity.pdbx_mutation 
_entity.pdbx_fragment 
_entity.details 
1 polymer syn 
;DNA (5'-D(*GP*GP*GP*AP*AP*AP*TP*TP*CP*CP*TP*C)-3')
;
3662.404 1 ? ? ? ? 
2 polymer syn 
;DNA (5'-D(*GP*AP*GP*GP*AP*AP*TP*TP*TP*CP*CP*C)-3')
;
3662.404 1 ? ? ? ? 
3 polymer man 'HIGH MOBILITY GROUP PROTEIN HMG-I/HMG-Y'            2727.262 1 ? ? ? ? 
# 
_entity_name_com.entity_id   3 
_entity_name_com.name        'HIGH MOBILITY GROUP PROTEIN HMG' 
# 
loop_
_entity_poly.entity_id 
_entity_poly.type 
_entity_poly.nstd_linkage 
_entity_poly.nstd_monomer 
_entity_poly.pdbx_seq_one_letter_code 
_entity_poly.pdbx_seq_one_letter_code_can 
_entity_poly.pdbx_strand_id 
_entity_poly.pdbx_target_identifier 
1 polydeoxyribonucleotide no no '(DG)(DG)(DG)(DA)(DA)(DA)(DT)(DT)(DC)(DC)(DT)(DC)' GGGAAATTCCTC              B ? 
2 polydeoxyribonucleotide no no '(DG)(DA)(DG)(DG)(DA)(DA)(DT)(DT)(DT)(DC)(DC)(DC)' GAGGAATTTCCC              C ? 
3 'polypeptide(L)'        no no VPTPKRPRGRPKGSKNKGAAKTRKT                          VPTPKRPRGRPKGSKNKGAAKTRKT A ? 
# 
loop_
_entity_poly_seq.entity_id 
_entity_poly_seq.num 
_entity_poly_seq.mon_id 
_entity_poly_seq.hetero 
1 1  DG  n 
1 2  DG  n 
1 3  DG  n 
1 4  DA  n 
1 5  DA  n 
1 6  DA  n 
1 7  DT  n 
1 8  DT  n 
1 9  DC  n 
1 10 DC  n 
1 11 DT  n 
1 12 DC  n 
2 1  DG  n 
2 2  DA  n 
2 3  DG  n 
2 4  DG  n 
2 5  DA  n 
2 6  DA  n 
2 7  DT  n 
2 8  DT  n 
2 9  DT  n 
2 10 DC  n 
2 11 DC  n 
2 12 DC  n 
3 1  VAL n 
3 2  PRO n 
3 3  THR n 
3 4  PRO n 
3 5  LYS n 
3 6  ARG n 
3 7  PRO n 
3 8  ARG n 
3 9  GLY n 
3 10 ARG n 
3 11 PRO n 
3 12 LYS n 
3 13 GLY n 
3 14 SER n 
3 15 LYS n 
3 16 ASN n 
3 17 LYS n 
3 18 GLY n 
3 19 ALA n 
3 20 ALA n 
3 21 LYS n 
3 22 THR n 
3 23 ARG n 
3 24 LYS n 
3 25 THR n 
# 
_entity_src_gen.entity_id                          3 
_entity_src_gen.pdbx_src_id                        1 
_entity_src_gen.pdbx_alt_source_flag               sample 
_entity_src_gen.pdbx_seq_type                      ? 
_entity_src_gen.pdbx_beg_seq_num                   ? 
_entity_src_gen.pdbx_end_seq_num                   ? 
_entity_src_gen.gene_src_common_name               human 
_entity_src_gen.gene_src_genus                     Homo 
_entity_src_gen.pdbx_gene_src_gene                 ? 
_entity_src_gen.gene_src_species                   ? 
_entity_src_gen.gene_src_strain                    ? 
_entity_src_gen.gene_src_tissue                    ? 
_entity_src_gen.gene_src_tissue_fraction           ? 
_entity_src_gen.gene_src_details                   ? 
_entity_src_gen.pdbx_gene_src_fragment             ? 
_entity_src_gen.pdbx_gene_src_scientific_name      'Homo sapiens' 
_entity_src_gen.pdbx_gene_src_ncbi_taxonomy_id     9606 
_entity_src_gen.pdbx_gene_src_variant              ? 
_entity_src_gen.pdbx_gene_src_cell_line            ? 
_entity_src_gen.pdbx_gene_src_atcc                 ? 
_entity_src_gen.pdbx_gene_src_organ                ? 
_entity_src_gen.pdbx_gene_src_organelle            ? 
_entity_src_gen.pdbx_gene_src_cell                 ? 
_entity_src_gen.pdbx_gene_src_cellular_location    ? 
_entity_src_gen.host_org_common_name               ? 
_entity_src_gen.pdbx_host_org_scientific_name      'Escherichia coli' 
_entity_src_gen.pdbx_host_org_ncbi_taxonomy_id     562 
_entity_src_gen.host_org_genus                     Escherichia 
_entity_src_gen.pdbx_host_org_gene                 ? 
_entity_src_gen.pdbx_host_org_organ                ? 
_entity_src_gen.host_org_species                   ? 
_entity_src_gen.pdbx_host_org_tissue               ? 
_entity_src_gen.pdbx_host_org_tissue_fraction      ? 
_entity_src_gen.pdbx_host_org_strain               ? 
_entity_src_gen.pdbx_host_org_variant              ? 
_entity_src_gen.pdbx_host_org_cell_line            ? 
_entity_src_gen.pdbx_host_org_atcc                 ? 
_entity_src_gen.pdbx_host_org_culture_collection   ? 
_entity_src_gen.pdbx_host_org_cell                 ? 
_entity_src_gen.pdbx_host_org_organelle            ? 
_entity_src_gen.pdbx_host_org_cellular_location    ? 
_entity_src_gen.pdbx_host_org_vector_type          ? 
_entity_src_gen.pdbx_host_org_vector               ? 
_entity_src_gen.host_org_details                   ? 
_entity_src_gen.expression_system_id               ? 
_entity_src_gen.plasmid_name                       ? 
_entity_src_gen.plasmid_details                    ? 
_entity_src_gen.pdbx_description                   ? 
# 
loop_
_chem_comp.id 
_chem_comp.type 
_chem_comp.mon_nstd_flag 
_chem_comp.name 
_chem_comp.pdbx_synonyms 
_chem_comp.formula 
_chem_comp.formula_weight 
ALA 'L-peptide linking' y ALANINE                              ? 'C3 H7 N O2'      89.093  
ARG 'L-peptide linking' y ARGININE                             ? 'C6 H15 N4 O2 1'  175.209 
ASN 'L-peptide linking' y ASPARAGINE                           ? 'C4 H8 N2 O3'     132.118 
DA  'DNA linking'       y "2'-DEOXYADENOSINE-5'-MONOPHOSPHATE" ? 'C10 H14 N5 O6 P' 331.222 
DC  'DNA linking'       y "2'-DEOXYCYTIDINE-5'-MONOPHOSPHATE"  ? 'C9 H14 N3 O7 P'  307.197 
DG  'DNA linking'       y "2'-DEOXYGUANOSINE-5'-MONOPHOSPHATE" ? 'C10 H14 N5 O7 P' 347.221 
DT  'DNA linking'       y "THYMIDINE-5'-MONOPHOSPHATE"         ? 'C10 H15 N2 O8 P' 322.208 
GLY 'peptide linking'   y GLYCINE                              ? 'C2 H5 N O2'      75.067  
LYS 'L-peptide linking' y LYSINE                               ? 'C6 H15 N2 O2 1'  147.195 
PRO 'L-peptide linking' y PROLINE                              ? 'C5 H9 N O2'      115.130 
SER 'L-peptide linking' y SERINE                               ? 'C3 H7 N O3'      105.093 
THR 'L-peptide linking' y THREONINE                            ? 'C4 H9 N O3'      119.119 
VAL 'L-peptide linking' y VALINE                               ? 'C5 H11 N O2'     117.146 
# 
loop_
_pdbx_poly_seq_scheme.asym_id 
_pdbx_poly_seq_scheme.entity_id 
_pdbx_poly_seq_scheme.seq_id 
_pdbx_poly_seq_scheme.mon_id 
_pdbx_poly_seq_scheme.ndb_seq_num 
_pdbx_poly_seq_scheme.pdb_seq_num 
_pdbx_poly_seq_scheme.auth_seq_num 
_pdbx_poly_seq_scheme.pdb_mon_id 
_pdbx_poly_seq_scheme.auth_mon_id 
_pdbx_poly_seq_scheme.pdb_strand_id 
_pdbx_poly_seq_scheme.pdb_ins_code 
_pdbx_poly_seq_scheme.hetero 
A 1 1  DG  1  201 201 DG  G   B . n 
A 1 2  DG  2  202 202 DG  G   B . n 
A 1 3  DG  3  203 203 DG  G   B . n 
A 1 4  DA  4  204 204 DA  A   B . n 
A 1 5  DA  5  205 205 DA  A   B . n 
A 1 6  DA  6  206 206 DA  A   B . n 
A 1 7  DT  7  207 207 DT  T   B . n 
A 1 8  DT  8  208 208 DT  T   B . n 
A 1 9  DC  9  209 209 DC  C   B . n 
A 1 10 DC  10 210 210 DC  C   B . n 
A 1 11 DT  11 211 211 DT  T   B . n 
A 1 12 DC  12 212 212 DC  C   B . n 
B 2 1  DG  1  213 213 DG  G   C . n 
B 2 2  DA  2  214 214 DA  A   C . n 
B 2 3  DG  3  215 215 DG  G   C . n 
B 2 4  DG  4  216 216 DG  G   C . n 
B 2 5  DA  5  217 217 DA  A   C . n 
B 2 6  DA  6  218 218 DA  A   C . n 
B 2 7  DT  7  219 219 DT  T   C . n 
B 2 8  DT  8  220 220 DT  T   C . n 
B 2 9  DT  9  221 221 DT  T   C . n 
B 2 10 DC  10 222 222 DC  C   C . n 
B 2 11 DC  11 223 223 DC  C   C . n 
B 2 12 DC  12 224 224 DC  C   C . n 
C 3 1  VAL 1  3   3   VAL VAL A . n 
C 3 2  PRO 2  4   4   PRO PRO A . n 
C 3 3  THR 3  5   5   THR THR A . n 
C 3 4  PRO 4  6   6   PRO PRO A . n 
C 3 5  LYS 5  7   7   LYS LYS A . n 
C 3 6  ARG 6  8   8   ARG ARG A . n 
C 3 7  PRO 7  9   9   PRO PRO A . n 
C 3 8  ARG 8  10  10  ARG ARG A . n 
C 3 9  GLY 9  11  11  GLY GLY A . n 
C 3 10 ARG 10 12  12  ARG ARG A . n 
C 3 11 PRO 11 13  13  PRO PRO A . n 
C 3 12 LYS 12 14  14  LYS LYS A . n 
C 3 13 GLY 13 15  15  GLY GLY A . n 
C 3 14 SER 14 16  16  SER SER A . n 
C 3 15 LYS 15 17  17  LYS LYS A . n 
C 3 16 ASN 16 18  18  ASN ASN A . n 
C 3 17 LYS 17 19  19  LYS LYS A . n 
C 3 18 GLY 18 20  20  GLY GLY A . n 
C 3 19 ALA 19 21  21  ALA ALA A . n 
C 3 20 ALA 20 22  22  ALA ALA A . n 
C 3 21 LYS 21 23  23  LYS LYS A . n 
C 3 22 THR 22 24  ?   ?   ?   A . n 
C 3 23 ARG 23 25  ?   ?   ?   A . n 
C 3 24 LYS 24 26  ?   ?   ?   A . n 
C 3 25 THR 25 27  ?   ?   ?   A . n 
# 
loop_
_software.name 
_software.classification 
_software.version 
_software.citation_id 
_software.pdbx_ordinal 
X-PLOR 'model building' 3.1 ? 1 
X-PLOR refinement       3.1 ? 2 
X-PLOR phasing          3.1 ? 3 
# 
_cell.entry_id           2EZD 
_cell.length_a           1.000 
_cell.length_b           1.000 
_cell.length_c           1.000 
_cell.angle_alpha        90.00 
_cell.angle_beta         90.00 
_cell.angle_gamma        90.00 
_cell.Z_PDB              1 
_cell.pdbx_unique_axis   ? 
# 
_symmetry.entry_id                         2EZD 
_symmetry.space_group_name_H-M             'P 1' 
_symmetry.pdbx_full_space_group_name_H-M   ? 
_symmetry.cell_setting                     ? 
_symmetry.Int_Tables_number                1 
# 
_exptl.entry_id          2EZD 
_exptl.method            'SOLUTION NMR' 
_exptl.crystals_number   ? 
# 
_struct.entry_id                  2EZD 
_struct.title                     
;SOLUTION STRUCTURE OF A COMPLEX OF THE SECOND DNA BINDING DOMAIN OF HUMAN HMG-I(Y) BOUND TO DNA DODECAMER CONTAINING THE PRDII SITE OF THE INTERFERON-BETA PROMOTER, NMR, MINIMIZED AVERAGE STRUCTURE
;
_struct.pdbx_model_details        ? 
_struct.pdbx_CASP_flag            ? 
_struct.pdbx_model_type_details   ? 
# 
_struct_keywords.entry_id        2EZD 
_struct_keywords.pdbx_keywords   'DNA BINDING PROTEIN/DNA' 
_struct_keywords.text            
;DNA BINDING PROTEIN, MINOR GROOVE DNA BINDING, TRANSCRIPTIONAL CO-ACTIVATOR, ARCHITECTURAL FACTOR, COMPLEX (DNA-BINDING PROTEIN-DNA), DNA BINDING PROTEIN-DNA COMPLEX
;
# 
loop_
_struct_asym.id 
_struct_asym.pdbx_blank_PDB_chainid_flag 
_struct_asym.pdbx_modified 
_struct_asym.entity_id 
_struct_asym.details 
A N N 1 ? 
B N N 2 ? 
C N N 3 ? 
# 
loop_
_struct_ref.id 
_struct_ref.db_name 
_struct_ref.db_code 
_struct_ref.entity_id 
_struct_ref.pdbx_seq_one_letter_code 
_struct_ref.pdbx_align_begin 
_struct_ref.pdbx_db_accession 
_struct_ref.pdbx_db_isoform 
1 UNP HMGIY_HUMAN 3 ? ? P17096 ? 
2 PDB 2EZD        1 ? ? 2EZD   ? 
3 PDB 2EZD        2 ? ? 2EZD   ? 
# 
loop_
_struct_ref_seq.align_id 
_struct_ref_seq.ref_id 
_struct_ref_seq.pdbx_PDB_id_code 
_struct_ref_seq.pdbx_strand_id 
_struct_ref_seq.seq_align_beg 
_struct_ref_seq.pdbx_seq_align_beg_ins_code 
_struct_ref_seq.seq_align_end 
_struct_ref_seq.pdbx_seq_align_end_ins_code 
_struct_ref_seq.pdbx_db_accession 
_struct_ref_seq.db_align_beg 
_struct_ref_seq.pdbx_db_align_beg_ins_code 
_struct_ref_seq.db_align_end 
_struct_ref_seq.pdbx_db_align_end_ins_code 
_struct_ref_seq.pdbx_auth_seq_align_beg 
_struct_ref_seq.pdbx_auth_seq_align_end 
1 1 2EZD A 1 ? 21 ? P17096 39  ? 59  ? 3   23  
2 2 2EZD B 1 ? 12 ? 2EZD   201 ? 212 ? 201 212 
3 3 2EZD C 1 ? 12 ? 2EZD   213 ? 224 ? 213 224 
# 
_pdbx_struct_assembly.id                   1 
_pdbx_struct_assembly.details              author_defined_assembly 
_pdbx_struct_assembly.method_details       ? 
_pdbx_struct_assembly.oligomeric_details   trimeric 
_pdbx_struct_assembly.oligomeric_count     3 
# 
_pdbx_struct_assembly_gen.assembly_id       1 
_pdbx_struct_assembly_gen.oper_expression   1 
_pdbx_struct_assembly_gen.asym_id_list      A,B,C 
# 
_pdbx_struct_oper_list.id                   1 
_pdbx_struct_oper_list.type                 'identity operation' 
_pdbx_struct_oper_list.name                 1_555 
_pdbx_struct_oper_list.symmetry_operation   x,y,z 
_pdbx_struct_oper_list.matrix[1][1]         1.0000000000 
_pdbx_struct_oper_list.matrix[1][2]         0.0000000000 
_pdbx_struct_oper_list.matrix[1][3]         0.0000000000 
_pdbx_struct_oper_list.vector[1]            0.0000000000 
_pdbx_struct_oper_list.matrix[2][1]         0.0000000000 
_pdbx_struct_oper_list.matrix[2][2]         1.0000000000 
_pdbx_struct_oper_list.matrix[2][3]         0.0000000000 
_pdbx_struct_oper_list.vector[2]            0.0000000000 
_pdbx_struct_oper_list.matrix[3][1]         0.0000000000 
_pdbx_struct_oper_list.matrix[3][2]         0.0000000000 
_pdbx_struct_oper_list.matrix[3][3]         1.0000000000 
_pdbx_struct_oper_list.vector[3]            0.0000000000 
# 
_struct_biol.id   1 
# 
loop_
_struct_conn.id 
_struct_conn.conn_type_id 
_struct_conn.pdbx_leaving_atom_flag 
_struct_conn.pdbx_PDB_id 
_struct_conn.ptnr1_label_asym_id 
_struct_conn.ptnr1_label_comp_id 
_struct_conn.ptnr1_label_seq_id 
_struct_conn.ptnr1_label_atom_id 
_struct_conn.pdbx_ptnr1_label_alt_id 
_struct_conn.pdbx_ptnr1_PDB_ins_code 
_struct_conn.pdbx_ptnr1_standard_comp_id 
_struct_conn.ptnr1_symmetry 
_struct_conn.ptnr2_label_asym_id 
_struct_conn.ptnr2_label_comp_id 
_struct_conn.ptnr2_label_seq_id 
_struct_conn.ptnr2_label_atom_id 
_struct_conn.pdbx_ptnr2_label_alt_id 
_struct_conn.pdbx_ptnr2_PDB_ins_code 
_struct_conn.ptnr1_auth_asym_id 
_struct_conn.ptnr1_auth_comp_id 
_struct_conn.ptnr1_auth_seq_id 
_struct_conn.ptnr2_auth_asym_id 
_struct_conn.ptnr2_auth_comp_id 
_struct_conn.ptnr2_auth_seq_id 
_struct_conn.ptnr2_symmetry 
_struct_conn.pdbx_ptnr3_label_atom_id 
_struct_conn.pdbx_ptnr3_label_seq_id 
_struct_conn.pdbx_ptnr3_label_comp_id 
_struct_conn.pdbx_ptnr3_label_asym_id 
_struct_conn.pdbx_ptnr3_label_alt_id 
_struct_conn.pdbx_ptnr3_PDB_ins_code 
_struct_conn.details 
_struct_conn.pdbx_dist_value 
_struct_conn.pdbx_value_order 
_struct_conn.pdbx_role 
hydrog1  hydrog ? ? A DG 1  N1 ? ? ? 1_555 B DC 12 N3 ? ? B DG 201 C DC 224 1_555 ? ? ? ? ? ? WATSON-CRICK ? ? ? 
hydrog2  hydrog ? ? A DG 1  N2 ? ? ? 1_555 B DC 12 O2 ? ? B DG 201 C DC 224 1_555 ? ? ? ? ? ? WATSON-CRICK ? ? ? 
hydrog3  hydrog ? ? A DG 1  O6 ? ? ? 1_555 B DC 12 N4 ? ? B DG 201 C DC 224 1_555 ? ? ? ? ? ? WATSON-CRICK ? ? ? 
hydrog4  hydrog ? ? A DG 2  N1 ? ? ? 1_555 B DC 11 N3 ? ? B DG 202 C DC 223 1_555 ? ? ? ? ? ? WATSON-CRICK ? ? ? 
hydrog5  hydrog ? ? A DG 2  N2 ? ? ? 1_555 B DC 11 O2 ? ? B DG 202 C DC 223 1_555 ? ? ? ? ? ? WATSON-CRICK ? ? ? 
hydrog6  hydrog ? ? A DG 2  O6 ? ? ? 1_555 B DC 11 N4 ? ? B DG 202 C DC 223 1_555 ? ? ? ? ? ? WATSON-CRICK ? ? ? 
hydrog7  hydrog ? ? A DG 3  N1 ? ? ? 1_555 B DC 10 N3 ? ? B DG 203 C DC 222 1_555 ? ? ? ? ? ? WATSON-CRICK ? ? ? 
hydrog8  hydrog ? ? A DG 3  N2 ? ? ? 1_555 B DC 10 O2 ? ? B DG 203 C DC 222 1_555 ? ? ? ? ? ? WATSON-CRICK ? ? ? 
hydrog9  hydrog ? ? A DG 3  O6 ? ? ? 1_555 B DC 10 N4 ? ? B DG 203 C DC 222 1_555 ? ? ? ? ? ? WATSON-CRICK ? ? ? 
hydrog10 hydrog ? ? A DA 4  N1 ? ? ? 1_555 B DT 9  N3 ? ? B DA 204 C DT 221 1_555 ? ? ? ? ? ? WATSON-CRICK ? ? ? 
hydrog11 hydrog ? ? A DA 4  N6 ? ? ? 1_555 B DT 9  O4 ? ? B DA 204 C DT 221 1_555 ? ? ? ? ? ? WATSON-CRICK ? ? ? 
hydrog12 hydrog ? ? A DA 5  N1 ? ? ? 1_555 B DT 8  N3 ? ? B DA 205 C DT 220 1_555 ? ? ? ? ? ? WATSON-CRICK ? ? ? 
hydrog13 hydrog ? ? A DA 5  N6 ? ? ? 1_555 B DT 8  O4 ? ? B DA 205 C DT 220 1_555 ? ? ? ? ? ? WATSON-CRICK ? ? ? 
hydrog14 hydrog ? ? A DA 6  N1 ? ? ? 1_555 B DT 7  N3 ? ? B DA 206 C DT 219 1_555 ? ? ? ? ? ? WATSON-CRICK ? ? ? 
hydrog15 hydrog ? ? A DA 6  N6 ? ? ? 1_555 B DT 7  O4 ? ? B DA 206 C DT 219 1_555 ? ? ? ? ? ? WATSON-CRICK ? ? ? 
hydrog16 hydrog ? ? A DT 7  N3 ? ? ? 1_555 B DA 6  N1 ? ? B DT 207 C DA 218 1_555 ? ? ? ? ? ? WATSON-CRICK ? ? ? 
hydrog17 hydrog ? ? A DT 7  O4 ? ? ? 1_555 B DA 6  N6 ? ? B DT 207 C DA 218 1_555 ? ? ? ? ? ? WATSON-CRICK ? ? ? 
hydrog18 hydrog ? ? A DT 8  N3 ? ? ? 1_555 B DA 5  N1 ? ? B DT 208 C DA 217 1_555 ? ? ? ? ? ? WATSON-CRICK ? ? ? 
hydrog19 hydrog ? ? A DT 8  O4 ? ? ? 1_555 B DA 5  N6 ? ? B DT 208 C DA 217 1_555 ? ? ? ? ? ? WATSON-CRICK ? ? ? 
hydrog20 hydrog ? ? A DC 9  N3 ? ? ? 1_555 B DG 4  N1 ? ? B DC 209 C DG 216 1_555 ? ? ? ? ? ? WATSON-CRICK ? ? ? 
hydrog21 hydrog ? ? A DC 9  N4 ? ? ? 1_555 B DG 4  O6 ? ? B DC 209 C DG 216 1_555 ? ? ? ? ? ? WATSON-CRICK ? ? ? 
hydrog22 hydrog ? ? A DC 9  O2 ? ? ? 1_555 B DG 4  N2 ? ? B DC 209 C DG 216 1_555 ? ? ? ? ? ? WATSON-CRICK ? ? ? 
hydrog23 hydrog ? ? A DC 10 N3 ? ? ? 1_555 B DG 3  N1 ? ? B DC 210 C DG 215 1_555 ? ? ? ? ? ? WATSON-CRICK ? ? ? 
hydrog24 hydrog ? ? A DC 10 N4 ? ? ? 1_555 B DG 3  O6 ? ? B DC 210 C DG 215 1_555 ? ? ? ? ? ? WATSON-CRICK ? ? ? 
hydrog25 hydrog ? ? A DC 10 O2 ? ? ? 1_555 B DG 3  N2 ? ? B DC 210 C DG 215 1_555 ? ? ? ? ? ? WATSON-CRICK ? ? ? 
hydrog26 hydrog ? ? A DT 11 N3 ? ? ? 1_555 B DA 2  N1 ? ? B DT 211 C DA 214 1_555 ? ? ? ? ? ? WATSON-CRICK ? ? ? 
hydrog27 hydrog ? ? A DT 11 O4 ? ? ? 1_555 B DA 2  N6 ? ? B DT 211 C DA 214 1_555 ? ? ? ? ? ? WATSON-CRICK ? ? ? 
hydrog28 hydrog ? ? A DC 12 N3 ? ? ? 1_555 B DG 1  N1 ? ? B DC 212 C DG 213 1_555 ? ? ? ? ? ? WATSON-CRICK ? ? ? 
hydrog29 hydrog ? ? A DC 12 N4 ? ? ? 1_555 B DG 1  O6 ? ? B DC 212 C DG 213 1_555 ? ? ? ? ? ? WATSON-CRICK ? ? ? 
hydrog30 hydrog ? ? A DC 12 O2 ? ? ? 1_555 B DG 1  N2 ? ? B DC 212 C DG 213 1_555 ? ? ? ? ? ? WATSON-CRICK ? ? ? 
# 
_struct_conn_type.id          hydrog 
_struct_conn_type.criteria    ? 
_struct_conn_type.reference   ? 
# 
loop_
_pdbx_validate_torsion.id 
_pdbx_validate_torsion.PDB_model_num 
_pdbx_validate_torsion.auth_comp_id 
_pdbx_validate_torsion.auth_asym_id 
_pdbx_validate_torsion.auth_seq_id 
_pdbx_validate_torsion.PDB_ins_code 
_pdbx_validate_torsion.label_alt_id 
_pdbx_validate_torsion.phi 
_pdbx_validate_torsion.psi 
1 1 PRO A 6  ? ? -49.94 81.01  
2 1 PRO A 13 ? ? -42.71 153.61 
# 
_pdbx_nmr_ensemble.entry_id                             2EZD 
_pdbx_nmr_ensemble.conformers_calculated_total_number   35 
_pdbx_nmr_ensemble.conformers_submitted_total_number    1 
_pdbx_nmr_ensemble.conformer_selection_criteria         ? 
# 
_pdbx_nmr_exptl_sample_conditions.conditions_id       1 
_pdbx_nmr_exptl_sample_conditions.temperature         306 
_pdbx_nmr_exptl_sample_conditions.pressure            ? 
_pdbx_nmr_exptl_sample_conditions.pH                  6.1 
_pdbx_nmr_exptl_sample_conditions.ionic_strength      ? 
_pdbx_nmr_exptl_sample_conditions.pressure_units      . 
_pdbx_nmr_exptl_sample_conditions.temperature_units   K 
# 
_pdbx_nmr_details.entry_id   2EZD 
_pdbx_nmr_details.text       
;DATA WERE RECORDED ON A 2:1 COMPLEX OF DNA DODECAMER TO
HMG-I(Y) 50-91 WHICH CONTAINS THE SECOND AND THIRD DNA
DNA BINDING DOMAINS.  EACH DNA BINDING DOMAIN BINDS TO
1 MOLECULE OF DNA.
;
# 
_pdbx_nmr_refine.entry_id           2EZD 
_pdbx_nmr_refine.method             'simulated annealing' 
_pdbx_nmr_refine.details            
;THE STRUCTURES WERE CALCULATED USING THE SIMULATED
 ANNEALING PROTOCOL OF NILGES ET AL.  (1988) FEBS LETT.
 229, 129 - 136 USING THE PROGRAM X-PLOR 3.1 (BRUNGER)
 MODIFIED TO INCORPORATE COUPLING CONSTANT (GARRETT ET AL.
 (1984) J.  MAGN RESON.  SERIES B 104, 99 - 103), CARBON
 CHEMICAL SHIFT (KUSZEWSKI ET AL.  (1995) J.  MAGN.  RESON.
 SERIES B 106, 92 - 96) RESTRAINTS AND A CONFORMATIONAL
 DATABASE
 POTENTIAL (KUSZEWSKI ET AL. (1996) PROTEIN SCI 5, 1067 -
 1080
 AND (1997) J. MAGN. RESON. 125, 171-177)
 THE 3D STRUCTURE OF THE COMPLEX OF THE SECOND DNA BINDING
 DOMAIN OF HMG-I(Y)
 COMPLEXED TO DNA WAS SOLVED BY
 MULTI-DIMENSIONAL HETERONUCLEAR-EDITED AND -FILTERED NMR
 (A) PROTEIN:  71 SEQUENTIAL (|I-J|=1), 4 MEDIUM
 RANGE (1 < |I-J| >=5) AND 64 INTRARESIDUE
 APPROXIMATE INTERPROTON DISTANCE RESTRAINTS; NULL
 36 TORSION ANGLE RESTRAINTS
 13 THREE-BOND HN-HA AND 8 THREE_BOND COCO COUPLING
 CONSTANT RESTRAINTS; 39 (21 CALPHA AND 18 CBETA) 13C
 SHIFT RESTRAINTS.
 (B) DNA: 249 INTRARESIDUE, 119 SEQUENTIAL INTRASTRAND AND
 33 INTERSTRAND INTERPROTON DISTANCE RESTRAINTS; 42
 DISTANCES FOR WATSON-CRICK BASE PAIR HYDROGEN BONDS; 136
 TORSION ANGLE RESTRAINTS
 (C) 73 INTERMOLECULAR INTERPROTON DISTANCE RESTRAINTS
 (D) 5 INTERMOLECULAR DISTANCE RESTRAINTS TO PHOSPHATES
 (E) 20 'REPULSIVE' RESTRAINTS

THE STRUCTURE IN THIS ENTRY IS THE RESTRAINED REGULARIZED
MEAN STRUCTURE.  THE LAST NUMERIC COLUMN REPRESENTS THE
RMS OF THE 35 INDIVIDUAL SIMULATED ANNEALING STRUCTURES
FOUND IN PDB ENTRY 2EZE ABOUT THE MEAN COORDINATE
POSITIONS.  THE LAST NUMERIC COLUMN IN THE INDIVIDUAL SA
STRUCTURES HAS NO MEANING.

RESIDUES 3 - 27 OF THE PROTEIN CORRESPOND TO RESIDUES 51 -
75 OF INTACT HMG-I(Y).  RESIDUES 3 - 5 AND 20 - 27 ARE
DISORDERED.  ONLY RESIDUES 3 - 23 ARE PROVIDED FOR THE
RESTRAINED REGULARIZED MEAN STRUCTURE.
;
_pdbx_nmr_refine.software_ordinal   1 
# 
loop_
_pdbx_nmr_software.classification 
_pdbx_nmr_software.name 
_pdbx_nmr_software.version 
_pdbx_nmr_software.authors 
_pdbx_nmr_software.ordinal 
refinement           X-PLOR           3.1      BRUNGER 1 
'structure solution' 'XPLOR MODIFIED' MODIFIED ?       2 
# 
loop_
_pdbx_unobs_or_zero_occ_residues.id 
_pdbx_unobs_or_zero_occ_residues.PDB_model_num 
_pdbx_unobs_or_zero_occ_residues.polymer_flag 
_pdbx_unobs_or_zero_occ_residues.occupancy_flag 
_pdbx_unobs_or_zero_occ_residues.auth_asym_id 
_pdbx_unobs_or_zero_occ_residues.auth_comp_id 
_pdbx_unobs_or_zero_occ_residues.auth_seq_id 
_pdbx_unobs_or_zero_occ_residues.PDB_ins_code 
_pdbx_unobs_or_zero_occ_residues.label_asym_id 
_pdbx_unobs_or_zero_occ_residues.label_comp_id 
_pdbx_unobs_or_zero_occ_residues.label_seq_id 
1 1 Y 1 A THR 24 ? C THR 22 
2 1 Y 1 A ARG 25 ? C ARG 23 
3 1 Y 1 A LYS 26 ? C LYS 24 
4 1 Y 1 A THR 27 ? C THR 25 
# 
loop_
_chem_comp_atom.comp_id 
_chem_comp_atom.atom_id 
_chem_comp_atom.type_symbol 
_chem_comp_atom.pdbx_aromatic_flag 
_chem_comp_atom.pdbx_stereo_config 
_chem_comp_atom.pdbx_ordinal 
ALA N      N N N 1   
ALA CA     C N S 2   
ALA C      C N N 3   
ALA O      O N N 4   
ALA CB     C N N 5   
ALA OXT    O N N 6   
ALA H      H N N 7   
ALA H2     H N N 8   
ALA HA     H N N 9   
ALA HB1    H N N 10  
ALA HB2    H N N 11  
ALA HB3    H N N 12  
ALA HXT    H N N 13  
ARG N      N N N 14  
ARG CA     C N S 15  
ARG C      C N N 16  
ARG O      O N N 17  
ARG CB     C N N 18  
ARG CG     C N N 19  
ARG CD     C N N 20  
ARG NE     N N N 21  
ARG CZ     C N N 22  
ARG NH1    N N N 23  
ARG NH2    N N N 24  
ARG OXT    O N N 25  
ARG H      H N N 26  
ARG H2     H N N 27  
ARG HA     H N N 28  
ARG HB2    H N N 29  
ARG HB3    H N N 30  
ARG HG2    H N N 31  
ARG HG3    H N N 32  
ARG HD2    H N N 33  
ARG HD3    H N N 34  
ARG HE     H N N 35  
ARG HH11   H N N 36  
ARG HH12   H N N 37  
ARG HH21   H N N 38  
ARG HH22   H N N 39  
ARG HXT    H N N 40  
ASN N      N N N 41  
ASN CA     C N S 42  
ASN C      C N N 43  
ASN O      O N N 44  
ASN CB     C N N 45  
ASN CG     C N N 46  
ASN OD1    O N N 47  
ASN ND2    N N N 48  
ASN OXT    O N N 49  
ASN H      H N N 50  
ASN H2     H N N 51  
ASN HA     H N N 52  
ASN HB2    H N N 53  
ASN HB3    H N N 54  
ASN HD21   H N N 55  
ASN HD22   H N N 56  
ASN HXT    H N N 57  
DA  OP3    O N N 58  
DA  P      P N N 59  
DA  OP1    O N N 60  
DA  OP2    O N N 61  
DA  "O5'"  O N N 62  
DA  "C5'"  C N N 63  
DA  "C4'"  C N R 64  
DA  "O4'"  O N N 65  
DA  "C3'"  C N S 66  
DA  "O3'"  O N N 67  
DA  "C2'"  C N N 68  
DA  "C1'"  C N R 69  
DA  N9     N Y N 70  
DA  C8     C Y N 71  
DA  N7     N Y N 72  
DA  C5     C Y N 73  
DA  C6     C Y N 74  
DA  N6     N N N 75  
DA  N1     N Y N 76  
DA  C2     C Y N 77  
DA  N3     N Y N 78  
DA  C4     C Y N 79  
DA  HOP3   H N N 80  
DA  HOP2   H N N 81  
DA  "H5'"  H N N 82  
DA  "H5''" H N N 83  
DA  "H4'"  H N N 84  
DA  "H3'"  H N N 85  
DA  "HO3'" H N N 86  
DA  "H2'"  H N N 87  
DA  "H2''" H N N 88  
DA  "H1'"  H N N 89  
DA  H8     H N N 90  
DA  H61    H N N 91  
DA  H62    H N N 92  
DA  H2     H N N 93  
DC  OP3    O N N 94  
DC  P      P N N 95  
DC  OP1    O N N 96  
DC  OP2    O N N 97  
DC  "O5'"  O N N 98  
DC  "C5'"  C N N 99  
DC  "C4'"  C N R 100 
DC  "O4'"  O N N 101 
DC  "C3'"  C N S 102 
DC  "O3'"  O N N 103 
DC  "C2'"  C N N 104 
DC  "C1'"  C N R 105 
DC  N1     N N N 106 
DC  C2     C N N 107 
DC  O2     O N N 108 
DC  N3     N N N 109 
DC  C4     C N N 110 
DC  N4     N N N 111 
DC  C5     C N N 112 
DC  C6     C N N 113 
DC  HOP3   H N N 114 
DC  HOP2   H N N 115 
DC  "H5'"  H N N 116 
DC  "H5''" H N N 117 
DC  "H4'"  H N N 118 
DC  "H3'"  H N N 119 
DC  "HO3'" H N N 120 
DC  "H2'"  H N N 121 
DC  "H2''" H N N 122 
DC  "H1'"  H N N 123 
DC  H41    H N N 124 
DC  H42    H N N 125 
DC  H5     H N N 126 
DC  H6     H N N 127 
DG  OP3    O N N 128 
DG  P      P N N 129 
DG  OP1    O N N 130 
DG  OP2    O N N 131 
DG  "O5'"  O N N 132 
DG  "C5'"  C N N 133 
DG  "C4'"  C N R 134 
DG  "O4'"  O N N 135 
DG  "C3'"  C N S 136 
DG  "O3'"  O N N 137 
DG  "C2'"  C N N 138 
DG  "C1'"  C N R 139 
DG  N9     N Y N 140 
DG  C8     C Y N 141 
DG  N7     N Y N 142 
DG  C5     C Y N 143 
DG  C6     C N N 144 
DG  O6     O N N 145 
DG  N1     N N N 146 
DG  C2     C N N 147 
DG  N2     N N N 148 
DG  N3     N N N 149 
DG  C4     C Y N 150 
DG  HOP3   H N N 151 
DG  HOP2   H N N 152 
DG  "H5'"  H N N 153 
DG  "H5''" H N N 154 
DG  "H4'"  H N N 155 
DG  "H3'"  H N N 156 
DG  "HO3'" H N N 157 
DG  "H2'"  H N N 158 
DG  "H2''" H N N 159 
DG  "H1'"  H N N 160 
DG  H8     H N N 161 
DG  H1     H N N 162 
DG  H21    H N N 163 
DG  H22    H N N 164 
DT  OP3    O N N 165 
DT  P      P N N 166 
DT  OP1    O N N 167 
DT  OP2    O N N 168 
DT  "O5'"  O N N 169 
DT  "C5'"  C N N 170 
DT  "C4'"  C N R 171 
DT  "O4'"  O N N 172 
DT  "C3'"  C N S 173 
DT  "O3'"  O N N 174 
DT  "C2'"  C N N 175 
DT  "C1'"  C N R 176 
DT  N1     N N N 177 
DT  C2     C N N 178 
DT  O2     O N N 179 
DT  N3     N N N 180 
DT  C4     C N N 181 
DT  O4     O N N 182 
DT  C5     C N N 183 
DT  C7     C N N 184 
DT  C6     C N N 185 
DT  HOP3   H N N 186 
DT  HOP2   H N N 187 
DT  "H5'"  H N N 188 
DT  "H5''" H N N 189 
DT  "H4'"  H N N 190 
DT  "H3'"  H N N 191 
DT  "HO3'" H N N 192 
DT  "H2'"  H N N 193 
DT  "H2''" H N N 194 
DT  "H1'"  H N N 195 
DT  H3     H N N 196 
DT  H71    H N N 197 
DT  H72    H N N 198 
DT  H73    H N N 199 
DT  H6     H N N 200 
GLY N      N N N 201 
GLY CA     C N N 202 
GLY C      C N N 203 
GLY O      O N N 204 
GLY OXT    O N N 205 
GLY H      H N N 206 
GLY H2     H N N 207 
GLY HA2    H N N 208 
GLY HA3    H N N 209 
GLY HXT    H N N 210 
LYS N      N N N 211 
LYS CA     C N S 212 
LYS C      C N N 213 
LYS O      O N N 214 
LYS CB     C N N 215 
LYS CG     C N N 216 
LYS CD     C N N 217 
LYS CE     C N N 218 
LYS NZ     N N N 219 
LYS OXT    O N N 220 
LYS H      H N N 221 
LYS H2     H N N 222 
LYS HA     H N N 223 
LYS HB2    H N N 224 
LYS HB3    H N N 225 
LYS HG2    H N N 226 
LYS HG3    H N N 227 
LYS HD2    H N N 228 
LYS HD3    H N N 229 
LYS HE2    H N N 230 
LYS HE3    H N N 231 
LYS HZ1    H N N 232 
LYS HZ2    H N N 233 
LYS HZ3    H N N 234 
LYS HXT    H N N 235 
PRO N      N N N 236 
PRO CA     C N S 237 
PRO C      C N N 238 
PRO O      O N N 239 
PRO CB     C N N 240 
PRO CG     C N N 241 
PRO CD     C N N 242 
PRO OXT    O N N 243 
PRO H      H N N 244 
PRO HA     H N N 245 
PRO HB2    H N N 246 
PRO HB3    H N N 247 
PRO HG2    H N N 248 
PRO HG3    H N N 249 
PRO HD2    H N N 250 
PRO HD3    H N N 251 
PRO HXT    H N N 252 
SER N      N N N 253 
SER CA     C N S 254 
SER C      C N N 255 
SER O      O N N 256 
SER CB     C N N 257 
SER OG     O N N 258 
SER OXT    O N N 259 
SER H      H N N 260 
SER H2     H N N 261 
SER HA     H N N 262 
SER HB2    H N N 263 
SER HB3    H N N 264 
SER HG     H N N 265 
SER HXT    H N N 266 
THR N      N N N 267 
THR CA     C N S 268 
THR C      C N N 269 
THR O      O N N 270 
THR CB     C N R 271 
THR OG1    O N N 272 
THR CG2    C N N 273 
THR OXT    O N N 274 
THR H      H N N 275 
THR H2     H N N 276 
THR HA     H N N 277 
THR HB     H N N 278 
THR HG1    H N N 279 
THR HG21   H N N 280 
THR HG22   H N N 281 
THR HG23   H N N 282 
THR HXT    H N N 283 
VAL N      N N N 284 
VAL CA     C N S 285 
VAL C      C N N 286 
VAL O      O N N 287 
VAL CB     C N N 288 
VAL CG1    C N N 289 
VAL CG2    C N N 290 
VAL OXT    O N N 291 
VAL H      H N N 292 
VAL H2     H N N 293 
VAL HA     H N N 294 
VAL HB     H N N 295 
VAL HG11   H N N 296 
VAL HG12   H N N 297 
VAL HG13   H N N 298 
VAL HG21   H N N 299 
VAL HG22   H N N 300 
VAL HG23   H N N 301 
VAL HXT    H N N 302 
# 
loop_
_chem_comp_bond.comp_id 
_chem_comp_bond.atom_id_1 
_chem_comp_bond.atom_id_2 
_chem_comp_bond.value_order 
_chem_comp_bond.pdbx_aromatic_flag 
_chem_comp_bond.pdbx_stereo_config 
_chem_comp_bond.pdbx_ordinal 
ALA N     CA     sing N N 1   
ALA N     H      sing N N 2   
ALA N     H2     sing N N 3   
ALA CA    C      sing N N 4   
ALA CA    CB     sing N N 5   
ALA CA    HA     sing N N 6   
ALA C     O      doub N N 7   
ALA C     OXT    sing N N 8   
ALA CB    HB1    sing N N 9   
ALA CB    HB2    sing N N 10  
ALA CB    HB3    sing N N 11  
ALA OXT   HXT    sing N N 12  
ARG N     CA     sing N N 13  
ARG N     H      sing N N 14  
ARG N     H2     sing N N 15  
ARG CA    C      sing N N 16  
ARG CA    CB     sing N N 17  
ARG CA    HA     sing N N 18  
ARG C     O      doub N N 19  
ARG C     OXT    sing N N 20  
ARG CB    CG     sing N N 21  
ARG CB    HB2    sing N N 22  
ARG CB    HB3    sing N N 23  
ARG CG    CD     sing N N 24  
ARG CG    HG2    sing N N 25  
ARG CG    HG3    sing N N 26  
ARG CD    NE     sing N N 27  
ARG CD    HD2    sing N N 28  
ARG CD    HD3    sing N N 29  
ARG NE    CZ     sing N N 30  
ARG NE    HE     sing N N 31  
ARG CZ    NH1    sing N N 32  
ARG CZ    NH2    doub N N 33  
ARG NH1   HH11   sing N N 34  
ARG NH1   HH12   sing N N 35  
ARG NH2   HH21   sing N N 36  
ARG NH2   HH22   sing N N 37  
ARG OXT   HXT    sing N N 38  
ASN N     CA     sing N N 39  
ASN N     H      sing N N 40  
ASN N     H2     sing N N 41  
ASN CA    C      sing N N 42  
ASN CA    CB     sing N N 43  
ASN CA    HA     sing N N 44  
ASN C     O      doub N N 45  
ASN C     OXT    sing N N 46  
ASN CB    CG     sing N N 47  
ASN CB    HB2    sing N N 48  
ASN CB    HB3    sing N N 49  
ASN CG    OD1    doub N N 50  
ASN CG    ND2    sing N N 51  
ASN ND2   HD21   sing N N 52  
ASN ND2   HD22   sing N N 53  
ASN OXT   HXT    sing N N 54  
DA  OP3   P      sing N N 55  
DA  OP3   HOP3   sing N N 56  
DA  P     OP1    doub N N 57  
DA  P     OP2    sing N N 58  
DA  P     "O5'"  sing N N 59  
DA  OP2   HOP2   sing N N 60  
DA  "O5'" "C5'"  sing N N 61  
DA  "C5'" "C4'"  sing N N 62  
DA  "C5'" "H5'"  sing N N 63  
DA  "C5'" "H5''" sing N N 64  
DA  "C4'" "O4'"  sing N N 65  
DA  "C4'" "C3'"  sing N N 66  
DA  "C4'" "H4'"  sing N N 67  
DA  "O4'" "C1'"  sing N N 68  
DA  "C3'" "O3'"  sing N N 69  
DA  "C3'" "C2'"  sing N N 70  
DA  "C3'" "H3'"  sing N N 71  
DA  "O3'" "HO3'" sing N N 72  
DA  "C2'" "C1'"  sing N N 73  
DA  "C2'" "H2'"  sing N N 74  
DA  "C2'" "H2''" sing N N 75  
DA  "C1'" N9     sing N N 76  
DA  "C1'" "H1'"  sing N N 77  
DA  N9    C8     sing Y N 78  
DA  N9    C4     sing Y N 79  
DA  C8    N7     doub Y N 80  
DA  C8    H8     sing N N 81  
DA  N7    C5     sing Y N 82  
DA  C5    C6     sing Y N 83  
DA  C5    C4     doub Y N 84  
DA  C6    N6     sing N N 85  
DA  C6    N1     doub Y N 86  
DA  N6    H61    sing N N 87  
DA  N6    H62    sing N N 88  
DA  N1    C2     sing Y N 89  
DA  C2    N3     doub Y N 90  
DA  C2    H2     sing N N 91  
DA  N3    C4     sing Y N 92  
DC  OP3   P      sing N N 93  
DC  OP3   HOP3   sing N N 94  
DC  P     OP1    doub N N 95  
DC  P     OP2    sing N N 96  
DC  P     "O5'"  sing N N 97  
DC  OP2   HOP2   sing N N 98  
DC  "O5'" "C5'"  sing N N 99  
DC  "C5'" "C4'"  sing N N 100 
DC  "C5'" "H5'"  sing N N 101 
DC  "C5'" "H5''" sing N N 102 
DC  "C4'" "O4'"  sing N N 103 
DC  "C4'" "C3'"  sing N N 104 
DC  "C4'" "H4'"  sing N N 105 
DC  "O4'" "C1'"  sing N N 106 
DC  "C3'" "O3'"  sing N N 107 
DC  "C3'" "C2'"  sing N N 108 
DC  "C3'" "H3'"  sing N N 109 
DC  "O3'" "HO3'" sing N N 110 
DC  "C2'" "C1'"  sing N N 111 
DC  "C2'" "H2'"  sing N N 112 
DC  "C2'" "H2''" sing N N 113 
DC  "C1'" N1     sing N N 114 
DC  "C1'" "H1'"  sing N N 115 
DC  N1    C2     sing N N 116 
DC  N1    C6     sing N N 117 
DC  C2    O2     doub N N 118 
DC  C2    N3     sing N N 119 
DC  N3    C4     doub N N 120 
DC  C4    N4     sing N N 121 
DC  C4    C5     sing N N 122 
DC  N4    H41    sing N N 123 
DC  N4    H42    sing N N 124 
DC  C5    C6     doub N N 125 
DC  C5    H5     sing N N 126 
DC  C6    H6     sing N N 127 
DG  OP3   P      sing N N 128 
DG  OP3   HOP3   sing N N 129 
DG  P     OP1    doub N N 130 
DG  P     OP2    sing N N 131 
DG  P     "O5'"  sing N N 132 
DG  OP2   HOP2   sing N N 133 
DG  "O5'" "C5'"  sing N N 134 
DG  "C5'" "C4'"  sing N N 135 
DG  "C5'" "H5'"  sing N N 136 
DG  "C5'" "H5''" sing N N 137 
DG  "C4'" "O4'"  sing N N 138 
DG  "C4'" "C3'"  sing N N 139 
DG  "C4'" "H4'"  sing N N 140 
DG  "O4'" "C1'"  sing N N 141 
DG  "C3'" "O3'"  sing N N 142 
DG  "C3'" "C2'"  sing N N 143 
DG  "C3'" "H3'"  sing N N 144 
DG  "O3'" "HO3'" sing N N 145 
DG  "C2'" "C1'"  sing N N 146 
DG  "C2'" "H2'"  sing N N 147 
DG  "C2'" "H2''" sing N N 148 
DG  "C1'" N9     sing N N 149 
DG  "C1'" "H1'"  sing N N 150 
DG  N9    C8     sing Y N 151 
DG  N9    C4     sing Y N 152 
DG  C8    N7     doub Y N 153 
DG  C8    H8     sing N N 154 
DG  N7    C5     sing Y N 155 
DG  C5    C6     sing N N 156 
DG  C5    C4     doub Y N 157 
DG  C6    O6     doub N N 158 
DG  C6    N1     sing N N 159 
DG  N1    C2     sing N N 160 
DG  N1    H1     sing N N 161 
DG  C2    N2     sing N N 162 
DG  C2    N3     doub N N 163 
DG  N2    H21    sing N N 164 
DG  N2    H22    sing N N 165 
DG  N3    C4     sing N N 166 
DT  OP3   P      sing N N 167 
DT  OP3   HOP3   sing N N 168 
DT  P     OP1    doub N N 169 
DT  P     OP2    sing N N 170 
DT  P     "O5'"  sing N N 171 
DT  OP2   HOP2   sing N N 172 
DT  "O5'" "C5'"  sing N N 173 
DT  "C5'" "C4'"  sing N N 174 
DT  "C5'" "H5'"  sing N N 175 
DT  "C5'" "H5''" sing N N 176 
DT  "C4'" "O4'"  sing N N 177 
DT  "C4'" "C3'"  sing N N 178 
DT  "C4'" "H4'"  sing N N 179 
DT  "O4'" "C1'"  sing N N 180 
DT  "C3'" "O3'"  sing N N 181 
DT  "C3'" "C2'"  sing N N 182 
DT  "C3'" "H3'"  sing N N 183 
DT  "O3'" "HO3'" sing N N 184 
DT  "C2'" "C1'"  sing N N 185 
DT  "C2'" "H2'"  sing N N 186 
DT  "C2'" "H2''" sing N N 187 
DT  "C1'" N1     sing N N 188 
DT  "C1'" "H1'"  sing N N 189 
DT  N1    C2     sing N N 190 
DT  N1    C6     sing N N 191 
DT  C2    O2     doub N N 192 
DT  C2    N3     sing N N 193 
DT  N3    C4     sing N N 194 
DT  N3    H3     sing N N 195 
DT  C4    O4     doub N N 196 
DT  C4    C5     sing N N 197 
DT  C5    C7     sing N N 198 
DT  C5    C6     doub N N 199 
DT  C7    H71    sing N N 200 
DT  C7    H72    sing N N 201 
DT  C7    H73    sing N N 202 
DT  C6    H6     sing N N 203 
GLY N     CA     sing N N 204 
GLY N     H      sing N N 205 
GLY N     H2     sing N N 206 
GLY CA    C      sing N N 207 
GLY CA    HA2    sing N N 208 
GLY CA    HA3    sing N N 209 
GLY C     O      doub N N 210 
GLY C     OXT    sing N N 211 
GLY OXT   HXT    sing N N 212 
LYS N     CA     sing N N 213 
LYS N     H      sing N N 214 
LYS N     H2     sing N N 215 
LYS CA    C      sing N N 216 
LYS CA    CB     sing N N 217 
LYS CA    HA     sing N N 218 
LYS C     O      doub N N 219 
LYS C     OXT    sing N N 220 
LYS CB    CG     sing N N 221 
LYS CB    HB2    sing N N 222 
LYS CB    HB3    sing N N 223 
LYS CG    CD     sing N N 224 
LYS CG    HG2    sing N N 225 
LYS CG    HG3    sing N N 226 
LYS CD    CE     sing N N 227 
LYS CD    HD2    sing N N 228 
LYS CD    HD3    sing N N 229 
LYS CE    NZ     sing N N 230 
LYS CE    HE2    sing N N 231 
LYS CE    HE3    sing N N 232 
LYS NZ    HZ1    sing N N 233 
LYS NZ    HZ2    sing N N 234 
LYS NZ    HZ3    sing N N 235 
LYS OXT   HXT    sing N N 236 
PRO N     CA     sing N N 237 
PRO N     CD     sing N N 238 
PRO N     H      sing N N 239 
PRO CA    C      sing N N 240 
PRO CA    CB     sing N N 241 
PRO CA    HA     sing N N 242 
PRO C     O      doub N N 243 
PRO C     OXT    sing N N 244 
PRO CB    CG     sing N N 245 
PRO CB    HB2    sing N N 246 
PRO CB    HB3    sing N N 247 
PRO CG    CD     sing N N 248 
PRO CG    HG2    sing N N 249 
PRO CG    HG3    sing N N 250 
PRO CD    HD2    sing N N 251 
PRO CD    HD3    sing N N 252 
PRO OXT   HXT    sing N N 253 
SER N     CA     sing N N 254 
SER N     H      sing N N 255 
SER N     H2     sing N N 256 
SER CA    C      sing N N 257 
SER CA    CB     sing N N 258 
SER CA    HA     sing N N 259 
SER C     O      doub N N 260 
SER C     OXT    sing N N 261 
SER CB    OG     sing N N 262 
SER CB    HB2    sing N N 263 
SER CB    HB3    sing N N 264 
SER OG    HG     sing N N 265 
SER OXT   HXT    sing N N 266 
THR N     CA     sing N N 267 
THR N     H      sing N N 268 
THR N     H2     sing N N 269 
THR CA    C      sing N N 270 
THR CA    CB     sing N N 271 
THR CA    HA     sing N N 272 
THR C     O      doub N N 273 
THR C     OXT    sing N N 274 
THR CB    OG1    sing N N 275 
THR CB    CG2    sing N N 276 
THR CB    HB     sing N N 277 
THR OG1   HG1    sing N N 278 
THR CG2   HG21   sing N N 279 
THR CG2   HG22   sing N N 280 
THR CG2   HG23   sing N N 281 
THR OXT   HXT    sing N N 282 
VAL N     CA     sing N N 283 
VAL N     H      sing N N 284 
VAL N     H2     sing N N 285 
VAL CA    C      sing N N 286 
VAL CA    CB     sing N N 287 
VAL CA    HA     sing N N 288 
VAL C     O      doub N N 289 
VAL C     OXT    sing N N 290 
VAL CB    CG1    sing N N 291 
VAL CB    CG2    sing N N 292 
VAL CB    HB     sing N N 293 
VAL CG1   HG11   sing N N 294 
VAL CG1   HG12   sing N N 295 
VAL CG1   HG13   sing N N 296 
VAL CG2   HG21   sing N N 297 
VAL CG2   HG22   sing N N 298 
VAL CG2   HG23   sing N N 299 
VAL OXT   HXT    sing N N 300 
# 
_ndb_struct_conf_na.entry_id   2EZD 
_ndb_struct_conf_na.feature    'b-form double helix' 
# 
loop_
_ndb_struct_na_base_pair.model_number 
_ndb_struct_na_base_pair.i_label_asym_id 
_ndb_struct_na_base_pair.i_label_comp_id 
_ndb_struct_na_base_pair.i_label_seq_id 
_ndb_struct_na_base_pair.i_symmetry 
_ndb_struct_na_base_pair.j_label_asym_id 
_ndb_struct_na_base_pair.j_label_comp_id 
_ndb_struct_na_base_pair.j_label_seq_id 
_ndb_struct_na_base_pair.j_symmetry 
_ndb_struct_na_base_pair.shear 
_ndb_struct_na_base_pair.stretch 
_ndb_struct_na_base_pair.stagger 
_ndb_struct_na_base_pair.buckle 
_ndb_struct_na_base_pair.propeller 
_ndb_struct_na_base_pair.opening 
_ndb_struct_na_base_pair.pair_number 
_ndb_struct_na_base_pair.pair_name 
_ndb_struct_na_base_pair.i_auth_asym_id 
_ndb_struct_na_base_pair.i_auth_seq_id 
_ndb_struct_na_base_pair.i_PDB_ins_code 
_ndb_struct_na_base_pair.j_auth_asym_id 
_ndb_struct_na_base_pair.j_auth_seq_id 
_ndb_struct_na_base_pair.j_PDB_ins_code 
_ndb_struct_na_base_pair.hbond_type_28 
_ndb_struct_na_base_pair.hbond_type_12 
1 A DG 1  1_555 B DC 12 1_555 -0.504 -0.190 0.033  3.027  0.584   -0.226  1  B_DG201:DC224_C B 201 ? C 224 ? 19 1 
1 A DG 2  1_555 B DC 11 1_555 -0.190 -0.022 0.300  9.241  -2.749  -0.935  2  B_DG202:DC223_C B 202 ? C 223 ? 19 1 
1 A DG 3  1_555 B DC 10 1_555 0.059  -0.213 0.371  5.404  -11.612 -2.266  3  B_DG203:DC222_C B 203 ? C 222 ? 19 1 
1 A DA 4  1_555 B DT 9  1_555 -0.062 -0.170 0.515  0.034  -12.391 -4.179  4  B_DA204:DT221_C B 204 ? C 221 ? 20 1 
1 A DA 5  1_555 B DT 8  1_555 0.211  -0.203 -0.114 -4.133 -13.523 -4.307  5  B_DA205:DT220_C B 205 ? C 220 ? 20 1 
1 A DA 6  1_555 B DT 7  1_555 -0.187 -0.056 0.155  12.433 -5.575  -10.661 6  B_DA206:DT219_C B 206 ? C 219 ? 20 1 
1 A DT 7  1_555 B DA 6  1_555 -0.027 -0.183 -0.252 4.139  -14.804 -4.326  7  B_DT207:DA218_C B 207 ? C 218 ? 20 1 
1 A DT 8  1_555 B DA 5  1_555 0.240  -0.188 -0.171 -0.429 -16.294 0.910   8  B_DT208:DA217_C B 208 ? C 217 ? 20 1 
1 A DC 9  1_555 B DG 4  1_555 0.183  -0.125 0.050  -9.655 -11.591 -0.470  9  B_DC209:DG216_C B 209 ? C 216 ? 19 1 
1 A DC 10 1_555 B DG 3  1_555 0.038  -0.259 -0.274 -9.334 -9.423  -2.396  10 B_DC210:DG215_C B 210 ? C 215 ? 19 1 
1 A DT 11 1_555 B DA 2  1_555 0.113  -0.063 0.116  -5.370 -3.202  -8.928  11 B_DT211:DA214_C B 211 ? C 214 ? 20 1 
1 A DC 12 1_555 B DG 1  1_555 0.485  -0.171 0.026  -3.011 0.567   1.927   12 B_DC212:DG213_C B 212 ? C 213 ? 19 1 
# 
loop_
_ndb_struct_na_base_pair_step.model_number 
_ndb_struct_na_base_pair_step.i_label_asym_id_1 
_ndb_struct_na_base_pair_step.i_label_comp_id_1 
_ndb_struct_na_base_pair_step.i_label_seq_id_1 
_ndb_struct_na_base_pair_step.i_symmetry_1 
_ndb_struct_na_base_pair_step.j_label_asym_id_1 
_ndb_struct_na_base_pair_step.j_label_comp_id_1 
_ndb_struct_na_base_pair_step.j_label_seq_id_1 
_ndb_struct_na_base_pair_step.j_symmetry_1 
_ndb_struct_na_base_pair_step.i_label_asym_id_2 
_ndb_struct_na_base_pair_step.i_label_comp_id_2 
_ndb_struct_na_base_pair_step.i_label_seq_id_2 
_ndb_struct_na_base_pair_step.i_symmetry_2 
_ndb_struct_na_base_pair_step.j_label_asym_id_2 
_ndb_struct_na_base_pair_step.j_label_comp_id_2 
_ndb_struct_na_base_pair_step.j_label_seq_id_2 
_ndb_struct_na_base_pair_step.j_symmetry_2 
_ndb_struct_na_base_pair_step.shift 
_ndb_struct_na_base_pair_step.slide 
_ndb_struct_na_base_pair_step.rise 
_ndb_struct_na_base_pair_step.tilt 
_ndb_struct_na_base_pair_step.roll 
_ndb_struct_na_base_pair_step.twist 
_ndb_struct_na_base_pair_step.x_displacement 
_ndb_struct_na_base_pair_step.y_displacement 
_ndb_struct_na_base_pair_step.helical_rise 
_ndb_struct_na_base_pair_step.inclination 
_ndb_struct_na_base_pair_step.tip 
_ndb_struct_na_base_pair_step.helical_twist 
_ndb_struct_na_base_pair_step.step_number 
_ndb_struct_na_base_pair_step.step_name 
_ndb_struct_na_base_pair_step.i_auth_asym_id_1 
_ndb_struct_na_base_pair_step.i_auth_seq_id_1 
_ndb_struct_na_base_pair_step.i_PDB_ins_code_1 
_ndb_struct_na_base_pair_step.j_auth_asym_id_1 
_ndb_struct_na_base_pair_step.j_auth_seq_id_1 
_ndb_struct_na_base_pair_step.j_PDB_ins_code_1 
_ndb_struct_na_base_pair_step.i_auth_asym_id_2 
_ndb_struct_na_base_pair_step.i_auth_seq_id_2 
_ndb_struct_na_base_pair_step.i_PDB_ins_code_2 
_ndb_struct_na_base_pair_step.j_auth_asym_id_2 
_ndb_struct_na_base_pair_step.j_auth_seq_id_2 
_ndb_struct_na_base_pair_step.j_PDB_ins_code_2 
1 A DG 1  1_555 B DC 12 1_555 A DG 2  1_555 B DC 11 1_555 -0.514 0.304  3.955 -1.483 -3.915 36.122 1.146  0.574  3.919 -6.288  
2.381  36.356 1  BB_DG201DG202:DC223DC224_CC B 201 ? C 224 ? B 202 ? C 223 ? 
1 A DG 2  1_555 B DC 11 1_555 A DG 3  1_555 B DC 10 1_555 -0.142 0.137  4.047 -0.226 0.277  35.630 0.175  0.192  4.049 0.453   
0.369  35.632 2  BB_DG202DG203:DC222DC223_CC B 202 ? C 223 ? B 203 ? C 222 ? 
1 A DG 3  1_555 B DC 10 1_555 A DA 4  1_555 B DT 9  1_555 -0.149 0.066  3.943 -1.236 3.408  35.229 -0.496 0.026  3.935 5.612   
2.035  35.409 3  BB_DG203DA204:DT221DC222_CC B 203 ? C 222 ? B 204 ? C 221 ? 
1 A DA 4  1_555 B DT 9  1_555 A DA 5  1_555 B DT 8  1_555 -0.203 -0.046 3.938 1.055  1.155  35.922 -0.272 0.510  3.927 1.872   
-1.709 35.955 4  BB_DA204DA205:DT220DT221_CC B 204 ? C 221 ? B 205 ? C 220 ? 
1 A DA 5  1_555 B DT 8  1_555 A DA 6  1_555 B DT 7  1_555 -0.324 -0.086 2.921 -1.946 -4.039 32.948 0.457  0.275  2.925 -7.080  
3.411  33.243 5  BB_DA205DA206:DT219DT220_CC B 205 ? C 220 ? B 206 ? C 219 ? 
1 A DA 6  1_555 B DT 7  1_555 A DT 7  1_555 B DA 6  1_555 0.328  -0.405 4.049 3.010  0.976  34.485 -0.867 0.024  4.050 1.642   
-5.063 34.626 6  BB_DA206DT207:DA218DT219_CC B 206 ? C 219 ? B 207 ? C 218 ? 
1 A DT 7  1_555 B DA 6  1_555 A DT 8  1_555 B DA 5  1_555 0.459  0.167  4.046 0.390  -4.957 37.929 1.025  -0.641 3.997 -7.587  
-0.597 38.242 7  BB_DT207DT208:DA217DA218_CC B 207 ? C 218 ? B 208 ? C 217 ? 
1 A DT 8  1_555 B DA 5  1_555 A DC 9  1_555 B DG 4  1_555 -0.134 0.505  4.188 -1.385 -2.415 39.057 1.123  -0.012 4.153 -3.607  
2.068  39.152 8  BB_DT208DC209:DG216DA217_CC B 208 ? C 217 ? B 209 ? C 216 ? 
1 A DC 9  1_555 B DG 4  1_555 A DC 10 1_555 B DG 3  1_555 -0.091 0.198  3.819 0.749  -5.827 37.201 1.186  0.254  3.744 -9.064  
-1.166 37.646 9  BB_DC209DC210:DG215DG216_CC B 209 ? C 216 ? B 210 ? C 215 ? 
1 A DC 10 1_555 B DG 3  1_555 A DT 11 1_555 B DA 2  1_555 -0.423 0.028  3.742 -1.491 -6.645 35.688 1.110  0.440  3.692 -10.722 
2.406  36.311 10 BB_DC210DT211:DA214DG215_CC B 210 ? C 215 ? B 211 ? C 214 ? 
1 A DT 11 1_555 B DA 2  1_555 A DC 12 1_555 B DG 1  1_555 0.857  0.341  4.015 0.092  -0.809 32.901 0.772  -1.493 4.008 -1.429  
-0.162 32.911 11 BB_DT211DC212:DG213DA214_CC B 211 ? C 214 ? B 212 ? C 213 ? 
# 
loop_
_pdbx_nmr_spectrometer.spectrometer_id 
_pdbx_nmr_spectrometer.model 
_pdbx_nmr_spectrometer.manufacturer 
_pdbx_nmr_spectrometer.field_strength 
1 AMX500 Bruker 600 
2 AMX600 Bruker 500 
3 DMX600 Bruker 750 
4 DMX750 Bruker 750 
# 
_atom_sites.entry_id                    2EZD 
_atom_sites.fract_transf_matrix[1][1]   1.000000 
_atom_sites.fract_transf_matrix[1][2]   0.000000 
_atom_sites.fract_transf_matrix[1][3]   0.000000 
_atom_sites.fract_transf_matrix[2][1]   0.000000 
_atom_sites.fract_transf_matrix[2][2]   1.000000 
_atom_sites.fract_transf_matrix[2][3]   0.000000 
_atom_sites.fract_transf_matrix[3][1]   0.000000 
_atom_sites.fract_transf_matrix[3][2]   0.000000 
_atom_sites.fract_transf_matrix[3][3]   1.000000 
_atom_sites.fract_transf_vector[1]      0.00000 
_atom_sites.fract_transf_vector[2]      0.00000 
_atom_sites.fract_transf_vector[3]      0.00000 
# 
loop_
_atom_type.symbol 
C 
H 
N 
O 
P 
# 
loop_
_atom_site.group_PDB 
_atom_site.id 
_atom_site.type_symbol 
_atom_site.label_atom_id 
_atom_site.label_alt_id 
_atom_site.label_comp_id 
_atom_site.label_asym_id 
_atom_site.label_entity_id 
_atom_site.label_seq_id 
_atom_site.pdbx_PDB_ins_code 
_atom_site.Cartn_x 
_atom_site.Cartn_y 
_atom_site.Cartn_z 
_atom_site.occupancy 
_atom_site.B_iso_or_equiv 
_atom_site.pdbx_formal_charge 
_atom_site.auth_seq_id 
_atom_site.auth_comp_id 
_atom_site.auth_asym_id 
_atom_site.auth_atom_id 
_atom_site.pdbx_PDB_model_num 
ATOM 1    O "O5'"  . DG  A 1 1  ? 8.610   -3.241  22.901  1.00 1.45 ? 201 DG  B "O5'"  1 
ATOM 2    C "C5'"  . DG  A 1 1  ? 7.972   -3.737  24.080  1.00 1.42 ? 201 DG  B "C5'"  1 
ATOM 3    C "C4'"  . DG  A 1 1  ? 6.505   -3.314  24.148  1.00 1.18 ? 201 DG  B "C4'"  1 
ATOM 4    O "O4'"  . DG  A 1 1  ? 6.425   -1.892  23.990  1.00 1.10 ? 201 DG  B "O4'"  1 
ATOM 5    C "C3'"  . DG  A 1 1  ? 5.617   -3.949  23.076  1.00 1.12 ? 201 DG  B "C3'"  1 
ATOM 6    O "O3'"  . DG  A 1 1  ? 4.363   -4.327  23.656  1.00 1.08 ? 201 DG  B "O3'"  1 
ATOM 7    C "C2'"  . DG  A 1 1  ? 5.394   -2.844  22.052  1.00 1.06 ? 201 DG  B "C2'"  1 
ATOM 8    C "C1'"  . DG  A 1 1  ? 5.632   -1.565  22.846  1.00 1.04 ? 201 DG  B "C1'"  1 
ATOM 9    N N9     . DG  A 1 1  ? 6.351   -0.527  22.084  1.00 1.04 ? 201 DG  B N9     1 
ATOM 10   C C8     . DG  A 1 1  ? 7.560   -0.608  21.456  1.00 1.11 ? 201 DG  B C8     1 
ATOM 11   N N7     . DG  A 1 1  ? 7.931   0.467   20.828  1.00 1.10 ? 201 DG  B N7     1 
ATOM 12   C C5     . DG  A 1 1  ? 6.877   1.348   21.058  1.00 1.01 ? 201 DG  B C5     1 
ATOM 13   C C6     . DG  A 1 1  ? 6.702   2.690   20.620  1.00 0.98 ? 201 DG  B C6     1 
ATOM 14   O O6     . DG  A 1 1  ? 7.458   3.373   19.934  1.00 1.02 ? 201 DG  B O6     1 
ATOM 15   N N1     . DG  A 1 1  ? 5.499   3.218   21.070  1.00 0.92 ? 201 DG  B N1     1 
ATOM 16   C C2     . DG  A 1 1  ? 4.578   2.546   21.846  1.00 0.90 ? 201 DG  B C2     1 
ATOM 17   N N2     . DG  A 1 1  ? 3.483   3.226   22.185  1.00 0.87 ? 201 DG  B N2     1 
ATOM 18   N N3     . DG  A 1 1  ? 4.739   1.284   22.259  1.00 0.92 ? 201 DG  B N3     1 
ATOM 19   C C4     . DG  A 1 1  ? 5.905   0.750   21.828  1.00 0.98 ? 201 DG  B C4     1 
ATOM 20   H "H5'"  . DG  A 1 1  ? 8.492   -3.352  24.957  1.00 1.48 ? 201 DG  B "H5'"  1 
ATOM 21   H "H5''" . DG  A 1 1  ? 8.027   -4.826  24.083  1.00 1.63 ? 201 DG  B "H5''" 1 
ATOM 22   H "H4'"  . DG  A 1 1  ? 6.112   -3.580  25.127  1.00 1.29 ? 201 DG  B "H4'"  1 
ATOM 23   H "H3'"  . DG  A 1 1  ? 6.107   -4.810  22.619  1.00 1.27 ? 201 DG  B "H3'"  1 
ATOM 24   H "H2'"  . DG  A 1 1  ? 6.114   -2.928  21.238  1.00 1.17 ? 201 DG  B "H2'"  1 
ATOM 25   H "H2''" . DG  A 1 1  ? 4.374   -2.878  21.670  1.00 1.11 ? 201 DG  B "H2''" 1 
ATOM 26   H "H1'"  . DG  A 1 1  ? 4.673   -1.165  23.178  1.00 1.10 ? 201 DG  B "H1'"  1 
ATOM 27   H H8     . DG  A 1 1  ? 8.170   -1.512  21.479  1.00 1.18 ? 201 DG  B H8     1 
ATOM 28   H H1     . DG  A 1 1  ? 5.303   4.170   20.796  1.00 0.91 ? 201 DG  B H1     1 
ATOM 29   H H21    . DG  A 1 1  ? 3.363   4.179   21.873  1.00 0.87 ? 201 DG  B H21    1 
ATOM 30   H H22    . DG  A 1 1  ? 2.772   2.788   22.755  1.00 0.88 ? 201 DG  B H22    1 
ATOM 31   H "HO5'" . DG  A 1 1  ? 8.727   -3.983  22.305  1.00 1.81 ? 201 DG  B "HO5'" 1 
ATOM 32   P P      . DG  A 1 2  ? 3.292   -5.164  22.795  1.00 1.05 ? 202 DG  B P      1 
ATOM 33   O OP1    . DG  A 1 2  ? 2.712   -6.209  23.671  1.00 1.13 ? 202 DG  B OP1    1 
ATOM 34   O OP2    . DG  A 1 2  ? 3.920   -5.547  21.512  1.00 1.08 ? 202 DG  B OP2    1 
ATOM 35   O "O5'"  . DG  A 1 2  ? 2.136   -4.085  22.487  1.00 0.94 ? 202 DG  B "O5'"  1 
ATOM 36   C "C5'"  . DG  A 1 2  ? 1.348   -3.545  23.551  1.00 0.93 ? 202 DG  B "C5'"  1 
ATOM 37   C "C4'"  . DG  A 1 2  ? 0.262   -2.603  23.033  1.00 0.84 ? 202 DG  B "C4'"  1 
ATOM 38   O "O4'"  . DG  A 1 2  ? 0.888   -1.514  22.343  1.00 0.78 ? 202 DG  B "O4'"  1 
ATOM 39   C "C3'"  . DG  A 1 2  ? -0.729  -3.250  22.061  1.00 0.82 ? 202 DG  B "C3'"  1 
ATOM 40   O "O3'"  . DG  A 1 2  ? -2.053  -2.812  22.380  1.00 0.83 ? 202 DG  B "O3'"  1 
ATOM 41   C "C2'"  . DG  A 1 2  ? -0.329  -2.736  20.687  1.00 0.73 ? 202 DG  B "C2'"  1 
ATOM 42   C "C1'"  . DG  A 1 2  ? 0.414   -1.441  20.995  1.00 0.69 ? 202 DG  B "C1'"  1 
ATOM 43   N N9     . DG  A 1 2  ? 1.589   -1.202  20.131  1.00 0.65 ? 202 DG  B N9     1 
ATOM 44   C C8     . DG  A 1 2  ? 2.600   -2.055  19.795  1.00 0.70 ? 202 DG  B C8     1 
ATOM 45   N N7     . DG  A 1 2  ? 3.520   -1.549  19.029  1.00 0.66 ? 202 DG  B N7     1 
ATOM 46   C C5     . DG  A 1 2  ? 3.086   -0.239  18.833  1.00 0.60 ? 202 DG  B C5     1 
ATOM 47   C C6     . DG  A 1 2  ? 3.677   0.812   18.081  1.00 0.56 ? 202 DG  B C6     1 
ATOM 48   O O6     . DG  A 1 2  ? 4.719   0.792   17.430  1.00 0.57 ? 202 DG  B O6     1 
ATOM 49   N N1     . DG  A 1 2  ? 2.915   1.972   18.143  1.00 0.54 ? 202 DG  B N1     1 
ATOM 50   C C2     . DG  A 1 2  ? 1.733   2.108   18.841  1.00 0.54 ? 202 DG  B C2     1 
ATOM 51   N N2     . DG  A 1 2  ? 1.147   3.304   18.782  1.00 0.56 ? 202 DG  B N2     1 
ATOM 52   N N3     . DG  A 1 2  ? 1.175   1.122   19.550  1.00 0.57 ? 202 DG  B N3     1 
ATOM 53   C C4     . DG  A 1 2  ? 1.902   -0.018  19.502  1.00 0.59 ? 202 DG  B C4     1 
ATOM 54   H "H5'"  . DG  A 1 2  ? 1.990   -3.003  24.242  1.00 0.95 ? 202 DG  B "H5'"  1 
ATOM 55   H "H5''" . DG  A 1 2  ? 0.872   -4.371  24.083  1.00 1.00 ? 202 DG  B "H5''" 1 
ATOM 56   H "H4'"  . DG  A 1 2  ? -0.290  -2.207  23.882  1.00 0.87 ? 202 DG  B "H4'"  1 
ATOM 57   H "H3'"  . DG  A 1 2  ? -0.665  -4.340  22.106  1.00 0.88 ? 202 DG  B "H3'"  1 
ATOM 58   H "H2'"  . DG  A 1 2  ? 0.329   -3.449  20.189  1.00 0.74 ? 202 DG  B "H2'"  1 
ATOM 59   H "H2''" . DG  A 1 2  ? -1.213  -2.538  20.081  1.00 0.70 ? 202 DG  B "H2''" 1 
ATOM 60   H "H1'"  . DG  A 1 2  ? -0.275  -0.601  20.902  1.00 0.67 ? 202 DG  B "H1'"  1 
ATOM 61   H H8     . DG  A 1 2  ? 2.631   -3.089  20.139  1.00 0.77 ? 202 DG  B H8     1 
ATOM 62   H H1     . DG  A 1 2  ? 3.274   2.765   17.631  1.00 0.54 ? 202 DG  B H1     1 
ATOM 63   H H21    . DG  A 1 2  ? 1.571   4.048   18.246  1.00 0.56 ? 202 DG  B H21    1 
ATOM 64   H H22    . DG  A 1 2  ? 0.281   3.467   19.274  1.00 0.58 ? 202 DG  B H22    1 
ATOM 65   P P      . DG  A 1 3  ? -3.330  -3.419  21.609  1.00 0.84 ? 203 DG  B P      1 
ATOM 66   O OP1    . DG  A 1 3  ? -4.421  -3.602  22.588  1.00 0.93 ? 203 DG  B OP1    1 
ATOM 67   O OP2    . DG  A 1 3  ? -2.868  -4.568  20.794  1.00 0.89 ? 203 DG  B OP2    1 
ATOM 68   O "O5'"  . DG  A 1 3  ? -3.726  -2.228  20.602  1.00 0.71 ? 203 DG  B "O5'"  1 
ATOM 69   C "C5'"  . DG  A 1 3  ? -3.964  -0.908  21.105  1.00 0.68 ? 203 DG  B "C5'"  1 
ATOM 70   C "C4'"  . DG  A 1 3  ? -4.256  0.079   19.978  1.00 0.59 ? 203 DG  B "C4'"  1 
ATOM 71   O "O4'"  . DG  A 1 3  ? -3.052  0.323   19.244  1.00 0.53 ? 203 DG  B "O4'"  1 
ATOM 72   C "C3'"  . DG  A 1 3  ? -5.325  -0.389  18.986  1.00 0.60 ? 203 DG  B "C3'"  1 
ATOM 73   O "O3'"  . DG  A 1 3  ? -6.291  0.647   18.801  1.00 0.59 ? 203 DG  B "O3'"  1 
ATOM 74   C "C2'"  . DG  A 1 3  ? -4.571  -0.634  17.681  1.00 0.56 ? 203 DG  B "C2'"  1 
ATOM 75   C "C1'"  . DG  A 1 3  ? -3.303  0.192   17.845  1.00 0.51 ? 203 DG  B "C1'"  1 
ATOM 76   N N9     . DG  A 1 3  ? -2.104  -0.417  17.237  1.00 0.48 ? 203 DG  B N9     1 
ATOM 77   C C8     . DG  A 1 3  ? -1.634  -1.694  17.353  1.00 0.51 ? 203 DG  B C8     1 
ATOM 78   N N7     . DG  A 1 3  ? -0.533  -1.939  16.706  1.00 0.50 ? 203 DG  B N7     1 
ATOM 79   C C5     . DG  A 1 3  ? -0.240  -0.719  16.102  1.00 0.45 ? 203 DG  B C5     1 
ATOM 80   C C6     . DG  A 1 3  ? 0.847   -0.357  15.260  1.00 0.44 ? 203 DG  B C6     1 
ATOM 81   O O6     . DG  A 1 3  ? 1.781   -1.059  14.879  1.00 0.47 ? 203 DG  B O6     1 
ATOM 82   N N1     . DG  A 1 3  ? 0.766   0.972   14.866  1.00 0.43 ? 203 DG  B N1     1 
ATOM 83   C C2     . DG  A 1 3  ? -0.235  1.848   15.232  1.00 0.45 ? 203 DG  B C2     1 
ATOM 84   N N2     . DG  A 1 3  ? -0.139  3.087   14.752  1.00 0.49 ? 203 DG  B N2     1 
ATOM 85   N N3     . DG  A 1 3  ? -1.259  1.512   16.024  1.00 0.45 ? 203 DG  B N3     1 
ATOM 86   C C4     . DG  A 1 3  ? -1.198  0.220   16.420  1.00 0.45 ? 203 DG  B C4     1 
ATOM 87   H "H5'"  . DG  A 1 3  ? -3.074  -0.577  21.642  1.00 0.69 ? 203 DG  B "H5'"  1 
ATOM 88   H "H5''" . DG  A 1 3  ? -4.807  -0.926  21.795  1.00 0.75 ? 203 DG  B "H5''" 1 
ATOM 89   H "H4'"  . DG  A 1 3  ? -4.588  1.020   20.422  1.00 0.61 ? 203 DG  B "H4'"  1 
ATOM 90   H "H3'"  . DG  A 1 3  ? -5.806  -1.307  19.333  1.00 0.65 ? 203 DG  B "H3'"  1 
ATOM 91   H "H2'"  . DG  A 1 3  ? -4.329  -1.691  17.570  1.00 0.60 ? 203 DG  B "H2'"  1 
ATOM 92   H "H2''" . DG  A 1 3  ? -5.154  -0.282  16.831  1.00 0.58 ? 203 DG  B "H2''" 1 
ATOM 93   H "H1'"  . DG  A 1 3  ? -3.460  1.182   17.415  1.00 0.50 ? 203 DG  B "H1'"  1 
ATOM 94   H H8     . DG  A 1 3  ? -2.147  -2.454  17.941  1.00 0.57 ? 203 DG  B H8     1 
ATOM 95   H H1     . DG  A 1 3  ? 1.507   1.301   14.264  1.00 0.44 ? 203 DG  B H1     1 
ATOM 96   H H21    . DG  A 1 3  ? 0.635   3.339   14.154  1.00 0.50 ? 203 DG  B H21    1 
ATOM 97   H H22    . DG  A 1 3  ? -0.840  3.774   14.986  1.00 0.52 ? 203 DG  B H22    1 
ATOM 98   P P      . DA  A 1 4  ? -7.602  0.398   17.898  1.00 0.62 ? 204 DA  B P      1 
ATOM 99   O OP1    . DA  A 1 4  ? -8.735  1.111   18.524  1.00 0.68 ? 204 DA  B OP1    1 
ATOM 100  O OP2    . DA  A 1 4  ? -7.702  -1.055  17.627  1.00 0.68 ? 204 DA  B OP2    1 
ATOM 101  O "O5'"  . DA  A 1 4  ? -7.220  1.135   16.518  1.00 0.55 ? 204 DA  B "O5'"  1 
ATOM 102  C "C5'"  . DA  A 1 4  ? -6.853  2.519   16.519  1.00 0.50 ? 204 DA  B "C5'"  1 
ATOM 103  C "C4'"  . DA  A 1 4  ? -6.527  3.013   15.111  1.00 0.46 ? 204 DA  B "C4'"  1 
ATOM 104  O "O4'"  . DA  A 1 4  ? -5.277  2.458   14.692  1.00 0.41 ? 204 DA  B "O4'"  1 
ATOM 105  C "C3'"  . DA  A 1 4  ? -7.579  2.657   14.055  1.00 0.50 ? 204 DA  B "C3'"  1 
ATOM 106  O "O3'"  . DA  A 1 4  ? -7.915  3.824   13.303  1.00 0.52 ? 204 DA  B "O3'"  1 
ATOM 107  C "C2'"  . DA  A 1 4  ? -6.892  1.638   13.151  1.00 0.48 ? 204 DA  B "C2'"  1 
ATOM 108  C "C1'"  . DA  A 1 4  ? -5.411  1.904   13.384  1.00 0.42 ? 204 DA  B "C1'"  1 
ATOM 109  N N9     . DA  A 1 4  ? -4.564  0.696   13.324  1.00 0.40 ? 204 DA  B N9     1 
ATOM 110  C C8     . DA  A 1 4  ? -4.736  -0.509  13.942  1.00 0.45 ? 204 DA  B C8     1 
ATOM 111  N N7     . DA  A 1 4  ? -3.804  -1.385  13.709  1.00 0.45 ? 204 DA  B N7     1 
ATOM 112  C C5     . DA  A 1 4  ? -2.936  -0.702  12.860  1.00 0.40 ? 204 DA  B C5     1 
ATOM 113  C C6     . DA  A 1 4  ? -1.736  -1.067  12.238  1.00 0.39 ? 204 DA  B C6     1 
ATOM 114  N N6     . DA  A 1 4  ? -1.176  -2.269  12.381  1.00 0.44 ? 204 DA  B N6     1 
ATOM 115  N N1     . DA  A 1 4  ? -1.136  -0.148  11.462  1.00 0.36 ? 204 DA  B N1     1 
ATOM 116  C C2     . DA  A 1 4  ? -1.682  1.059   11.305  1.00 0.34 ? 204 DA  B C2     1 
ATOM 117  N N3     . DA  A 1 4  ? -2.810  1.505   11.847  1.00 0.35 ? 204 DA  B N3     1 
ATOM 118  C C4     . DA  A 1 4  ? -3.390  0.563   12.620  1.00 0.37 ? 204 DA  B C4     1 
ATOM 119  H "H5'"  . DA  A 1 4  ? -5.969  2.641   17.147  1.00 0.49 ? 204 DA  B "H5'"  1 
ATOM 120  H "H5''" . DA  A 1 4  ? -7.666  3.114   16.931  1.00 0.55 ? 204 DA  B "H5''" 1 
ATOM 121  H "H4'"  . DA  A 1 4  ? -6.429  4.101   15.144  1.00 0.47 ? 204 DA  B "H4'"  1 
ATOM 122  H "H3'"  . DA  A 1 4  ? -8.469  2.226   14.517  1.00 0.56 ? 204 DA  B "H3'"  1 
ATOM 123  H "H2'"  . DA  A 1 4  ? -7.150  0.622   13.450  1.00 0.51 ? 204 DA  B "H2'"  1 
ATOM 124  H "H2''" . DA  A 1 4  ? -7.155  1.811   12.107  1.00 0.51 ? 204 DA  B "H2''" 1 
ATOM 125  H "H1'"  . DA  A 1 4  ? -5.056  2.628   12.650  1.00 0.41 ? 204 DA  B "H1'"  1 
ATOM 126  H H8     . DA  A 1 4  ? -5.594  -0.723  14.579  1.00 0.49 ? 204 DA  B H8     1 
ATOM 127  H H61    . DA  A 1 4  ? -1.620  -2.966  12.961  1.00 0.48 ? 204 DA  B H61    1 
ATOM 128  H H2     . DA  A 1 4  ? -1.144  1.756   10.662  1.00 0.35 ? 204 DA  B H2     1 
ATOM 129  P P      . DA  A 1 5  ? -9.035  3.765   12.146  1.00 0.58 ? 205 DA  B P      1 
ATOM 130  O OP1    . DA  A 1 5  ? -9.797  5.030   12.175  1.00 0.64 ? 205 DA  B OP1    1 
ATOM 131  O OP2    . DA  A 1 5  ? -9.746  2.469   12.265  1.00 0.63 ? 205 DA  B OP2    1 
ATOM 132  O "O5'"  . DA  A 1 5  ? -8.147  3.719   10.804  1.00 0.53 ? 205 DA  B "O5'"  1 
ATOM 133  C "C5'"  . DA  A 1 5  ? -7.193  4.752   10.535  1.00 0.50 ? 205 DA  B "C5'"  1 
ATOM 134  C "C4'"  . DA  A 1 5  ? -6.408  4.472   9.254   1.00 0.48 ? 205 DA  B "C4'"  1 
ATOM 135  O "O4'"  . DA  A 1 5  ? -5.519  3.375   9.484   1.00 0.43 ? 205 DA  B "O4'"  1 
ATOM 136  C "C3'"  . DA  A 1 5  ? -7.278  4.127   8.040   1.00 0.52 ? 205 DA  B "C3'"  1 
ATOM 137  O "O3'"  . DA  A 1 5  ? -7.052  5.086   7.006   1.00 0.54 ? 205 DA  B "O3'"  1 
ATOM 138  C "C2'"  . DA  A 1 5  ? -6.800  2.751   7.573   1.00 0.51 ? 205 DA  B "C2'"  1 
ATOM 139  C "C1'"  . DA  A 1 5  ? -5.509  2.519   8.346   1.00 0.45 ? 205 DA  B "C1'"  1 
ATOM 140  N N9     . DA  A 1 5  ? -5.350  1.137   8.836   1.00 0.44 ? 205 DA  B N9     1 
ATOM 141  C C8     . DA  A 1 5  ? -6.184  0.407   9.633   1.00 0.47 ? 205 DA  B C8     1 
ATOM 142  N N7     . DA  A 1 5  ? -5.766  -0.790  9.916   1.00 0.47 ? 205 DA  B N7     1 
ATOM 143  C C5     . DA  A 1 5  ? -4.546  -0.865  9.248   1.00 0.43 ? 205 DA  B C5     1 
ATOM 144  C C6     . DA  A 1 5  ? -3.588  -1.877  9.137   1.00 0.43 ? 205 DA  B C6     1 
ATOM 145  N N6     . DA  A 1 5  ? -3.712  -3.065  9.728   1.00 0.46 ? 205 DA  B N6     1 
ATOM 146  N N1     . DA  A 1 5  ? -2.496  -1.618  8.395   1.00 0.40 ? 205 DA  B N1     1 
ATOM 147  C C2     . DA  A 1 5  ? -2.355  -0.435  7.798   1.00 0.39 ? 205 DA  B C2     1 
ATOM 148  N N3     . DA  A 1 5  ? -3.200  0.590   7.838   1.00 0.40 ? 205 DA  B N3     1 
ATOM 149  C C4     . DA  A 1 5  ? -4.285  0.303   8.589   1.00 0.42 ? 205 DA  B C4     1 
ATOM 150  H "H5'"  . DA  A 1 5  ? -6.495  4.808   11.371  1.00 0.47 ? 205 DA  B "H5'"  1 
ATOM 151  H "H5''" . DA  A 1 5  ? -7.707  5.710   10.436  1.00 0.55 ? 205 DA  B "H5''" 1 
ATOM 152  H "H4'"  . DA  A 1 5  ? -5.813  5.353   9.013   1.00 0.48 ? 205 DA  B "H4'"  1 
ATOM 153  H "H3'"  . DA  A 1 5  ? -8.334  4.097   8.314   1.00 0.57 ? 205 DA  B "H3'"  1 
ATOM 154  H "H2'"  . DA  A 1 5  ? -7.535  1.984   7.822   1.00 0.54 ? 205 DA  B "H2'"  1 
ATOM 155  H "H2''" . DA  A 1 5  ? -6.608  2.760   6.499   1.00 0.52 ? 205 DA  B "H2''" 1 
ATOM 156  H "H1'"  . DA  A 1 5  ? -4.657  2.776   7.714   1.00 0.44 ? 205 DA  B "H1'"  1 
ATOM 157  H H8     . DA  A 1 5  ? -7.131  0.799   10.002  1.00 0.50 ? 205 DA  B H8     1 
ATOM 158  H H61    . DA  A 1 5  ? -4.529  -3.269  10.286  1.00 0.49 ? 205 DA  B H61    1 
ATOM 159  H H2     . DA  A 1 5  ? -1.447  -0.292  7.212   1.00 0.39 ? 205 DA  B H2     1 
ATOM 160  P P      . DA  A 1 6  ? -7.880  5.019   5.625   1.00 0.59 ? 206 DA  B P      1 
ATOM 161  O OP1    . DA  A 1 6  ? -8.110  6.399   5.152   1.00 0.64 ? 206 DA  B OP1    1 
ATOM 162  O OP2    . DA  A 1 6  ? -9.029  4.104   5.826   1.00 0.63 ? 206 DA  B OP2    1 
ATOM 163  O "O5'"  . DA  A 1 6  ? -6.838  4.295   4.633   1.00 0.55 ? 206 DA  B "O5'"  1 
ATOM 164  C "C5'"  . DA  A 1 6  ? -5.557  4.882   4.382   1.00 0.51 ? 206 DA  B "C5'"  1 
ATOM 165  C "C4'"  . DA  A 1 6  ? -4.693  3.992   3.490   1.00 0.48 ? 206 DA  B "C4'"  1 
ATOM 166  O "O4'"  . DA  A 1 6  ? -4.343  2.808   4.218   1.00 0.45 ? 206 DA  B "O4'"  1 
ATOM 167  C "C3'"  . DA  A 1 6  ? -5.367  3.553   2.185   1.00 0.51 ? 206 DA  B "C3'"  1 
ATOM 168  O "O3'"  . DA  A 1 6  ? -4.493  3.829   1.083   1.00 0.50 ? 206 DA  B "O3'"  1 
ATOM 169  C "C2'"  . DA  A 1 6  ? -5.557  2.045   2.324   1.00 0.49 ? 206 DA  B "C2'"  1 
ATOM 170  C "C1'"  . DA  A 1 6  ? -4.550  1.660   3.397   1.00 0.46 ? 206 DA  B "C1'"  1 
ATOM 171  N N9     . DA  A 1 6  ? -5.000  0.558   4.270   1.00 0.47 ? 206 DA  B N9     1 
ATOM 172  C C8     . DA  A 1 6  ? -6.189  0.410   4.925   1.00 0.49 ? 206 DA  B C8     1 
ATOM 173  N N7     . DA  A 1 6  ? -6.297  -0.676  5.630   1.00 0.51 ? 206 DA  B N7     1 
ATOM 174  C C5     . DA  A 1 6  ? -5.072  -1.308  5.425   1.00 0.50 ? 206 DA  B C5     1 
ATOM 175  C C6     . DA  A 1 6  ? -4.538  -2.512  5.895   1.00 0.52 ? 206 DA  B C6     1 
ATOM 176  N N6     . DA  A 1 6  ? -5.202  -3.335  6.706   1.00 0.56 ? 206 DA  B N6     1 
ATOM 177  N N1     . DA  A 1 6  ? -3.295  -2.836  5.497   1.00 0.52 ? 206 DA  B N1     1 
ATOM 178  C C2     . DA  A 1 6  ? -2.617  -2.024  4.686   1.00 0.50 ? 206 DA  B C2     1 
ATOM 179  N N3     . DA  A 1 6  ? -3.029  -0.862  4.185   1.00 0.48 ? 206 DA  B N3     1 
ATOM 180  C C4     . DA  A 1 6  ? -4.277  -0.564  4.600   1.00 0.48 ? 206 DA  B C4     1 
ATOM 181  H "H5'"  . DA  A 1 6  ? -5.047  5.031   5.333   1.00 0.49 ? 206 DA  B "H5'"  1 
ATOM 182  H "H5''" . DA  A 1 6  ? -5.691  5.849   3.895   1.00 0.55 ? 206 DA  B "H5''" 1 
ATOM 183  H "H4'"  . DA  A 1 6  ? -3.779  4.530   3.244   1.00 0.48 ? 206 DA  B "H4'"  1 
ATOM 184  H "H3'"  . DA  A 1 6  ? -6.327  4.055   2.051   1.00 0.56 ? 206 DA  B "H3'"  1 
ATOM 185  H "H2'"  . DA  A 1 6  ? -6.572  1.815   2.651   1.00 0.52 ? 206 DA  B "H2'"  1 
ATOM 186  H "H2''" . DA  A 1 6  ? -5.332  1.540   1.384   1.00 0.48 ? 206 DA  B "H2''" 1 
ATOM 187  H "H1'"  . DA  A 1 6  ? -3.606  1.383   2.923   1.00 0.45 ? 206 DA  B "H1'"  1 
ATOM 188  H H8     . DA  A 1 6  ? -6.991  1.145   4.857   1.00 0.50 ? 206 DA  B H8     1 
ATOM 189  H H61    . DA  A 1 6  ? -4.772  -4.194  7.017   1.00 0.58 ? 206 DA  B H61    1 
ATOM 190  H H2     . DA  A 1 6  ? -1.615  -2.346  4.401   1.00 0.51 ? 206 DA  B H2     1 
ATOM 191  P P      . DT  A 1 7  ? -4.949  3.489   -0.425  1.00 0.54 ? 207 DT  B P      1 
ATOM 192  O OP1    . DT  A 1 7  ? -4.348  4.498   -1.324  1.00 0.57 ? 207 DT  B OP1    1 
ATOM 193  O OP2    . DT  A 1 7  ? -6.412  3.271   -0.431  1.00 0.60 ? 207 DT  B OP2    1 
ATOM 194  O "O5'"  . DT  A 1 7  ? -4.229  2.074   -0.702  1.00 0.49 ? 207 DT  B "O5'"  1 
ATOM 195  C "C5'"  . DT  A 1 7  ? -2.805  1.966   -0.635  1.00 0.44 ? 207 DT  B "C5'"  1 
ATOM 196  C "C4'"  . DT  A 1 7  ? -2.331  0.525   -0.812  1.00 0.41 ? 207 DT  B "C4'"  1 
ATOM 197  O "O4'"  . DT  A 1 7  ? -2.843  -0.268  0.264   1.00 0.41 ? 207 DT  B "O4'"  1 
ATOM 198  C "C3'"  . DT  A 1 7  ? -2.768  -0.137  -2.126  1.00 0.42 ? 207 DT  B "C3'"  1 
ATOM 199  O "O3'"  . DT  A 1 7  ? -1.608  -0.505  -2.872  1.00 0.41 ? 207 DT  B "O3'"  1 
ATOM 200  C "C2'"  . DT  A 1 7  ? -3.532  -1.395  -1.712  1.00 0.43 ? 207 DT  B "C2'"  1 
ATOM 201  C "C1'"  . DT  A 1 7  ? -3.209  -1.552  -0.232  1.00 0.42 ? 207 DT  B "C1'"  1 
ATOM 202  N N1     . DT  A 1 7  ? -4.351  -2.037  0.581   1.00 0.44 ? 207 DT  B N1     1 
ATOM 203  C C2     . DT  A 1 7  ? -4.202  -3.224  1.283   1.00 0.47 ? 207 DT  B C2     1 
ATOM 204  O O2     . DT  A 1 7  ? -3.165  -3.886  1.239   1.00 0.49 ? 207 DT  B O2     1 
ATOM 205  N N3     . DT  A 1 7  ? -5.292  -3.627  2.034   1.00 0.51 ? 207 DT  B N3     1 
ATOM 206  C C4     . DT  A 1 7  ? -6.498  -2.957  2.145   1.00 0.52 ? 207 DT  B C4     1 
ATOM 207  O O4     . DT  A 1 7  ? -7.404  -3.408  2.845   1.00 0.57 ? 207 DT  B O4     1 
ATOM 208  C C5     . DT  A 1 7  ? -6.562  -1.732  1.383   1.00 0.49 ? 207 DT  B C5     1 
ATOM 209  C C7     . DT  A 1 7  ? -7.841  -0.900  1.409   1.00 0.52 ? 207 DT  B C7     1 
ATOM 210  C C6     . DT  A 1 7  ? -5.514  -1.317  0.641   1.00 0.46 ? 207 DT  B C6     1 
ATOM 211  H "H5'"  . DT  A 1 7  ? -2.464  2.336   0.330   1.00 0.43 ? 207 DT  B "H5'"  1 
ATOM 212  H "H5''" . DT  A 1 7  ? -2.366  2.582   -1.425  1.00 0.47 ? 207 DT  B "H5''" 1 
ATOM 213  H "H4'"  . DT  A 1 7  ? -1.244  0.510   -0.764  1.00 0.41 ? 207 DT  B "H4'"  1 
ATOM 214  H "H3'"  . DT  A 1 7  ? -3.405  0.531   -2.709  1.00 0.46 ? 207 DT  B "H3'"  1 
ATOM 215  H "H2'"  . DT  A 1 7  ? -4.604  -1.258  -1.855  1.00 0.47 ? 207 DT  B "H2'"  1 
ATOM 216  H "H2''" . DT  A 1 7  ? -3.178  -2.258  -2.278  1.00 0.44 ? 207 DT  B "H2''" 1 
ATOM 217  H "H1'"  . DT  A 1 7  ? -2.358  -2.233  -0.117  1.00 0.43 ? 207 DT  B "H1'"  1 
ATOM 218  H H3     . DT  A 1 7  ? -5.201  -4.492  2.548   1.00 0.55 ? 207 DT  B H3     1 
ATOM 219  H H71    . DT  A 1 7  ? -8.473  -1.178  0.565   1.00 1.13 ? 207 DT  B H71    1 
ATOM 220  H H72    . DT  A 1 7  ? -8.377  -1.087  2.340   1.00 1.12 ? 207 DT  B H72    1 
ATOM 221  H H73    . DT  A 1 7  ? -7.589  0.158   1.341   1.00 1.17 ? 207 DT  B H73    1 
ATOM 222  H H6     . DT  A 1 7  ? -5.594  -0.386  0.081   1.00 0.45 ? 207 DT  B H6     1 
ATOM 223  P P      . DT  A 1 8  ? -1.732  -1.057  -4.383  1.00 0.43 ? 208 DT  B P      1 
ATOM 224  O OP1    . DT  A 1 8  ? -0.572  -0.575  -5.156  1.00 0.44 ? 208 DT  B OP1    1 
ATOM 225  O OP2    . DT  A 1 8  ? -3.110  -0.774  -4.855  1.00 0.47 ? 208 DT  B OP2    1 
ATOM 226  O "O5'"  . DT  A 1 8  ? -1.609  -2.649  -4.170  1.00 0.41 ? 208 DT  B "O5'"  1 
ATOM 227  C "C5'"  . DT  A 1 8  ? -0.585  -3.185  -3.325  1.00 0.39 ? 208 DT  B "C5'"  1 
ATOM 228  C "C4'"  . DT  A 1 8  ? -0.820  -4.666  -3.031  1.00 0.38 ? 208 DT  B "C4'"  1 
ATOM 229  O "O4'"  . DT  A 1 8  ? -1.959  -4.788  -2.172  1.00 0.39 ? 208 DT  B "O4'"  1 
ATOM 230  C "C3'"  . DT  A 1 8  ? -1.079  -5.526  -4.272  1.00 0.39 ? 208 DT  B "C3'"  1 
ATOM 231  O "O3'"  . DT  A 1 8  ? -0.067  -6.534  -4.367  1.00 0.39 ? 208 DT  B "O3'"  1 
ATOM 232  C "C2'"  . DT  A 1 8  ? -2.438  -6.189  -4.036  1.00 0.40 ? 208 DT  B "C2'"  1 
ATOM 233  C "C1'"  . DT  A 1 8  ? -2.743  -5.911  -2.569  1.00 0.39 ? 208 DT  B "C1'"  1 
ATOM 234  N N1     . DT  A 1 8  ? -4.163  -5.574  -2.304  1.00 0.39 ? 208 DT  B N1     1 
ATOM 235  C C2     . DT  A 1 8  ? -4.869  -6.366  -1.409  1.00 0.41 ? 208 DT  B C2     1 
ATOM 236  O O2     . DT  A 1 8  ? -4.361  -7.338  -0.853  1.00 0.43 ? 208 DT  B O2     1 
ATOM 237  N N3     . DT  A 1 8  ? -6.183  -6.000  -1.181  1.00 0.43 ? 208 DT  B N3     1 
ATOM 238  C C4     . DT  A 1 8  ? -6.845  -4.929  -1.756  1.00 0.44 ? 208 DT  B C4     1 
ATOM 239  O O4     . DT  A 1 8  ? -8.019  -4.694  -1.478  1.00 0.48 ? 208 DT  B O4     1 
ATOM 240  C C5     . DT  A 1 8  ? -6.034  -4.163  -2.674  1.00 0.41 ? 208 DT  B C5     1 
ATOM 241  C C7     . DT  A 1 8  ? -6.645  -2.961  -3.388  1.00 0.44 ? 208 DT  B C7     1 
ATOM 242  C C6     . DT  A 1 8  ? -4.748  -4.498  -2.916  1.00 0.39 ? 208 DT  B C6     1 
ATOM 243  H "H5'"  . DT  A 1 8  ? -0.587  -2.633  -2.387  1.00 0.38 ? 208 DT  B "H5'"  1 
ATOM 244  H "H5''" . DT  A 1 8  ? 0.389   -3.069  -3.805  1.00 0.40 ? 208 DT  B "H5''" 1 
ATOM 245  H "H4'"  . DT  A 1 8  ? 0.050   -5.059  -2.509  1.00 0.39 ? 208 DT  B "H4'"  1 
ATOM 246  H "H3'"  . DT  A 1 8  ? -1.099  -4.913  -5.176  1.00 0.42 ? 208 DT  B "H3'"  1 
ATOM 247  H "H2'"  . DT  A 1 8  ? -3.199  -5.740  -4.675  1.00 0.42 ? 208 DT  B "H2'"  1 
ATOM 248  H "H2''" . DT  A 1 8  ? -2.372  -7.262  -4.217  1.00 0.40 ? 208 DT  B "H2''" 1 
ATOM 249  H "H1'"  . DT  A 1 8  ? -2.451  -6.779  -1.970  1.00 0.40 ? 208 DT  B "H1'"  1 
ATOM 250  H H3     . DT  A 1 8  ? -6.711  -6.568  -0.532  1.00 0.47 ? 208 DT  B H3     1 
ATOM 251  H H71    . DT  A 1 8  ? -5.872  -2.215  -3.574  1.00 1.14 ? 208 DT  B H71    1 
ATOM 252  H H72    . DT  A 1 8  ? -7.077  -3.280  -4.336  1.00 1.13 ? 208 DT  B H72    1 
ATOM 253  H H73    . DT  A 1 8  ? -7.426  -2.525  -2.763  1.00 1.07 ? 208 DT  B H73    1 
ATOM 254  H H6     . DT  A 1 8  ? -4.165  -3.899  -3.613  1.00 0.39 ? 208 DT  B H6     1 
ATOM 255  P P      . DC  A 1 9  ? -0.032  -7.536  -5.629  1.00 0.41 ? 209 DC  B P      1 
ATOM 256  O OP1    . DC  A 1 9  ? 1.383   -7.840  -5.936  1.00 0.44 ? 209 DC  B OP1    1 
ATOM 257  O OP2    . DC  A 1 9  ? -0.914  -6.985  -6.681  1.00 0.43 ? 209 DC  B OP2    1 
ATOM 258  O "O5'"  . DC  A 1 9  ? -0.717  -8.873  -5.051  1.00 0.37 ? 209 DC  B "O5'"  1 
ATOM 259  C "C5'"  . DC  A 1 9  ? -0.123  -9.569  -3.950  1.00 0.35 ? 209 DC  B "C5'"  1 
ATOM 260  C "C4'"  . DC  A 1 9  ? -0.989  -10.738 -3.485  1.00 0.33 ? 209 DC  B "C4'"  1 
ATOM 261  O "O4'"  . DC  A 1 9  ? -2.291  -10.231 -3.146  1.00 0.33 ? 209 DC  B "O4'"  1 
ATOM 262  C "C3'"  . DC  A 1 9  ? -1.185  -11.847 -4.524  1.00 0.33 ? 209 DC  B "C3'"  1 
ATOM 263  O "O3'"  . DC  A 1 9  ? -0.899  -13.115 -3.915  1.00 0.33 ? 209 DC  B "O3'"  1 
ATOM 264  C "C2'"  . DC  A 1 9  ? -2.655  -11.784 -4.918  1.00 0.31 ? 209 DC  B "C2'"  1 
ATOM 265  C "C1'"  . DC  A 1 9  ? -3.303  -11.027 -3.765  1.00 0.32 ? 209 DC  B "C1'"  1 
ATOM 266  N N1     . DC  A 1 9  ? -4.396  -10.111 -4.178  1.00 0.31 ? 209 DC  B N1     1 
ATOM 267  C C2     . DC  A 1 9  ? -5.650  -10.283 -3.598  1.00 0.34 ? 209 DC  B C2     1 
ATOM 268  O O2     . DC  A 1 9  ? -5.838  -11.196 -2.795  1.00 0.37 ? 209 DC  B O2     1 
ATOM 269  N N3     . DC  A 1 9  ? -6.647  -9.424  -3.946  1.00 0.36 ? 209 DC  B N3     1 
ATOM 270  C C4     . DC  A 1 9  ? -6.431  -8.435  -4.824  1.00 0.35 ? 209 DC  B C4     1 
ATOM 271  N N4     . DC  A 1 9  ? -7.428  -7.606  -5.138  1.00 0.39 ? 209 DC  B N4     1 
ATOM 272  C C5     . DC  A 1 9  ? -5.146  -8.253  -5.423  1.00 0.32 ? 209 DC  B C5     1 
ATOM 273  C C6     . DC  A 1 9  ? -4.164  -9.108  -5.075  1.00 0.30 ? 209 DC  B C6     1 
ATOM 274  H "H5'"  . DC  A 1 9  ? 0.030   -8.884  -3.123  1.00 0.35 ? 209 DC  B "H5'"  1 
ATOM 275  H "H5''" . DC  A 1 9  ? 0.847   -9.963  -4.272  1.00 0.38 ? 209 DC  B "H5''" 1 
ATOM 276  H "H4'"  . DC  A 1 9  ? -0.545  -11.168 -2.591  1.00 0.35 ? 209 DC  B "H4'"  1 
ATOM 277  H "H3'"  . DC  A 1 9  ? -0.539  -11.686 -5.392  1.00 0.35 ? 209 DC  B "H3'"  1 
ATOM 278  H "H2'"  . DC  A 1 9  ? -2.778  -11.240 -5.854  1.00 0.32 ? 209 DC  B "H2'"  1 
ATOM 279  H "H2''" . DC  A 1 9  ? -3.070  -12.789 -5.001  1.00 0.32 ? 209 DC  B "H2''" 1 
ATOM 280  H "H1'"  . DC  A 1 9  ? -3.682  -11.745 -3.035  1.00 0.34 ? 209 DC  B "H1'"  1 
ATOM 281  H H41    . DC  A 1 9  ? -8.339  -7.728  -4.718  1.00 0.42 ? 209 DC  B H41    1 
ATOM 282  H H42    . DC  A 1 9  ? -7.273  -6.854  -5.795  1.00 0.40 ? 209 DC  B H42    1 
ATOM 283  H H5     . DC  A 1 9  ? -4.967  -7.449  -6.138  1.00 0.33 ? 209 DC  B H5     1 
ATOM 284  H H6     . DC  A 1 9  ? -3.174  -8.998  -5.516  1.00 0.30 ? 209 DC  B H6     1 
ATOM 285  P P      . DC  A 1 10 ? -0.979  -14.472 -4.781  1.00 0.34 ? 210 DC  B P      1 
ATOM 286  O OP1    . DC  A 1 10 ? 0.039   -15.411 -4.259  1.00 0.38 ? 210 DC  B OP1    1 
ATOM 287  O OP2    . DC  A 1 10 ? -0.982  -14.108 -6.214  1.00 0.35 ? 210 DC  B OP2    1 
ATOM 288  O "O5'"  . DC  A 1 10 ? -2.436  -15.053 -4.408  1.00 0.30 ? 210 DC  B "O5'"  1 
ATOM 289  C "C5'"  . DC  A 1 10 ? -2.741  -15.429 -3.060  1.00 0.31 ? 210 DC  B "C5'"  1 
ATOM 290  C "C4'"  . DC  A 1 10 ? -4.201  -15.855 -2.906  1.00 0.31 ? 210 DC  B "C4'"  1 
ATOM 291  O "O4'"  . DC  A 1 10 ? -5.044  -14.751 -3.250  1.00 0.29 ? 210 DC  B "O4'"  1 
ATOM 292  C "C3'"  . DC  A 1 10 ? -4.619  -17.047 -3.776  1.00 0.33 ? 210 DC  B "C3'"  1 
ATOM 293  O "O3'"  . DC  A 1 10 ? -5.065  -18.110 -2.932  1.00 0.37 ? 210 DC  B "O3'"  1 
ATOM 294  C "C2'"  . DC  A 1 10 ? -5.782  -16.542 -4.630  1.00 0.30 ? 210 DC  B "C2'"  1 
ATOM 295  C "C1'"  . DC  A 1 10 ? -6.178  -15.228 -3.968  1.00 0.27 ? 210 DC  B "C1'"  1 
ATOM 296  N N1     . DC  A 1 10 ? -6.579  -14.170 -4.925  1.00 0.24 ? 210 DC  B N1     1 
ATOM 297  C C2     . DC  A 1 10 ? -7.858  -13.630 -4.817  1.00 0.26 ? 210 DC  B C2     1 
ATOM 298  O O2     . DC  A 1 10 ? -8.632  -14.049 -3.958  1.00 0.29 ? 210 DC  B O2     1 
ATOM 299  N N3     . DC  A 1 10 ? -8.217  -12.642 -5.681  1.00 0.28 ? 210 DC  B N3     1 
ATOM 300  C C4     . DC  A 1 10 ? -7.362  -12.197 -6.614  1.00 0.26 ? 210 DC  B C4     1 
ATOM 301  N N4     . DC  A 1 10 ? -7.745  -11.226 -7.444  1.00 0.31 ? 210 DC  B N4     1 
ATOM 302  C C5     . DC  A 1 10 ? -6.048  -12.747 -6.727  1.00 0.23 ? 210 DC  B C5     1 
ATOM 303  C C6     . DC  A 1 10 ? -5.700  -13.726 -5.869  1.00 0.23 ? 210 DC  B C6     1 
ATOM 304  H "H5'"  . DC  A 1 10 ? -2.542  -14.589 -2.398  1.00 0.32 ? 210 DC  B "H5'"  1 
ATOM 305  H "H5''" . DC  A 1 10 ? -2.099  -16.265 -2.775  1.00 0.35 ? 210 DC  B "H5''" 1 
ATOM 306  H "H4'"  . DC  A 1 10 ? -4.378  -16.109 -1.863  1.00 0.36 ? 210 DC  B "H4'"  1 
ATOM 307  H "H3'"  . DC  A 1 10 ? -3.790  -17.379 -4.407  1.00 0.34 ? 210 DC  B "H3'"  1 
ATOM 308  H "H2'"  . DC  A 1 10 ? -5.458  -16.367 -5.656  1.00 0.30 ? 210 DC  B "H2'"  1 
ATOM 309  H "H2''" . DC  A 1 10 ? -6.610  -17.252 -4.605  1.00 0.32 ? 210 DC  B "H2''" 1 
ATOM 310  H "H1'"  . DC  A 1 10 ? -6.992  -15.413 -3.260  1.00 0.29 ? 210 DC  B "H1'"  1 
ATOM 311  H H41    . DC  A 1 10 ? -8.672  -10.833 -7.369  1.00 0.35 ? 210 DC  B H41    1 
ATOM 312  H H42    . DC  A 1 10 ? -7.107  -10.882 -8.147  1.00 0.32 ? 210 DC  B H42    1 
ATOM 313  H H5     . DC  A 1 10 ? -5.351  -12.387 -7.483  1.00 0.24 ? 210 DC  B H5     1 
ATOM 314  H H6     . DC  A 1 10 ? -4.707  -14.167 -5.930  1.00 0.24 ? 210 DC  B H6     1 
ATOM 315  P P      . DT  A 1 11 ? -5.508  -19.529 -3.553  1.00 0.41 ? 211 DT  B P      1 
ATOM 316  O OP1    . DT  A 1 11 ? -5.104  -20.595 -2.616  1.00 0.48 ? 211 DT  B OP1    1 
ATOM 317  O OP2    . DT  A 1 11 ? -5.055  -19.570 -4.963  1.00 0.41 ? 211 DT  B OP2    1 
ATOM 318  O "O5'"  . DT  A 1 11 ? -7.116  -19.419 -3.555  1.00 0.40 ? 211 DT  B "O5'"  1 
ATOM 319  C "C5'"  . DT  A 1 11 ? -7.825  -19.200 -2.330  1.00 0.42 ? 211 DT  B "C5'"  1 
ATOM 320  C "C4'"  . DT  A 1 11 ? -9.324  -19.021 -2.571  1.00 0.42 ? 211 DT  B "C4'"  1 
ATOM 321  O "O4'"  . DT  A 1 11 ? -9.530  -17.867 -3.387  1.00 0.38 ? 211 DT  B "O4'"  1 
ATOM 322  C "C3'"  . DT  A 1 11 ? -10.002 -20.213 -3.258  1.00 0.47 ? 211 DT  B "C3'"  1 
ATOM 323  O "O3'"  . DT  A 1 11 ? -11.044 -20.710 -2.414  1.00 0.52 ? 211 DT  B "O3'"  1 
ATOM 324  C "C2'"  . DT  A 1 11 ? -10.603 -19.648 -4.546  1.00 0.47 ? 211 DT  B "C2'"  1 
ATOM 325  C "C1'"  . DT  A 1 11 ? -10.545 -18.137 -4.351  1.00 0.41 ? 211 DT  B "C1'"  1 
ATOM 326  N N1     . DT  A 1 11 ? -10.198 -17.384 -5.579  1.00 0.41 ? 211 DT  B N1     1 
ATOM 327  C C2     . DT  A 1 11 ? -11.100 -16.437 -6.047  1.00 0.43 ? 211 DT  B C2     1 
ATOM 328  O O2     . DT  A 1 11 ? -12.179 -16.232 -5.494  1.00 0.45 ? 211 DT  B O2     1 
ATOM 329  N N3     . DT  A 1 11 ? -10.715 -15.740 -7.178  1.00 0.46 ? 211 DT  B N3     1 
ATOM 330  C C4     . DT  A 1 11 ? -9.528  -15.900 -7.873  1.00 0.47 ? 211 DT  B C4     1 
ATOM 331  O O4     . DT  A 1 11 ? -9.289  -15.222 -8.870  1.00 0.52 ? 211 DT  B O4     1 
ATOM 332  C C5     . DT  A 1 11 ? -8.653  -16.906 -7.317  1.00 0.44 ? 211 DT  B C5     1 
ATOM 333  C C7     . DT  A 1 11 ? -7.311  -17.183 -7.996  1.00 0.47 ? 211 DT  B C7     1 
ATOM 334  C C6     . DT  A 1 11 ? -9.005  -17.603 -6.213  1.00 0.41 ? 211 DT  B C6     1 
ATOM 335  H "H5'"  . DT  A 1 11 ? -7.432  -18.301 -1.856  1.00 0.40 ? 211 DT  B "H5'"  1 
ATOM 336  H "H5''" . DT  A 1 11 ? -7.668  -20.049 -1.663  1.00 0.47 ? 211 DT  B "H5''" 1 
ATOM 337  H "H4'"  . DT  A 1 11 ? -9.809  -18.856 -1.609  1.00 0.45 ? 211 DT  B "H4'"  1 
ATOM 338  H "H3'"  . DT  A 1 11 ? -9.280  -21.001 -3.480  1.00 0.50 ? 211 DT  B "H3'"  1 
ATOM 339  H "H2'"  . DT  A 1 11 ? -10.004 -19.941 -5.409  1.00 0.48 ? 211 DT  B "H2'"  1 
ATOM 340  H "H2''" . DT  A 1 11 ? -11.634 -19.981 -4.665  1.00 0.53 ? 211 DT  B "H2''" 1 
ATOM 341  H "H1'"  . DT  A 1 11 ? -11.505 -17.788 -3.961  1.00 0.43 ? 211 DT  B "H1'"  1 
ATOM 342  H H3     . DT  A 1 11 ? -11.362 -15.049 -7.533  1.00 0.50 ? 211 DT  B H3     1 
ATOM 343  H H71    . DT  A 1 11 ? -7.475  -17.785 -8.890  1.00 1.12 ? 211 DT  B H71    1 
ATOM 344  H H72    . DT  A 1 11 ? -6.845  -16.238 -8.277  1.00 1.06 ? 211 DT  B H72    1 
ATOM 345  H H73    . DT  A 1 11 ? -6.654  -17.720 -7.311  1.00 1.22 ? 211 DT  B H73    1 
ATOM 346  H H6     . DT  A 1 11 ? -8.325  -18.357 -5.819  1.00 0.41 ? 211 DT  B H6     1 
ATOM 347  P P      . DC  A 1 12 ? -11.751 -22.127 -2.725  1.00 0.61 ? 212 DC  B P      1 
ATOM 348  O OP1    . DC  A 1 12 ? -12.175 -22.720 -1.440  1.00 0.67 ? 212 DC  B OP1    1 
ATOM 349  O OP2    . DC  A 1 12 ? -10.861 -22.887 -3.634  1.00 0.65 ? 212 DC  B OP2    1 
ATOM 350  O "O5'"  . DC  A 1 12 ? -13.057 -21.689 -3.556  1.00 0.63 ? 212 DC  B "O5'"  1 
ATOM 351  C "C5'"  . DC  A 1 12 ? -13.967 -20.729 -3.013  1.00 0.62 ? 212 DC  B "C5'"  1 
ATOM 352  C "C4'"  . DC  A 1 12 ? -14.968 -20.244 -4.061  1.00 0.68 ? 212 DC  B "C4'"  1 
ATOM 353  O "O4'"  . DC  A 1 12 ? -14.265 -19.491 -5.055  1.00 0.64 ? 212 DC  B "O4'"  1 
ATOM 354  C "C3'"  . DC  A 1 12 ? -15.741 -21.362 -4.777  1.00 0.79 ? 212 DC  B "C3'"  1 
ATOM 355  O "O3'"  . DC  A 1 12 ? -17.149 -21.236 -4.559  1.00 0.85 ? 212 DC  B "O3'"  1 
ATOM 356  C "C2'"  . DC  A 1 12 ? -15.400 -21.178 -6.262  1.00 0.81 ? 212 DC  B "C2'"  1 
ATOM 357  C "C1'"  . DC  A 1 12 ? -14.826 -19.769 -6.331  1.00 0.73 ? 212 DC  B "C1'"  1 
ATOM 358  N N1     . DC  A 1 12 ? -13.753 -19.592 -7.342  1.00 0.71 ? 212 DC  B N1     1 
ATOM 359  C C2     . DC  A 1 12 ? -13.933 -18.616 -8.319  1.00 0.73 ? 212 DC  B C2     1 
ATOM 360  O O2     . DC  A 1 12 ? -14.959 -17.938 -8.331  1.00 0.77 ? 212 DC  B O2     1 
ATOM 361  N N3     . DC  A 1 12 ? -12.952 -18.442 -9.247  1.00 0.73 ? 212 DC  B N3     1 
ATOM 362  C C4     . DC  A 1 12 ? -11.842 -19.191 -9.228  1.00 0.71 ? 212 DC  B C4     1 
ATOM 363  N N4     . DC  A 1 12 ? -10.904 -18.997 -10.155 1.00 0.72 ? 212 DC  B N4     1 
ATOM 364  C C5     . DC  A 1 12 ? -11.651 -20.193 -8.227  1.00 0.69 ? 212 DC  B C5     1 
ATOM 365  C C6     . DC  A 1 12 ? -12.624 -20.359 -7.308  1.00 0.69 ? 212 DC  B C6     1 
ATOM 366  H "H5'"  . DC  A 1 12 ? -13.397 -19.876 -2.646  1.00 0.56 ? 212 DC  B "H5'"  1 
ATOM 367  H "H5''" . DC  A 1 12 ? -14.513 -21.176 -2.180  1.00 0.66 ? 212 DC  B "H5''" 1 
ATOM 368  H "H4'"  . DC  A 1 12 ? -15.685 -19.585 -3.573  1.00 0.69 ? 212 DC  B "H4'"  1 
ATOM 369  H "H3'"  . DC  A 1 12 ? -15.398 -22.339 -4.435  1.00 0.81 ? 212 DC  B "H3'"  1 
ATOM 370  H "HO3'" . DC  A 1 12 ? -17.447 -20.465 -5.046  1.00 1.24 ? 212 DC  B "HO3'" 1 
ATOM 371  H "H2'"  . DC  A 1 12 ? -14.658 -21.911 -6.580  1.00 0.82 ? 212 DC  B "H2'"  1 
ATOM 372  H "H2''" . DC  A 1 12 ? -16.301 -21.256 -6.873  1.00 0.89 ? 212 DC  B "H2''" 1 
ATOM 373  H "H1'"  . DC  A 1 12 ? -15.635 -19.062 -6.524  1.00 0.76 ? 212 DC  B "H1'"  1 
ATOM 374  H H41    . DC  A 1 12 ? -11.033 -18.290 -10.865 1.00 0.75 ? 212 DC  B H41    1 
ATOM 375  H H42    . DC  A 1 12 ? -10.062 -19.556 -10.148 1.00 0.72 ? 212 DC  B H42    1 
ATOM 376  H H5     . DC  A 1 12 ? -10.747 -20.804 -8.208  1.00 0.69 ? 212 DC  B H5     1 
ATOM 377  H H6     . DC  A 1 12 ? -12.500 -21.105 -6.525  1.00 0.69 ? 212 DC  B H6     1 
ATOM 378  O "O5'"  . DG  B 2 1  ? -13.252 -11.897 -16.425 1.00 1.22 ? 213 DG  C "O5'"  1 
ATOM 379  C "C5'"  . DG  B 2 1  ? -14.526 -11.596 -17.000 1.00 1.28 ? 213 DG  C "C5'"  1 
ATOM 380  C "C4'"  . DG  B 2 1  ? -15.576 -11.306 -15.927 1.00 1.22 ? 213 DG  C "C4'"  1 
ATOM 381  O "O4'"  . DG  B 2 1  ? -15.801 -12.493 -15.162 1.00 1.15 ? 213 DG  C "O4'"  1 
ATOM 382  C "C3'"  . DG  B 2 1  ? -15.194 -10.190 -14.955 1.00 1.15 ? 213 DG  C "C3'"  1 
ATOM 383  O "O3'"  . DG  B 2 1  ? -16.331 -9.350  -14.723 1.00 1.17 ? 213 DG  C "O3'"  1 
ATOM 384  C "C2'"  . DG  B 2 1  ? -14.805 -10.896 -13.659 1.00 1.04 ? 213 DG  C "C2'"  1 
ATOM 385  C "C1'"  . DG  B 2 1  ? -15.286 -12.334 -13.838 1.00 1.04 ? 213 DG  C "C1'"  1 
ATOM 386  N N9     . DG  B 2 1  ? -14.217 -13.334 -13.652 1.00 0.98 ? 213 DG  C N9     1 
ATOM 387  C C8     . DG  B 2 1  ? -13.051 -13.483 -14.346 1.00 0.97 ? 213 DG  C C8     1 
ATOM 388  N N7     . DG  B 2 1  ? -12.280 -14.442 -13.934 1.00 0.91 ? 213 DG  C N7     1 
ATOM 389  C C5     . DG  B 2 1  ? -12.992 -14.987 -12.868 1.00 0.88 ? 213 DG  C C5     1 
ATOM 390  C C6     . DG  B 2 1  ? -12.658 -16.070 -12.009 1.00 0.84 ? 213 DG  C C6     1 
ATOM 391  O O6     . DG  B 2 1  ? -11.649 -16.772 -12.024 1.00 0.82 ? 213 DG  C O6     1 
ATOM 392  N N1     . DG  B 2 1  ? -13.649 -16.294 -11.064 1.00 0.84 ? 213 DG  C N1     1 
ATOM 393  C C2     . DG  B 2 1  ? -14.820 -15.573 -10.956 1.00 0.88 ? 213 DG  C C2     1 
ATOM 394  N N2     . DG  B 2 1  ? -15.656 -15.945 -9.987  1.00 0.89 ? 213 DG  C N2     1 
ATOM 395  N N3     . DG  B 2 1  ? -15.139 -14.554 -11.762 1.00 0.92 ? 213 DG  C N3     1 
ATOM 396  C C4     . DG  B 2 1  ? -14.183 -14.319 -12.690 1.00 0.92 ? 213 DG  C C4     1 
ATOM 397  H "H5'"  . DG  B 2 1  ? -14.856 -12.446 -17.597 1.00 1.33 ? 213 DG  C "H5'"  1 
ATOM 398  H "H5''" . DG  B 2 1  ? -14.428 -10.724 -17.646 1.00 1.35 ? 213 DG  C "H5''" 1 
ATOM 399  H "H4'"  . DG  B 2 1  ? -16.506 -11.030 -16.421 1.00 1.29 ? 213 DG  C "H4'"  1 
ATOM 400  H "H3'"  . DG  B 2 1  ? -14.358 -9.604  -15.344 1.00 1.20 ? 213 DG  C "H3'"  1 
ATOM 401  H "H2'"  . DG  B 2 1  ? -13.723 -10.873 -13.523 1.00 1.01 ? 213 DG  C "H2'"  1 
ATOM 402  H "H2''" . DG  B 2 1  ? -15.303 -10.427 -12.810 1.00 1.02 ? 213 DG  C "H2''" 1 
ATOM 403  H "H1'"  . DG  B 2 1  ? -16.087 -12.535 -13.123 1.00 1.05 ? 213 DG  C "H1'"  1 
ATOM 404  H H8     . DG  B 2 1  ? -12.788 -12.842 -15.188 1.00 1.02 ? 213 DG  C H8     1 
ATOM 405  H H1     . DG  B 2 1  ? -13.480 -17.049 -10.413 1.00 0.82 ? 213 DG  C H1     1 
ATOM 406  H H21    . DG  B 2 1  ? -15.415 -16.715 -9.380  1.00 0.87 ? 213 DG  C H21    1 
ATOM 407  H H22    . DG  B 2 1  ? -16.533 -15.458 -9.861  1.00 0.94 ? 213 DG  C H22    1 
ATOM 408  H "HO5'" . DG  B 2 1  ? -12.586 -11.482 -16.978 1.00 1.30 ? 213 DG  C "HO5'" 1 
ATOM 409  P P      . DA  B 2 2  ? -16.163 -7.960  -13.928 1.00 1.15 ? 214 DA  C P      1 
ATOM 410  O OP1    . DA  B 2 2  ? -17.222 -7.034  -14.392 1.00 1.24 ? 214 DA  C OP1    1 
ATOM 411  O OP2    . DA  B 2 2  ? -14.742 -7.552  -14.003 1.00 1.15 ? 214 DA  C OP2    1 
ATOM 412  O "O5'"  . DA  B 2 2  ? -16.487 -8.372  -12.404 1.00 1.02 ? 214 DA  C "O5'"  1 
ATOM 413  C "C5'"  . DA  B 2 2  ? -17.769 -8.900  -12.054 1.00 1.01 ? 214 DA  C "C5'"  1 
ATOM 414  C "C4'"  . DA  B 2 2  ? -17.853 -9.255  -10.570 1.00 0.91 ? 214 DA  C "C4'"  1 
ATOM 415  O "O4'"  . DA  B 2 2  ? -16.963 -10.348 -10.306 1.00 0.83 ? 214 DA  C "O4'"  1 
ATOM 416  C "C3'"  . DA  B 2 2  ? -17.479 -8.115  -9.620  1.00 0.87 ? 214 DA  C "C3'"  1 
ATOM 417  O "O3'"  . DA  B 2 2  ? -18.427 -8.066  -8.551  1.00 0.86 ? 214 DA  C "O3'"  1 
ATOM 418  C "C2'"  . DA  B 2 2  ? -16.108 -8.497  -9.078  1.00 0.77 ? 214 DA  C "C2'"  1 
ATOM 419  C "C1'"  . DA  B 2 2  ? -16.086 -10.011 -9.229  1.00 0.73 ? 214 DA  C "C1'"  1 
ATOM 420  N N9     . DA  B 2 2  ? -14.758 -10.566 -9.550  1.00 0.70 ? 214 DA  C N9     1 
ATOM 421  C C8     . DA  B 2 2  ? -13.868 -10.174 -10.510 1.00 0.75 ? 214 DA  C C8     1 
ATOM 422  N N7     . DA  B 2 2  ? -12.777 -10.879 -10.569 1.00 0.72 ? 214 DA  C N7     1 
ATOM 423  C C5     . DA  B 2 2  ? -12.957 -11.822 -9.559  1.00 0.64 ? 214 DA  C C5     1 
ATOM 424  C C6     . DA  B 2 2  ? -12.162 -12.876 -9.093  1.00 0.59 ? 214 DA  C C6     1 
ATOM 425  N N6     . DA  B 2 2  ? -10.968 -13.171 -9.609  1.00 0.61 ? 214 DA  C N6     1 
ATOM 426  N N1     . DA  B 2 2  ? -12.642 -13.611 -8.075  1.00 0.55 ? 214 DA  C N1     1 
ATOM 427  C C2     . DA  B 2 2  ? -13.834 -13.329 -7.546  1.00 0.55 ? 214 DA  C C2     1 
ATOM 428  N N3     . DA  B 2 2  ? -14.664 -12.358 -7.913  1.00 0.59 ? 214 DA  C N3     1 
ATOM 429  C C4     . DA  B 2 2  ? -14.157 -11.638 -8.933  1.00 0.63 ? 214 DA  C C4     1 
ATOM 430  H "H5'"  . DA  B 2 2  ? -17.965 -9.791  -12.646 1.00 1.04 ? 214 DA  C "H5'"  1 
ATOM 431  H "H5''" . DA  B 2 2  ? -18.533 -8.150  -12.279 1.00 1.08 ? 214 DA  C "H5''" 1 
ATOM 432  H "H4'"  . DA  B 2 2  ? -18.869 -9.575  -10.347 1.00 0.94 ? 214 DA  C "H4'"  1 
ATOM 433  H "H3'"  . DA  B 2 2  ? -17.439 -7.161  -10.147 1.00 0.93 ? 214 DA  C "H3'"  1 
ATOM 434  H "H2'"  . DA  B 2 2  ? -15.318 -8.040  -9.674  1.00 0.80 ? 214 DA  C "H2'"  1 
ATOM 435  H "H2''" . DA  B 2 2  ? -16.018 -8.211  -8.030  1.00 0.73 ? 214 DA  C "H2''" 1 
ATOM 436  H "H1'"  . DA  B 2 2  ? -16.453 -10.469 -8.310  1.00 0.68 ? 214 DA  C "H1'"  1 
ATOM 437  H H8     . DA  B 2 2  ? -14.055 -9.328  -11.171 1.00 0.83 ? 214 DA  C H8     1 
ATOM 438  H H61    . DA  B 2 2  ? -10.434 -13.942 -9.236  1.00 0.59 ? 214 DA  C H61    1 
ATOM 439  H H2     . DA  B 2 2  ? -14.163 -13.965 -6.725  1.00 0.55 ? 214 DA  C H2     1 
ATOM 440  P P      . DG  B 2 3  ? -18.318 -6.945  -7.400  1.00 0.86 ? 215 DG  C P      1 
ATOM 441  O OP1    . DG  B 2 3  ? -19.674 -6.423  -7.128  1.00 0.93 ? 215 DG  C OP1    1 
ATOM 442  O OP2    . DG  B 2 3  ? -17.228 -6.013  -7.775  1.00 0.90 ? 215 DG  C OP2    1 
ATOM 443  O "O5'"  . DG  B 2 3  ? -17.821 -7.799  -6.130  1.00 0.74 ? 215 DG  C "O5'"  1 
ATOM 444  C "C5'"  . DG  B 2 3  ? -18.513 -8.994  -5.752  1.00 0.71 ? 215 DG  C "C5'"  1 
ATOM 445  C "C4'"  . DG  B 2 3  ? -17.766 -9.754  -4.658  1.00 0.62 ? 215 DG  C "C4'"  1 
ATOM 446  O "O4'"  . DG  B 2 3  ? -16.550 -10.278 -5.207  1.00 0.56 ? 215 DG  C "O4'"  1 
ATOM 447  C "C3'"  . DG  B 2 3  ? -17.398 -8.909  -3.433  1.00 0.62 ? 215 DG  C "C3'"  1 
ATOM 448  O "O3'"  . DG  B 2 3  ? -17.859 -9.567  -2.252  1.00 0.62 ? 215 DG  C "O3'"  1 
ATOM 449  C "C2'"  . DG  B 2 3  ? -15.876 -8.846  -3.429  1.00 0.56 ? 215 DG  C "C2'"  1 
ATOM 450  C "C1'"  . DG  B 2 3  ? -15.467 -10.010 -4.320  1.00 0.51 ? 215 DG  C "C1'"  1 
ATOM 451  N N9     . DG  B 2 3  ? -14.272 -9.746  -5.145  1.00 0.49 ? 215 DG  C N9     1 
ATOM 452  C C8     . DG  B 2 3  ? -14.022 -8.697  -5.982  1.00 0.53 ? 215 DG  C C8     1 
ATOM 453  N N7     . DG  B 2 3  ? -12.875 -8.735  -6.590  1.00 0.51 ? 215 DG  C N7     1 
ATOM 454  C C5     . DG  B 2 3  ? -12.306 -9.918  -6.122  1.00 0.45 ? 215 DG  C C5     1 
ATOM 455  C C6     . DG  B 2 3  ? -11.050 -10.506 -6.427  1.00 0.42 ? 215 DG  C C6     1 
ATOM 456  O O6     . DG  B 2 3  ? -10.173 -10.084 -7.178  1.00 0.44 ? 215 DG  C O6     1 
ATOM 457  N N1     . DG  B 2 3  ? -10.866 -11.699 -5.742  1.00 0.38 ? 215 DG  C N1     1 
ATOM 458  C C2     . DG  B 2 3  ? -11.774 -12.261 -4.869  1.00 0.38 ? 215 DG  C C2     1 
ATOM 459  N N2     . DG  B 2 3  ? -11.422 -13.422 -4.317  1.00 0.40 ? 215 DG  C N2     1 
ATOM 460  N N3     . DG  B 2 3  ? -12.957 -11.710 -4.577  1.00 0.41 ? 215 DG  C N3     1 
ATOM 461  C C4     . DG  B 2 3  ? -13.156 -10.546 -5.237  1.00 0.44 ? 215 DG  C C4     1 
ATOM 462  H "H5'"  . DG  B 2 3  ? -18.608 -9.636  -6.627  1.00 0.72 ? 215 DG  C "H5'"  1 
ATOM 463  H "H5''" . DG  B 2 3  ? -19.509 -8.739  -5.388  1.00 0.77 ? 215 DG  C "H5''" 1 
ATOM 464  H "H4'"  . DG  B 2 3  ? -18.382 -10.588 -4.330  1.00 0.63 ? 215 DG  C "H4'"  1 
ATOM 465  H "H3'"  . DG  B 2 3  ? -17.829 -7.907  -3.508  1.00 0.69 ? 215 DG  C "H3'"  1 
ATOM 466  H "H2'"  . DG  B 2 3  ? -15.528 -7.902  -3.849  1.00 0.61 ? 215 DG  C "H2'"  1 
ATOM 467  H "H2''" . DG  B 2 3  ? -15.491 -8.981  -2.418  1.00 0.55 ? 215 DG  C "H2''" 1 
ATOM 468  H "H1'"  . DG  B 2 3  ? -15.287 -10.891 -3.701  1.00 0.48 ? 215 DG  C "H1'"  1 
ATOM 469  H H8     . DG  B 2 3  ? -14.736 -7.888  -6.133  1.00 0.58 ? 215 DG  C H8     1 
ATOM 470  H H1     . DG  B 2 3  ? -9.993  -12.178 -5.912  1.00 0.38 ? 215 DG  C H1     1 
ATOM 471  H H21    . DG  B 2 3  ? -10.529 -13.838 -4.542  1.00 0.40 ? 215 DG  C H21    1 
ATOM 472  H H22    . DG  B 2 3  ? -12.049 -13.888 -3.676  1.00 0.42 ? 215 DG  C H22    1 
ATOM 473  P P      . DG  B 2 4  ? -17.677 -8.884  -0.804  1.00 0.65 ? 216 DG  C P      1 
ATOM 474  O OP1    . DG  B 2 4  ? -18.928 -9.066  -0.042  1.00 0.71 ? 216 DG  C OP1    1 
ATOM 475  O OP2    . DG  B 2 4  ? -17.124 -7.524  -1.007  1.00 0.69 ? 216 DG  C OP2    1 
ATOM 476  O "O5'"  . DG  B 2 4  ? -16.523 -9.789  -0.136  1.00 0.59 ? 216 DG  C "O5'"  1 
ATOM 477  C "C5'"  . DG  B 2 4  ? -16.658 -11.213 -0.097  1.00 0.56 ? 216 DG  C "C5'"  1 
ATOM 478  C "C4'"  . DG  B 2 4  ? -15.406 -11.884 0.465   1.00 0.52 ? 216 DG  C "C4'"  1 
ATOM 479  O "O4'"  . DG  B 2 4  ? -14.316 -11.662 -0.441  1.00 0.46 ? 216 DG  C "O4'"  1 
ATOM 480  C "C3'"  . DG  B 2 4  ? -14.975 -11.370 1.841   1.00 0.57 ? 216 DG  C "C3'"  1 
ATOM 481  O "O3'"  . DG  B 2 4  ? -14.633 -12.480 2.675   1.00 0.58 ? 216 DG  C "O3'"  1 
ATOM 482  C "C2'"  . DG  B 2 4  ? -13.737 -10.525 1.573   1.00 0.54 ? 216 DG  C "C2'"  1 
ATOM 483  C "C1'"  . DG  B 2 4  ? -13.213 -11.075 0.252   1.00 0.47 ? 216 DG  C "C1'"  1 
ATOM 484  N N9     . DG  B 2 4  ? -12.627 -10.051 -0.633  1.00 0.46 ? 216 DG  C N9     1 
ATOM 485  C C8     . DG  B 2 4  ? -13.136 -8.839  -1.003  1.00 0.50 ? 216 DG  C C8     1 
ATOM 486  N N7     . DG  B 2 4  ? -12.390 -8.150  -1.815  1.00 0.50 ? 216 DG  C N7     1 
ATOM 487  C C5     . DG  B 2 4  ? -11.281 -8.974  -2.005  1.00 0.45 ? 216 DG  C C5     1 
ATOM 488  C C6     . DG  B 2 4  ? -10.119 -8.765  -2.795  1.00 0.45 ? 216 DG  C C6     1 
ATOM 489  O O6     . DG  B 2 4  ? -9.835  -7.796  -3.495  1.00 0.48 ? 216 DG  C O6     1 
ATOM 490  N N1     . DG  B 2 4  ? -9.245  -9.841  -2.708  1.00 0.42 ? 216 DG  C N1     1 
ATOM 491  C C2     . DG  B 2 4  ? -9.461  -10.978 -1.957  1.00 0.41 ? 216 DG  C C2     1 
ATOM 492  N N2     . DG  B 2 4  ? -8.504  -11.905 -2.002  1.00 0.42 ? 216 DG  C N2     1 
ATOM 493  N N3     . DG  B 2 4  ? -10.553 -11.179 -1.214  1.00 0.41 ? 216 DG  C N3     1 
ATOM 494  C C4     . DG  B 2 4  ? -11.418 -10.139 -1.285  1.00 0.43 ? 216 DG  C C4     1 
ATOM 495  H "H5'"  . DG  B 2 4  ? -16.831 -11.578 -1.110  1.00 0.54 ? 216 DG  C "H5'"  1 
ATOM 496  H "H5''" . DG  B 2 4  ? -17.513 -11.480 0.527   1.00 0.60 ? 216 DG  C "H5''" 1 
ATOM 497  H "H4'"  . DG  B 2 4  ? -15.587 -12.955 0.534   1.00 0.53 ? 216 DG  C "H4'"  1 
ATOM 498  H "H3'"  . DG  B 2 4  ? -15.764 -10.772 2.300   1.00 0.63 ? 216 DG  C "H3'"  1 
ATOM 499  H "H2'"  . DG  B 2 4  ? -14.006 -9.473  1.471   1.00 0.58 ? 216 DG  C "H2'"  1 
ATOM 500  H "H2''" . DG  B 2 4  ? -13.002 -10.660 2.366   1.00 0.55 ? 216 DG  C "H2''" 1 
ATOM 501  H "H1'"  . DG  B 2 4  ? -12.467 -11.844 0.454   1.00 0.45 ? 216 DG  C "H1'"  1 
ATOM 502  H H8     . DG  B 2 4  ? -14.096 -8.473  -0.640  1.00 0.55 ? 216 DG  C H8     1 
ATOM 503  H H1     . DG  B 2 4  ? -8.393  -9.765  -3.245  1.00 0.43 ? 216 DG  C H1     1 
ATOM 504  H H21    . DG  B 2 4  ? -7.678  -11.753 -2.564  1.00 0.44 ? 216 DG  C H21    1 
ATOM 505  H H22    . DG  B 2 4  ? -8.604  -12.760 -1.474  1.00 0.44 ? 216 DG  C H22    1 
ATOM 506  P P      . DA  B 2 5  ? -14.187 -12.252 4.207   1.00 0.64 ? 217 DA  C P      1 
ATOM 507  O OP1    . DA  B 2 5  ? -14.789 -13.320 5.030   1.00 0.71 ? 217 DA  C OP1    1 
ATOM 508  O OP2    . DA  B 2 5  ? -14.432 -10.830 4.547   1.00 0.70 ? 217 DA  C OP2    1 
ATOM 509  O "O5'"  . DA  B 2 5  ? -12.594 -12.477 4.146   1.00 0.58 ? 217 DA  C "O5'"  1 
ATOM 510  C "C5'"  . DA  B 2 5  ? -12.060 -13.696 3.619   1.00 0.55 ? 217 DA  C "C5'"  1 
ATOM 511  C "C4'"  . DA  B 2 5  ? -10.532 -13.682 3.594   1.00 0.51 ? 217 DA  C "C4'"  1 
ATOM 512  O "O4'"  . DA  B 2 5  ? -10.093 -12.673 2.674   1.00 0.46 ? 217 DA  C "O4'"  1 
ATOM 513  C "C3'"  . DA  B 2 5  ? -9.877  -13.388 4.947   1.00 0.55 ? 217 DA  C "C3'"  1 
ATOM 514  O "O3'"  . DA  B 2 5  ? -8.804  -14.307 5.160   1.00 0.56 ? 217 DA  C "O3'"  1 
ATOM 515  C "C2'"  . DA  B 2 5  ? -9.330  -11.972 4.818   1.00 0.54 ? 217 DA  C "C2'"  1 
ATOM 516  C "C1'"  . DA  B 2 5  ? -9.166  -11.796 3.316   1.00 0.48 ? 217 DA  C "C1'"  1 
ATOM 517  N N9     . DA  B 2 5  ? -9.444  -10.429 2.833   1.00 0.47 ? 217 DA  C N9     1 
ATOM 518  C C8     . DA  B 2 5  ? -10.507 -9.616  3.108   1.00 0.52 ? 217 DA  C C8     1 
ATOM 519  N N7     . DA  B 2 5  ? -10.485 -8.461  2.512   1.00 0.52 ? 217 DA  C N7     1 
ATOM 520  C C5     . DA  B 2 5  ? -9.303  -8.508  1.776   1.00 0.47 ? 217 DA  C C5     1 
ATOM 521  C C6     . DA  B 2 5  ? -8.683  -7.594  0.917   1.00 0.46 ? 217 DA  C C6     1 
ATOM 522  N N6     . DA  B 2 5  ? -9.193  -6.394  0.638   1.00 0.51 ? 217 DA  C N6     1 
ATOM 523  N N1     . DA  B 2 5  ? -7.518  -7.963  0.357   1.00 0.43 ? 217 DA  C N1     1 
ATOM 524  C C2     . DA  B 2 5  ? -6.993  -9.159  0.623   1.00 0.41 ? 217 DA  C C2     1 
ATOM 525  N N3     . DA  B 2 5  ? -7.497  -10.097 1.419   1.00 0.41 ? 217 DA  C N3     1 
ATOM 526  C C4     . DA  B 2 5  ? -8.663  -9.701  1.968   1.00 0.44 ? 217 DA  C C4     1 
ATOM 527  H "H5'"  . DA  B 2 5  ? -12.429 -13.832 2.602   1.00 0.51 ? 217 DA  C "H5'"  1 
ATOM 528  H "H5''" . DA  B 2 5  ? -12.396 -14.534 4.232   1.00 0.60 ? 217 DA  C "H5''" 1 
ATOM 529  H "H4'"  . DA  B 2 5  ? -10.182 -14.650 3.240   1.00 0.51 ? 217 DA  C "H4'"  1 
ATOM 530  H "H3'"  . DA  B 2 5  ? -10.607 -13.453 5.757   1.00 0.60 ? 217 DA  C "H3'"  1 
ATOM 531  H "H2'"  . DA  B 2 5  ? -10.043 -11.249 5.215   1.00 0.58 ? 217 DA  C "H2'"  1 
ATOM 532  H "H2''" . DA  B 2 5  ? -8.370  -11.885 5.325   1.00 0.55 ? 217 DA  C "H2''" 1 
ATOM 533  H "H1'"  . DA  B 2 5  ? -8.151  -12.076 3.030   1.00 0.46 ? 217 DA  C "H1'"  1 
ATOM 534  H H8     . DA  B 2 5  ? -11.310 -9.910  3.783   1.00 0.56 ? 217 DA  C H8     1 
ATOM 535  H H61    . DA  B 2 5  ? -10.069 -6.110  1.054   1.00 0.55 ? 217 DA  C H61    1 
ATOM 536  H H2     . DA  B 2 5  ? -6.047  -9.393  0.135   1.00 0.40 ? 217 DA  C H2     1 
ATOM 537  P P      . DA  B 2 6  ? -7.937  -14.265 6.519   1.00 0.60 ? 218 DA  C P      1 
ATOM 538  O OP1    . DA  B 2 6  ? -7.654  -15.654 6.932   1.00 0.64 ? 218 DA  C OP1    1 
ATOM 539  O OP2    . DA  B 2 6  ? -8.608  -13.334 7.458   1.00 0.65 ? 218 DA  C OP2    1 
ATOM 540  O "O5'"  . DA  B 2 6  ? -6.565  -13.575 6.036   1.00 0.56 ? 218 DA  C "O5'"  1 
ATOM 541  C "C5'"  . DA  B 2 6  ? -5.842  -14.114 4.924   1.00 0.51 ? 218 DA  C "C5'"  1 
ATOM 542  C "C4'"  . DA  B 2 6  ? -4.583  -13.302 4.621   1.00 0.48 ? 218 DA  C "C4'"  1 
ATOM 543  O "O4'"  . DA  B 2 6  ? -4.971  -12.024 4.100   1.00 0.46 ? 218 DA  C "O4'"  1 
ATOM 544  C "C3'"  . DA  B 2 6  ? -3.681  -13.054 5.834   1.00 0.49 ? 218 DA  C "C3'"  1 
ATOM 545  O "O3'"  . DA  B 2 6  ? -2.336  -13.405 5.502   1.00 0.49 ? 218 DA  C "O3'"  1 
ATOM 546  C "C2'"  . DA  B 2 6  ? -3.768  -11.554 6.094   1.00 0.48 ? 218 DA  C "C2'"  1 
ATOM 547  C "C1'"  . DA  B 2 6  ? -4.242  -10.991 4.762   1.00 0.46 ? 218 DA  C "C1'"  1 
ATOM 548  N N9     . DA  B 2 6  ? -5.136  -9.823  4.885   1.00 0.46 ? 218 DA  C N9     1 
ATOM 549  C C8     . DA  B 2 6  ? -6.236  -9.660  5.677   1.00 0.48 ? 218 DA  C C8     1 
ATOM 550  N N7     . DA  B 2 6  ? -6.832  -8.510  5.563   1.00 0.48 ? 218 DA  C N7     1 
ATOM 551  C C5     . DA  B 2 6  ? -6.059  -7.848  4.610   1.00 0.47 ? 218 DA  C C5     1 
ATOM 552  C C6     . DA  B 2 6  ? -6.150  -6.577  4.032   1.00 0.47 ? 218 DA  C C6     1 
ATOM 553  N N6     . DA  B 2 6  ? -7.106  -5.701  4.344   1.00 0.50 ? 218 DA  C N6     1 
ATOM 554  N N1     . DA  B 2 6  ? -5.220  -6.243  3.122   1.00 0.46 ? 218 DA  C N1     1 
ATOM 555  C C2     . DA  B 2 6  ? -4.256  -7.105  2.799   1.00 0.44 ? 218 DA  C C2     1 
ATOM 556  N N3     . DA  B 2 6  ? -4.078  -8.329  3.284   1.00 0.44 ? 218 DA  C N3     1 
ATOM 557  C C4     . DA  B 2 6  ? -5.025  -8.639  4.194   1.00 0.45 ? 218 DA  C C4     1 
ATOM 558  H "H5'"  . DA  B 2 6  ? -6.489  -14.105 4.047   1.00 0.48 ? 218 DA  C "H5'"  1 
ATOM 559  H "H5''" . DA  B 2 6  ? -5.555  -15.143 5.144   1.00 0.54 ? 218 DA  C "H5''" 1 
ATOM 560  H "H4'"  . DA  B 2 6  ? -4.007  -13.826 3.860   1.00 0.47 ? 218 DA  C "H4'"  1 
ATOM 561  H "H3'"  . DA  B 2 6  ? -4.025  -13.619 6.702   1.00 0.52 ? 218 DA  C "H3'"  1 
ATOM 562  H "H2'"  . DA  B 2 6  ? -4.494  -11.342 6.880   1.00 0.50 ? 218 DA  C "H2'"  1 
ATOM 563  H "H2''" . DA  B 2 6  ? -2.790  -11.152 6.356   1.00 0.48 ? 218 DA  C "H2''" 1 
ATOM 564  H "H1'"  . DA  B 2 6  ? -3.377  -10.719 4.157   1.00 0.45 ? 218 DA  C "H1'"  1 
ATOM 565  H H8     . DA  B 2 6  ? -6.585  -10.433 6.360   1.00 0.50 ? 218 DA  C H8     1 
ATOM 566  H H61    . DA  B 2 6  ? -7.808  -5.943  5.028   1.00 0.51 ? 218 DA  C H61    1 
ATOM 567  H H2     . DA  B 2 6  ? -3.535  -6.768  2.054   1.00 0.44 ? 218 DA  C H2     1 
ATOM 568  P P      . DT  B 2 7  ? -1.161  -13.282 6.595   1.00 0.50 ? 219 DT  C P      1 
ATOM 569  O OP1    . DT  B 2 7  ? -0.172  -14.352 6.340   1.00 0.51 ? 219 DT  C OP1    1 
ATOM 570  O OP2    . DT  B 2 7  ? -1.787  -13.159 7.932   1.00 0.52 ? 219 DT  C OP2    1 
ATOM 571  O "O5'"  . DT  B 2 7  ? -0.487  -11.866 6.230   1.00 0.48 ? 219 DT  C "O5'"  1 
ATOM 572  C "C5'"  . DT  B 2 7  ? 0.011   -11.624 4.910   1.00 0.47 ? 219 DT  C "C5'"  1 
ATOM 573  C "C4'"  . DT  B 2 7  ? 0.610   -10.224 4.781   1.00 0.46 ? 219 DT  C "C4'"  1 
ATOM 574  O "O4'"  . DT  B 2 7  ? -0.435  -9.248  4.798   1.00 0.46 ? 219 DT  C "O4'"  1 
ATOM 575  C "C3'"  . DT  B 2 7  ? 1.610   -9.859  5.889   1.00 0.47 ? 219 DT  C "C3'"  1 
ATOM 576  O "O3'"  . DT  B 2 7  ? 2.873   -9.531  5.304   1.00 0.45 ? 219 DT  C "O3'"  1 
ATOM 577  C "C2'"  . DT  B 2 7  ? 1.015   -8.625  6.568   1.00 0.47 ? 219 DT  C "C2'"  1 
ATOM 578  C "C1'"  . DT  B 2 7  ? -0.006  -8.123  5.558   1.00 0.46 ? 219 DT  C "C1'"  1 
ATOM 579  N N1     . DT  B 2 7  ? -1.210  -7.502  6.167   1.00 0.46 ? 219 DT  C N1     1 
ATOM 580  C C2     . DT  B 2 7  ? -1.503  -6.184  5.843   1.00 0.47 ? 219 DT  C C2     1 
ATOM 581  O O2     . DT  B 2 7  ? -0.793  -5.523  5.085   1.00 0.49 ? 219 DT  C O2     1 
ATOM 582  N N3     . DT  B 2 7  ? -2.637  -5.651  6.429   1.00 0.48 ? 219 DT  C N3     1 
ATOM 583  C C4     . DT  B 2 7  ? -3.495  -6.309  7.295   1.00 0.48 ? 219 DT  C C4     1 
ATOM 584  O O4     . DT  B 2 7  ? -4.478  -5.737  7.761   1.00 0.49 ? 219 DT  C O4     1 
ATOM 585  C C5     . DT  B 2 7  ? -3.115  -7.675  7.572   1.00 0.47 ? 219 DT  C C5     1 
ATOM 586  C C7     . DT  B 2 7  ? -3.972  -8.509  8.521   1.00 0.48 ? 219 DT  C C7     1 
ATOM 587  C C6     . DT  B 2 7  ? -2.012  -8.220  7.014   1.00 0.46 ? 219 DT  C C6     1 
ATOM 588  H "H5'"  . DT  B 2 7  ? -0.819  -11.714 4.204   1.00 0.47 ? 219 DT  C "H5'"  1 
ATOM 589  H "H5''" . DT  B 2 7  ? 0.767   -12.366 4.665   1.00 0.48 ? 219 DT  C "H5''" 1 
ATOM 590  H "H4'"  . DT  B 2 7  ? 1.128   -10.161 3.823   1.00 0.46 ? 219 DT  C "H4'"  1 
ATOM 591  H "H3'"  . DT  B 2 7  ? 1.719   -10.679 6.603   1.00 0.49 ? 219 DT  C "H3'"  1 
ATOM 592  H "H2'"  . DT  B 2 7  ? 0.526   -8.898  7.502   1.00 0.49 ? 219 DT  C "H2'"  1 
ATOM 593  H "H2''" . DT  B 2 7  ? 1.787   -7.875  6.742   1.00 0.47 ? 219 DT  C "H2''" 1 
ATOM 594  H "H1'"  . DT  B 2 7  ? 0.477   -7.407  4.887   1.00 0.46 ? 219 DT  C "H1'"  1 
ATOM 595  H H3     . DT  B 2 7  ? -2.861  -4.691  6.206   1.00 0.49 ? 219 DT  C H3     1 
ATOM 596  H H71    . DT  B 2 7  ? -5.016  -8.212  8.425   1.00 1.12 ? 219 DT  C H71    1 
ATOM 597  H H72    . DT  B 2 7  ? -3.871  -9.566  8.273   1.00 1.11 ? 219 DT  C H72    1 
ATOM 598  H H73    . DT  B 2 7  ? -3.642  -8.344  9.547   1.00 1.13 ? 219 DT  C H73    1 
ATOM 599  H H6     . DT  B 2 7  ? -1.761  -9.256  7.237   1.00 0.46 ? 219 DT  C H6     1 
ATOM 600  P P      . DT  B 2 8  ? 4.126   -9.106  6.224   1.00 0.46 ? 220 DT  C P      1 
ATOM 601  O OP1    . DT  B 2 8  ? 5.355   -9.654  5.618   1.00 0.48 ? 220 DT  C OP1    1 
ATOM 602  O OP2    . DT  B 2 8  ? 3.788   -9.424  7.632   1.00 0.48 ? 220 DT  C OP2    1 
ATOM 603  O "O5'"  . DT  B 2 8  ? 4.139   -7.502  6.070   1.00 0.43 ? 220 DT  C "O5'"  1 
ATOM 604  C "C5'"  . DT  B 2 8  ? 4.264   -6.905  4.775   1.00 0.41 ? 220 DT  C "C5'"  1 
ATOM 605  C "C4'"  . DT  B 2 8  ? 4.021   -5.397  4.818   1.00 0.39 ? 220 DT  C "C4'"  1 
ATOM 606  O "O4'"  . DT  B 2 8  ? 2.680   -5.157  5.259   1.00 0.38 ? 220 DT  C "O4'"  1 
ATOM 607  C "C3'"  . DT  B 2 8  ? 4.960   -4.625  5.756   1.00 0.39 ? 220 DT  C "C3'"  1 
ATOM 608  O "O3'"  . DT  B 2 8  ? 5.710   -3.670  4.994   1.00 0.39 ? 220 DT  C "O3'"  1 
ATOM 609  C "C2'"  . DT  B 2 8  ? 4.042   -3.888  6.734   1.00 0.38 ? 220 DT  C "C2'"  1 
ATOM 610  C "C1'"  . DT  B 2 8  ? 2.660   -4.011  6.105   1.00 0.38 ? 220 DT  C "C1'"  1 
ATOM 611  N N1     . DT  B 2 8  ? 1.564   -4.197  7.088   1.00 0.40 ? 220 DT  C N1     1 
ATOM 612  C C2     . DT  B 2 8  ? 0.527   -3.273  7.097   1.00 0.43 ? 220 DT  C C2     1 
ATOM 613  O O2     . DT  B 2 8  ? 0.500   -2.313  6.328   1.00 0.45 ? 220 DT  C O2     1 
ATOM 614  N N3     . DT  B 2 8  ? -0.475  -3.492  8.025   1.00 0.45 ? 220 DT  C N3     1 
ATOM 615  C C4     . DT  B 2 8  ? -0.534  -4.537  8.932   1.00 0.45 ? 220 DT  C C4     1 
ATOM 616  O O4     . DT  B 2 8  ? -1.477  -4.636  9.716   1.00 0.48 ? 220 DT  C O4     1 
ATOM 617  C C5     . DT  B 2 8  ? 0.584   -5.447  8.851   1.00 0.42 ? 220 DT  C C5     1 
ATOM 618  C C7     . DT  B 2 8  ? 0.648   -6.639  9.802   1.00 0.45 ? 220 DT  C C7     1 
ATOM 619  C C6     . DT  B 2 8  ? 1.575   -5.258  7.954   1.00 0.40 ? 220 DT  C C6     1 
ATOM 620  H "H5'"  . DT  B 2 8  ? 3.533   -7.362  4.108   1.00 0.41 ? 220 DT  C "H5'"  1 
ATOM 621  H "H5''" . DT  B 2 8  ? 5.266   -7.093  4.384   1.00 0.43 ? 220 DT  C "H5''" 1 
ATOM 622  H "H4'"  . DT  B 2 8  ? 4.132   -4.999  3.812   1.00 0.39 ? 220 DT  C "H4'"  1 
ATOM 623  H "H3'"  . DT  B 2 8  ? 5.629   -5.305  6.288   1.00 0.42 ? 220 DT  C "H3'"  1 
ATOM 624  H "H2'"  . DT  B 2 8  ? 4.060   -4.367  7.712   1.00 0.40 ? 220 DT  C "H2'"  1 
ATOM 625  H "H2''" . DT  B 2 8  ? 4.336   -2.841  6.816   1.00 0.39 ? 220 DT  C "H2''" 1 
ATOM 626  H "H1'"  . DT  B 2 8  ? 2.462   -3.125  5.496   1.00 0.40 ? 220 DT  C "H1'"  1 
ATOM 627  H H3     . DT  B 2 8  ? -1.236  -2.827  8.045   1.00 0.49 ? 220 DT  C H3     1 
ATOM 628  H H71    . DT  B 2 8  ? 1.257   -6.378  10.668  1.00 1.05 ? 220 DT  C H71    1 
ATOM 629  H H72    . DT  B 2 8  ? -0.358  -6.897  10.130  1.00 1.13 ? 220 DT  C H72    1 
ATOM 630  H H73    . DT  B 2 8  ? 1.093   -7.491  9.288   1.00 1.17 ? 220 DT  C H73    1 
ATOM 631  H H6     . DT  B 2 8  ? 2.402   -5.966  7.918   1.00 0.40 ? 220 DT  C H6     1 
ATOM 632  P P      . DT  B 2 9  ? 6.934   -2.871  5.671   1.00 0.41 ? 221 DT  C P      1 
ATOM 633  O OP1    . DT  B 2 9  ? 7.896   -2.515  4.604   1.00 0.46 ? 221 DT  C OP1    1 
ATOM 634  O OP2    . DT  B 2 9  ? 7.391   -3.638  6.852   1.00 0.44 ? 221 DT  C OP2    1 
ATOM 635  O "O5'"  . DT  B 2 9  ? 6.234   -1.518  6.193   1.00 0.38 ? 221 DT  C "O5'"  1 
ATOM 636  C "C5'"  . DT  B 2 9  ? 5.650   -0.602  5.261   1.00 0.37 ? 221 DT  C "C5'"  1 
ATOM 637  C "C4'"  . DT  B 2 9  ? 4.927   0.545   5.964   1.00 0.36 ? 221 DT  C "C4'"  1 
ATOM 638  O "O4'"  . DT  B 2 9  ? 3.859   0.003   6.749   1.00 0.34 ? 221 DT  C "O4'"  1 
ATOM 639  C "C3'"  . DT  B 2 9  ? 5.808   1.383   6.900   1.00 0.36 ? 221 DT  C "C3'"  1 
ATOM 640  O "O3'"  . DT  B 2 9  ? 5.835   2.738   6.437   1.00 0.38 ? 221 DT  C "O3'"  1 
ATOM 641  C "C2'"  . DT  B 2 9  ? 5.117   1.327   8.265   1.00 0.36 ? 221 DT  C "C2'"  1 
ATOM 642  C "C1'"  . DT  B 2 9  ? 3.739   0.754   7.954   1.00 0.34 ? 221 DT  C "C1'"  1 
ATOM 643  N N1     . DT  B 2 9  ? 3.210   -0.154  9.002   1.00 0.32 ? 221 DT  C N1     1 
ATOM 644  C C2     . DT  B 2 9  ? 1.995   0.167   9.593   1.00 0.34 ? 221 DT  C C2     1 
ATOM 645  O O2     . DT  B 2 9  ? 1.359   1.172   9.277   1.00 0.39 ? 221 DT  C O2     1 
ATOM 646  N N3     . DT  B 2 9  ? 1.542   -0.707  10.564  1.00 0.35 ? 221 DT  C N3     1 
ATOM 647  C C4     . DT  B 2 9  ? 2.182   -1.858  10.990  1.00 0.34 ? 221 DT  C C4     1 
ATOM 648  O O4     . DT  B 2 9  ? 1.685   -2.565  11.864  1.00 0.37 ? 221 DT  C O4     1 
ATOM 649  C C5     . DT  B 2 9  ? 3.437   -2.113  10.320  1.00 0.32 ? 221 DT  C C5     1 
ATOM 650  C C7     . DT  B 2 9  ? 4.255   -3.341  10.711  1.00 0.37 ? 221 DT  C C7     1 
ATOM 651  C C6     . DT  B 2 9  ? 3.902   -1.276  9.368   1.00 0.31 ? 221 DT  C C6     1 
ATOM 652  H "H5'"  . DT  B 2 9  ? 4.942   -1.136  4.630   1.00 0.36 ? 221 DT  C "H5'"  1 
ATOM 653  H "H5''" . DT  B 2 9  ? 6.441   -0.186  4.631   1.00 0.41 ? 221 DT  C "H5''" 1 
ATOM 654  H "H4'"  . DT  B 2 9  ? 4.500   1.202   5.209   1.00 0.38 ? 221 DT  C "H4'"  1 
ATOM 655  H "H3'"  . DT  B 2 9  ? 6.818   0.973   6.960   1.00 0.39 ? 221 DT  C "H3'"  1 
ATOM 656  H "H2'"  . DT  B 2 9  ? 5.660   0.670   8.944   1.00 0.39 ? 221 DT  C "H2'"  1 
ATOM 657  H "H2''" . DT  B 2 9  ? 5.030   2.328   8.689   1.00 0.40 ? 221 DT  C "H2''" 1 
ATOM 658  H "H1'"  . DT  B 2 9  ? 3.037   1.576   7.789   1.00 0.37 ? 221 DT  C "H1'"  1 
ATOM 659  H H3     . DT  B 2 9  ? 0.659   -0.486  11.005  1.00 0.39 ? 221 DT  C H3     1 
ATOM 660  H H71    . DT  B 2 9  ? 4.977   -3.066  11.480  1.00 1.09 ? 221 DT  C H71    1 
ATOM 661  H H72    . DT  B 2 9  ? 3.590   -4.114  11.097  1.00 1.14 ? 221 DT  C H72    1 
ATOM 662  H H73    . DT  B 2 9  ? 4.784   -3.720  9.836   1.00 1.05 ? 221 DT  C H73    1 
ATOM 663  H H6     . DT  B 2 9  ? 4.847   -1.505  8.877   1.00 0.33 ? 221 DT  C H6     1 
ATOM 664  P P      . DC  B 2 10 ? 6.839   3.806   7.106   1.00 0.40 ? 222 DC  C P      1 
ATOM 665  O OP1    . DC  B 2 10 ? 7.241   4.775   6.062   1.00 0.45 ? 222 DC  C OP1    1 
ATOM 666  O OP2    . DC  B 2 10 ? 7.873   3.061   7.860   1.00 0.42 ? 222 DC  C OP2    1 
ATOM 667  O "O5'"  . DC  B 2 10 ? 5.896   4.566   8.167   1.00 0.35 ? 222 DC  C "O5'"  1 
ATOM 668  C "C5'"  . DC  B 2 10 ? 4.764   5.318   7.720   1.00 0.35 ? 222 DC  C "C5'"  1 
ATOM 669  C "C4'"  . DC  B 2 10 ? 3.904   5.801   8.887   1.00 0.34 ? 222 DC  C "C4'"  1 
ATOM 670  O "O4'"  . DC  B 2 10 ? 3.402   4.663   9.597   1.00 0.32 ? 222 DC  C "O4'"  1 
ATOM 671  C "C3'"  . DC  B 2 10 ? 4.637   6.690   9.899   1.00 0.36 ? 222 DC  C "C3'"  1 
ATOM 672  O "O3'"  . DC  B 2 10 ? 3.993   7.969   9.956   1.00 0.41 ? 222 DC  C "O3'"  1 
ATOM 673  C "C2'"  . DC  B 2 10 ? 4.487   5.979   11.245  1.00 0.34 ? 222 DC  C "C2'"  1 
ATOM 674  C "C1'"  . DC  B 2 10 ? 3.399   4.948   10.992  1.00 0.32 ? 222 DC  C "C1'"  1 
ATOM 675  N N1     . DC  B 2 10 ? 3.601   3.668   11.712  1.00 0.29 ? 222 DC  C N1     1 
ATOM 676  C C2     . DC  B 2 10 ? 2.618   3.251   12.606  1.00 0.32 ? 222 DC  C C2     1 
ATOM 677  O O2     . DC  B 2 10 ? 1.623   3.949   12.797  1.00 0.38 ? 222 DC  C O2     1 
ATOM 678  N N3     . DC  B 2 10 ? 2.795   2.068   13.255  1.00 0.33 ? 222 DC  C N3     1 
ATOM 679  C C4     . DC  B 2 10 ? 3.885   1.320   13.041  1.00 0.30 ? 222 DC  C C4     1 
ATOM 680  N N4     . DC  B 2 10 ? 4.027   0.165   13.694  1.00 0.34 ? 222 DC  C N4     1 
ATOM 681  C C5     . DC  B 2 10 ? 4.896   1.742   12.123  1.00 0.28 ? 222 DC  C C5     1 
ATOM 682  C C6     . DC  B 2 10 ? 4.715   2.915   11.485  1.00 0.28 ? 222 DC  C C6     1 
ATOM 683  H "H5'"  . DC  B 2 10 ? 4.158   4.696   7.064   1.00 0.35 ? 222 DC  C "H5'"  1 
ATOM 684  H "H5''" . DC  B 2 10 ? 5.116   6.187   7.158   1.00 0.39 ? 222 DC  C "H5''" 1 
ATOM 685  H "H4'"  . DC  B 2 10 ? 3.058   6.356   8.487   1.00 0.38 ? 222 DC  C "H4'"  1 
ATOM 686  H "H3'"  . DC  B 2 10 ? 5.690   6.800   9.634   1.00 0.39 ? 222 DC  C "H3'"  1 
ATOM 687  H "H2'"  . DC  B 2 10 ? 5.419   5.488   11.526  1.00 0.35 ? 222 DC  C "H2'"  1 
ATOM 688  H "H2''" . DC  B 2 10 ? 4.178   6.685   12.017  1.00 0.39 ? 222 DC  C "H2''" 1 
ATOM 689  H "H1'"  . DC  B 2 10 ? 2.428   5.374   11.263  1.00 0.36 ? 222 DC  C "H1'"  1 
ATOM 690  H H41    . DC  B 2 10 ? 3.316   -0.138  14.344  1.00 0.37 ? 222 DC  C H41    1 
ATOM 691  H H42    . DC  B 2 10 ? 4.845   -0.406  13.538  1.00 0.36 ? 222 DC  C H42    1 
ATOM 692  H H5     . DC  B 2 10 ? 5.785   1.135   11.945  1.00 0.31 ? 222 DC  C H5     1 
ATOM 693  H H6     . DC  B 2 10 ? 5.467   3.266   10.781  1.00 0.28 ? 222 DC  C H6     1 
ATOM 694  P P      . DC  B 2 11 ? 4.640   9.171   10.814  1.00 0.46 ? 223 DC  C P      1 
ATOM 695  O OP1    . DC  B 2 11 ? 4.249   10.449  10.181  1.00 0.54 ? 223 DC  C OP1    1 
ATOM 696  O OP2    . DC  B 2 11 ? 6.070   8.864   11.036  1.00 0.46 ? 223 DC  C OP2    1 
ATOM 697  O "O5'"  . DC  B 2 11 ? 3.877   9.053   12.229  1.00 0.46 ? 223 DC  C "O5'"  1 
ATOM 698  C "C5'"  . DC  B 2 11 ? 2.461   9.250   12.305  1.00 0.48 ? 223 DC  C "C5'"  1 
ATOM 699  C "C4'"  . DC  B 2 11 ? 1.932   9.013   13.719  1.00 0.52 ? 223 DC  C "C4'"  1 
ATOM 700  O "O4'"  . DC  B 2 11 ? 2.165   7.647   14.080  1.00 0.47 ? 223 DC  C "O4'"  1 
ATOM 701  C "C3'"  . DC  B 2 11 ? 2.568   9.894   14.800  1.00 0.61 ? 223 DC  C "C3'"  1 
ATOM 702  O "O3'"  . DC  B 2 11 ? 1.544   10.640  15.463  1.00 0.69 ? 223 DC  C "O3'"  1 
ATOM 703  C "C2'"  . DC  B 2 11 ? 3.210   8.920   15.789  1.00 0.60 ? 223 DC  C "C2'"  1 
ATOM 704  C "C1'"  . DC  B 2 11 ? 2.573   7.581   15.444  1.00 0.52 ? 223 DC  C "C1'"  1 
ATOM 705  N N1     . DC  B 2 11 ? 3.485   6.419   15.578  1.00 0.50 ? 223 DC  C N1     1 
ATOM 706  C C2     . DC  B 2 11 ? 3.118   5.391   16.443  1.00 0.51 ? 223 DC  C C2     1 
ATOM 707  O O2     . DC  B 2 11 ? 2.079   5.477   17.097  1.00 0.54 ? 223 DC  C O2     1 
ATOM 708  N N3     . DC  B 2 11 ? 3.936   4.309   16.542  1.00 0.52 ? 223 DC  C N3     1 
ATOM 709  C C4     . DC  B 2 11 ? 5.067   4.230   15.828  1.00 0.51 ? 223 DC  C C4     1 
ATOM 710  N N4     . DC  B 2 11 ? 5.847   3.153   15.949  1.00 0.55 ? 223 DC  C N4     1 
ATOM 711  C C5     . DC  B 2 11 ? 5.449   5.283   14.940  1.00 0.49 ? 223 DC  C C5     1 
ATOM 712  C C6     . DC  B 2 11 ? 4.634   6.352   14.846  1.00 0.48 ? 223 DC  C C6     1 
ATOM 713  H "H5'"  . DC  B 2 11 ? 1.967   8.565   11.620  1.00 0.45 ? 223 DC  C "H5'"  1 
ATOM 714  H "H5''" . DC  B 2 11 ? 2.230   10.276  12.010  1.00 0.54 ? 223 DC  C "H5''" 1 
ATOM 715  H "H4'"  . DC  B 2 11 ? 0.856   9.189   13.719  1.00 0.56 ? 223 DC  C "H4'"  1 
ATOM 716  H "H3'"  . DC  B 2 11 ? 3.318   10.562  14.370  1.00 0.65 ? 223 DC  C "H3'"  1 
ATOM 717  H "H2'"  . DC  B 2 11 ? 4.290   8.878   15.642  1.00 0.61 ? 223 DC  C "H2'"  1 
ATOM 718  H "H2''" . DC  B 2 11 ? 2.974   9.206   16.815  1.00 0.66 ? 223 DC  C "H2''" 1 
ATOM 719  H "H1'"  . DC  B 2 11 ? 1.690   7.432   16.070  1.00 0.54 ? 223 DC  C "H1'"  1 
ATOM 720  H H41    . DC  B 2 11 ? 5.583   2.407   16.576  1.00 0.59 ? 223 DC  C H41    1 
ATOM 721  H H42    . DC  B 2 11 ? 6.701   3.086   15.414  1.00 0.56 ? 223 DC  C H42    1 
ATOM 722  H H5     . DC  B 2 11 ? 6.369   5.222   14.357  1.00 0.50 ? 223 DC  C H5     1 
ATOM 723  H H6     . DC  B 2 11 ? 4.896   7.172   14.178  1.00 0.50 ? 223 DC  C H6     1 
ATOM 724  P P      . DC  B 2 12 ? 1.920   11.773  16.547  1.00 0.80 ? 224 DC  C P      1 
ATOM 725  O OP1    . DC  B 2 12 ? 0.871   12.814  16.513  1.00 0.89 ? 224 DC  C OP1    1 
ATOM 726  O OP2    . DC  B 2 12 ? 3.339   12.144  16.351  1.00 0.82 ? 224 DC  C OP2    1 
ATOM 727  O "O5'"  . DC  B 2 12 ? 1.799   10.976  17.942  1.00 0.81 ? 224 DC  C "O5'"  1 
ATOM 728  C "C5'"  . DC  B 2 12 ? 0.530   10.493  18.388  1.00 0.82 ? 224 DC  C "C5'"  1 
ATOM 729  C "C4'"  . DC  B 2 12 ? 0.655   9.628   19.643  1.00 0.84 ? 224 DC  C "C4'"  1 
ATOM 730  O "O4'"  . DC  B 2 12 ? 1.558   8.552   19.367  1.00 0.79 ? 224 DC  C "O4'"  1 
ATOM 731  C "C3'"  . DC  B 2 12 ? 1.177   10.367  20.885  1.00 0.94 ? 224 DC  C "C3'"  1 
ATOM 732  O "O3'"  . DC  B 2 12 ? 0.215   10.331  21.945  1.00 1.02 ? 224 DC  C "O3'"  1 
ATOM 733  C "C2'"  . DC  B 2 12 ? 2.453   9.614   21.281  1.00 0.95 ? 224 DC  C "C2'"  1 
ATOM 734  C "C1'"  . DC  B 2 12 ? 2.344   8.297   20.523  1.00 0.85 ? 224 DC  C "C1'"  1 
ATOM 735  N N1     . DC  B 2 12 ? 3.644   7.740   20.070  1.00 0.84 ? 224 DC  C N1     1 
ATOM 736  C C2     . DC  B 2 12 ? 3.983   6.455   20.484  1.00 0.85 ? 224 DC  C C2     1 
ATOM 737  O O2     . DC  B 2 12 ? 3.216   5.818   21.204  1.00 0.85 ? 224 DC  C O2     1 
ATOM 738  N N3     . DC  B 2 12 ? 5.171   5.935   20.072  1.00 0.87 ? 224 DC  C N3     1 
ATOM 739  C C4     . DC  B 2 12 ? 6.001   6.641   19.292  1.00 0.89 ? 224 DC  C C4     1 
ATOM 740  N N4     . DC  B 2 12 ? 7.161   6.102   18.912  1.00 0.95 ? 224 DC  C N4     1 
ATOM 741  C C5     . DC  B 2 12 ? 5.659   7.962   18.863  1.00 0.87 ? 224 DC  C C5     1 
ATOM 742  C C6     . DC  B 2 12 ? 4.478   8.469   19.271  1.00 0.84 ? 224 DC  C C6     1 
ATOM 743  H "H5'"  . DC  B 2 12 ? 0.072   9.904   17.596  1.00 0.77 ? 224 DC  C "H5'"  1 
ATOM 744  H "H5''" . DC  B 2 12 ? -0.114  11.347  18.613  1.00 0.88 ? 224 DC  C "H5''" 1 
ATOM 745  H "H4'"  . DC  B 2 12 ? -0.321  9.209   19.873  1.00 0.86 ? 224 DC  C "H4'"  1 
ATOM 746  H "H3'"  . DC  B 2 12 ? 1.416   11.402  20.638  1.00 0.97 ? 224 DC  C "H3'"  1 
ATOM 747  H "HO3'" . DC  B 2 12 ? -0.289  9.520   21.845  1.00 1.38 ? 224 DC  C "HO3'" 1 
ATOM 748  H "H2'"  . DC  B 2 12 ? 3.337   10.167  20.967  1.00 0.96 ? 224 DC  C "H2'"  1 
ATOM 749  H "H2''" . DC  B 2 12 ? 2.473   9.439   22.357  1.00 1.03 ? 224 DC  C "H2''" 1 
ATOM 750  H "H1'"  . DC  B 2 12 ? 1.828   7.566   21.149  1.00 0.88 ? 224 DC  C "H1'"  1 
ATOM 751  H H41    . DC  B 2 12 ? 7.408   5.169   19.212  1.00 0.99 ? 224 DC  C H41    1 
ATOM 752  H H42    . DC  B 2 12 ? 7.792   6.626   18.324  1.00 0.98 ? 224 DC  C H42    1 
ATOM 753  H H5     . DC  B 2 12 ? 6.331   8.538   18.227  1.00 0.90 ? 224 DC  C H5     1 
ATOM 754  H H6     . DC  B 2 12 ? 4.183   9.467   18.949  1.00 0.85 ? 224 DC  C H6     1 
ATOM 755  N N      . VAL C 3 1  ? 10.447  -15.313 -11.085 1.00 6.16 ? 3   VAL A N      1 
ATOM 756  C CA     . VAL C 3 1  ? 9.561   -14.193 -10.668 1.00 5.53 ? 3   VAL A CA     1 
ATOM 757  C C      . VAL C 3 1  ? 9.285   -13.284 -11.872 1.00 4.71 ? 3   VAL A C      1 
ATOM 758  O O      . VAL C 3 1  ? 9.631   -12.120 -11.877 1.00 4.41 ? 3   VAL A O      1 
ATOM 759  C CB     . VAL C 3 1  ? 10.246  -13.402 -9.536  1.00 5.89 ? 3   VAL A CB     1 
ATOM 760  C CG1    . VAL C 3 1  ? 11.602  -12.856 -10.013 1.00 6.30 ? 3   VAL A CG1    1 
ATOM 761  C CG2    . VAL C 3 1  ? 9.343   -12.241 -9.081  1.00 6.15 ? 3   VAL A CG2    1 
ATOM 762  H H      . VAL C 3 1  ? 10.900  -15.283 -11.953 1.00 6.48 ? 3   VAL A H      1 
ATOM 763  H HA     . VAL C 3 1  ? 8.627   -14.595 -10.304 1.00 5.78 ? 3   VAL A HA     1 
ATOM 764  H HB     . VAL C 3 1  ? 10.413  -14.067 -8.702  1.00 6.15 ? 3   VAL A HB     1 
ATOM 765  H HG11   . VAL C 3 1  ? 12.052  -13.553 -10.704 1.00 6.50 ? 3   VAL A HG11   1 
ATOM 766  H HG12   . VAL C 3 1  ? 11.461  -11.903 -10.503 1.00 6.43 ? 3   VAL A HG12   1 
ATOM 767  H HG13   . VAL C 3 1  ? 12.255  -12.726 -9.161  1.00 6.64 ? 3   VAL A HG13   1 
ATOM 768  H HG21   . VAL C 3 1  ? 8.307   -12.537 -9.156  1.00 6.24 ? 3   VAL A HG21   1 
ATOM 769  H HG22   . VAL C 3 1  ? 9.569   -11.993 -8.054  1.00 6.37 ? 3   VAL A HG22   1 
ATOM 770  H HG23   . VAL C 3 1  ? 9.517   -11.376 -9.703  1.00 6.43 ? 3   VAL A HG23   1 
ATOM 771  N N      . PRO C 3 2  ? 8.657   -13.817 -12.894 1.00 4.74 ? 4   PRO A N      1 
ATOM 772  C CA     . PRO C 3 2  ? 8.324   -13.042 -14.126 1.00 4.47 ? 4   PRO A CA     1 
ATOM 773  C C      . PRO C 3 2  ? 7.171   -12.061 -13.879 1.00 3.71 ? 4   PRO A C      1 
ATOM 774  O O      . PRO C 3 2  ? 6.989   -11.103 -14.604 1.00 3.47 ? 4   PRO A O      1 
ATOM 775  C CB     . PRO C 3 2  ? 7.918   -14.123 -15.133 1.00 5.27 ? 4   PRO A CB     1 
ATOM 776  C CG     . PRO C 3 2  ? 7.400   -15.249 -14.299 1.00 5.82 ? 4   PRO A CG     1 
ATOM 777  C CD     . PRO C 3 2  ? 8.194   -15.214 -12.989 1.00 5.53 ? 4   PRO A CD     1 
ATOM 778  H HA     . PRO C 3 2  ? 9.194   -12.517 -14.485 1.00 4.66 ? 4   PRO A HA     1 
ATOM 779  H HB2    . PRO C 3 2  ? 7.147   -13.752 -15.796 1.00 5.28 ? 4   PRO A HB2    1 
ATOM 780  H HB3    . PRO C 3 2  ? 8.777   -14.450 -15.700 1.00 5.72 ? 4   PRO A HB3    1 
ATOM 781  H HG2    . PRO C 3 2  ? 6.344   -15.106 -14.103 1.00 6.02 ? 4   PRO A HG2    1 
ATOM 782  H HG3    . PRO C 3 2  ? 7.560   -16.191 -14.799 1.00 6.50 ? 4   PRO A HG3    1 
ATOM 783  H HD2    . PRO C 3 2  ? 7.554   -15.464 -12.154 1.00 5.57 ? 4   PRO A HD2    1 
ATOM 784  H HD3    . PRO C 3 2  ? 9.038   -15.885 -13.038 1.00 6.11 ? 4   PRO A HD3    1 
ATOM 785  N N      . THR C 3 3  ? 6.396   -12.303 -12.854 1.00 3.56 ? 5   THR A N      1 
ATOM 786  C CA     . THR C 3 3  ? 5.251   -11.397 -12.530 1.00 3.04 ? 5   THR A CA     1 
ATOM 787  C C      . THR C 3 3  ? 5.596   -10.575 -11.278 1.00 2.29 ? 5   THR A C      1 
ATOM 788  O O      . THR C 3 3  ? 5.523   -11.084 -10.178 1.00 2.41 ? 5   THR A O      1 
ATOM 789  C CB     . THR C 3 3  ? 4.013   -12.251 -12.226 1.00 3.54 ? 5   THR A CB     1 
ATOM 790  O OG1    . THR C 3 3  ? 4.366   -13.278 -11.308 1.00 3.93 ? 5   THR A OG1    1 
ATOM 791  C CG2    . THR C 3 3  ? 3.480   -12.881 -13.514 1.00 4.39 ? 5   THR A CG2    1 
ATOM 792  H H      . THR C 3 3  ? 6.571   -13.085 -12.288 1.00 3.93 ? 5   THR A H      1 
ATOM 793  H HA     . THR C 3 3  ? 5.043   -10.744 -13.364 1.00 3.14 ? 5   THR A HA     1 
ATOM 794  H HB     . THR C 3 3  ? 3.246   -11.631 -11.789 1.00 3.52 ? 5   THR A HB     1 
ATOM 795  H HG1    . THR C 3 3  ? 3.661   -13.930 -11.304 1.00 4.17 ? 5   THR A HG1    1 
ATOM 796  H HG21   . THR C 3 3  ? 4.304   -13.276 -14.089 1.00 4.83 ? 5   THR A HG21   1 
ATOM 797  H HG22   . THR C 3 3  ? 2.798   -13.683 -13.267 1.00 4.64 ? 5   THR A HG22   1 
ATOM 798  H HG23   . THR C 3 3  ? 2.961   -12.133 -14.093 1.00 4.77 ? 5   THR A HG23   1 
ATOM 799  N N      . PRO C 3 4  ? 5.965   -9.319  -11.418 1.00 1.92 ? 6   PRO A N      1 
ATOM 800  C CA     . PRO C 3 4  ? 6.309   -8.468  -10.240 1.00 1.65 ? 6   PRO A CA     1 
ATOM 801  C C      . PRO C 3 4  ? 5.227   -8.534  -9.154  1.00 1.26 ? 6   PRO A C      1 
ATOM 802  O O      . PRO C 3 4  ? 4.382   -7.667  -9.049  1.00 1.20 ? 6   PRO A O      1 
ATOM 803  C CB     . PRO C 3 4  ? 6.421   -7.056  -10.829 1.00 2.19 ? 6   PRO A CB     1 
ATOM 804  C CG     . PRO C 3 4  ? 6.782   -7.267  -12.262 1.00 2.61 ? 6   PRO A CG     1 
ATOM 805  C CD     . PRO C 3 4  ? 6.098   -8.570  -12.684 1.00 2.39 ? 6   PRO A CD     1 
ATOM 806  H HA     . PRO C 3 4  ? 7.262   -8.766  -9.833  1.00 1.88 ? 6   PRO A HA     1 
ATOM 807  H HB2    . PRO C 3 4  ? 5.474   -6.536  -10.750 1.00 2.32 ? 6   PRO A HB2    1 
ATOM 808  H HB3    . PRO C 3 4  ? 7.199   -6.498  -10.329 1.00 2.56 ? 6   PRO A HB3    1 
ATOM 809  H HG2    . PRO C 3 4  ? 6.424   -6.440  -12.860 1.00 3.08 ? 6   PRO A HG2    1 
ATOM 810  H HG3    . PRO C 3 4  ? 7.852   -7.368  -12.365 1.00 3.04 ? 6   PRO A HG3    1 
ATOM 811  H HD2    . PRO C 3 4  ? 5.125   -8.364  -13.113 1.00 2.80 ? 6   PRO A HD2    1 
ATOM 812  H HD3    . PRO C 3 4  ? 6.715   -9.115  -13.381 1.00 2.57 ? 6   PRO A HD3    1 
ATOM 813  N N      . LYS C 3 5  ? 5.246   -9.562  -8.347  1.00 1.12 ? 7   LYS A N      1 
ATOM 814  C CA     . LYS C 3 5  ? 4.217   -9.684  -7.277  1.00 0.81 ? 7   LYS A CA     1 
ATOM 815  C C      . LYS C 3 5  ? 4.651   -8.864  -6.062  1.00 0.70 ? 7   LYS A C      1 
ATOM 816  O O      . LYS C 3 5  ? 5.613   -9.185  -5.392  1.00 0.72 ? 7   LYS A O      1 
ATOM 817  C CB     . LYS C 3 5  ? 4.069   -11.157 -6.869  1.00 0.90 ? 7   LYS A CB     1 
ATOM 818  C CG     . LYS C 3 5  ? 3.721   -12.029 -8.098  1.00 1.01 ? 7   LYS A CG     1 
ATOM 819  C CD     . LYS C 3 5  ? 2.493   -12.906 -7.790  1.00 1.52 ? 7   LYS A CD     1 
ATOM 820  C CE     . LYS C 3 5  ? 2.247   -13.918 -8.922  1.00 2.01 ? 7   LYS A CE     1 
ATOM 821  N NZ     . LYS C 3 5  ? 1.697   -15.180 -8.344  1.00 2.60 ? 7   LYS A NZ     1 
ATOM 822  H H      . LYS C 3 5  ? 5.933   -10.253 -8.449  1.00 1.29 ? 7   LYS A H      1 
ATOM 823  H HA     . LYS C 3 5  ? 3.269   -9.315  -7.641  1.00 0.75 ? 7   LYS A HA     1 
ATOM 824  H HB2    . LYS C 3 5  ? 5.000   -11.497 -6.435  1.00 1.11 ? 7   LYS A HB2    1 
ATOM 825  H HB3    . LYS C 3 5  ? 3.284   -11.241 -6.132  1.00 0.83 ? 7   LYS A HB3    1 
ATOM 826  H HG2    . LYS C 3 5  ? 3.505   -11.397 -8.947  1.00 1.39 ? 7   LYS A HG2    1 
ATOM 827  H HG3    . LYS C 3 5  ? 4.561   -12.668 -8.334  1.00 1.56 ? 7   LYS A HG3    1 
ATOM 828  H HD2    . LYS C 3 5  ? 2.660   -13.438 -6.865  1.00 2.07 ? 7   LYS A HD2    1 
ATOM 829  H HD3    . LYS C 3 5  ? 1.625   -12.272 -7.682  1.00 2.09 ? 7   LYS A HD3    1 
ATOM 830  H HE2    . LYS C 3 5  ? 1.535   -13.509 -9.626  1.00 2.57 ? 7   LYS A HE2    1 
ATOM 831  H HE3    . LYS C 3 5  ? 3.173   -14.133 -9.434  1.00 2.27 ? 7   LYS A HE3    1 
ATOM 832  H HZ1    . LYS C 3 5  ? 1.265   -14.979 -7.420  1.00 2.99 ? 7   LYS A HZ1    1 
ATOM 833  H HZ2    . LYS C 3 5  ? 0.978   -15.572 -8.986  1.00 2.97 ? 7   LYS A HZ2    1 
ATOM 834  H HZ3    . LYS C 3 5  ? 2.466   -15.869 -8.221  1.00 2.98 ? 7   LYS A HZ3    1 
ATOM 835  N N      . ARG C 3 6  ? 3.943   -7.809  -5.767  1.00 0.62 ? 8   ARG A N      1 
ATOM 836  C CA     . ARG C 3 6  ? 4.307   -6.968  -4.590  1.00 0.55 ? 8   ARG A CA     1 
ATOM 837  C C      . ARG C 3 6  ? 3.652   -7.570  -3.340  1.00 0.53 ? 8   ARG A C      1 
ATOM 838  O O      . ARG C 3 6  ? 2.558   -8.094  -3.411  1.00 0.63 ? 8   ARG A O      1 
ATOM 839  C CB     . ARG C 3 6  ? 3.786   -5.544  -4.811  1.00 0.53 ? 8   ARG A CB     1 
ATOM 840  C CG     . ARG C 3 6  ? 4.159   -5.075  -6.221  1.00 0.63 ? 8   ARG A CG     1 
ATOM 841  C CD     . ARG C 3 6  ? 3.649   -3.649  -6.443  1.00 0.70 ? 8   ARG A CD     1 
ATOM 842  N NE     . ARG C 3 6  ? 4.077   -3.176  -7.790  1.00 1.47 ? 8   ARG A NE     1 
ATOM 843  C CZ     . ARG C 3 6  ? 3.519   -2.123  -8.322  1.00 2.04 ? 8   ARG A CZ     1 
ATOM 844  N NH1    . ARG C 3 6  ? 2.585   -1.481  -7.675  1.00 2.20 ? 8   ARG A NH1    1 
ATOM 845  N NH2    . ARG C 3 6  ? 3.895   -1.712  -9.502  1.00 2.94 ? 8   ARG A NH2    1 
ATOM 846  H H      . ARG C 3 6  ? 3.168   -7.570  -6.318  1.00 0.64 ? 8   ARG A H      1 
ATOM 847  H HA     . ARG C 3 6  ? 5.380   -6.951  -4.478  1.00 0.57 ? 8   ARG A HA     1 
ATOM 848  H HB2    . ARG C 3 6  ? 2.712   -5.532  -4.700  1.00 0.56 ? 8   ARG A HB2    1 
ATOM 849  H HB3    . ARG C 3 6  ? 4.232   -4.880  -4.085  1.00 0.51 ? 8   ARG A HB3    1 
ATOM 850  H HG2    . ARG C 3 6  ? 5.233   -5.094  -6.334  1.00 0.69 ? 8   ARG A HG2    1 
ATOM 851  H HG3    . ARG C 3 6  ? 3.708   -5.733  -6.949  1.00 0.73 ? 8   ARG A HG3    1 
ATOM 852  H HD2    . ARG C 3 6  ? 2.570   -3.638  -6.383  1.00 1.11 ? 8   ARG A HD2    1 
ATOM 853  H HD3    . ARG C 3 6  ? 4.059   -2.998  -5.686  1.00 1.08 ? 8   ARG A HD3    1 
ATOM 854  H HE     . ARG C 3 6  ? 4.777   -3.657  -8.277  1.00 2.01 ? 8   ARG A HE     1 
ATOM 855  H HH11   . ARG C 3 6  ? 2.296   -1.796  -6.770  1.00 2.05 ? 8   ARG A HH11   1 
ATOM 856  H HH12   . ARG C 3 6  ? 2.158   -0.674  -8.083  1.00 2.85 ? 8   ARG A HH12   1 
ATOM 857  H HH21   . ARG C 3 6  ? 4.610   -2.204  -9.998  1.00 3.34 ? 8   ARG A HH21   1 
ATOM 858  H HH22   . ARG C 3 6  ? 3.469   -0.905  -9.910  1.00 3.42 ? 8   ARG A HH22   1 
ATOM 859  N N      . PRO C 3 7  ? 4.305   -7.510  -2.203  1.00 0.52 ? 9   PRO A N      1 
ATOM 860  C CA     . PRO C 3 7  ? 3.747   -8.078  -0.941  1.00 0.53 ? 9   PRO A CA     1 
ATOM 861  C C      . PRO C 3 7  ? 2.602   -7.224  -0.384  1.00 0.49 ? 9   PRO A C      1 
ATOM 862  O O      . PRO C 3 7  ? 2.617   -6.013  -0.476  1.00 0.57 ? 9   PRO A O      1 
ATOM 863  C CB     . PRO C 3 7  ? 4.944   -8.073  0.015   1.00 0.58 ? 9   PRO A CB     1 
ATOM 864  C CG     . PRO C 3 7  ? 5.801   -6.948  -0.461  1.00 0.79 ? 9   PRO A CG     1 
ATOM 865  C CD     . PRO C 3 7  ? 5.632   -6.903  -1.983  1.00 0.63 ? 9   PRO A CD     1 
ATOM 866  H HA     . PRO C 3 7  ? 3.415   -9.091  -1.099  1.00 0.57 ? 9   PRO A HA     1 
ATOM 867  H HB2    . PRO C 3 7  ? 4.618   -7.903  1.032   1.00 0.66 ? 9   PRO A HB2    1 
ATOM 868  H HB3    . PRO C 3 7  ? 5.486   -9.005  -0.057  1.00 0.83 ? 9   PRO A HB3    1 
ATOM 869  H HG2    . PRO C 3 7  ? 5.469   -6.017  -0.017  1.00 1.08 ? 9   PRO A HG2    1 
ATOM 870  H HG3    . PRO C 3 7  ? 6.835   -7.131  -0.214  1.00 1.11 ? 9   PRO A HG3    1 
ATOM 871  H HD2    . PRO C 3 7  ? 5.651   -5.880  -2.337  1.00 0.68 ? 9   PRO A HD2    1 
ATOM 872  H HD3    . PRO C 3 7  ? 6.396   -7.490  -2.468  1.00 0.68 ? 9   PRO A HD3    1 
ATOM 873  N N      . ARG C 3 8  ? 1.611   -7.847  0.195   1.00 0.45 ? 10  ARG A N      1 
ATOM 874  C CA     . ARG C 3 8  ? 0.472   -7.067  0.755   1.00 0.43 ? 10  ARG A CA     1 
ATOM 875  C C      . ARG C 3 8  ? 1.009   -6.111  1.820   1.00 0.44 ? 10  ARG A C      1 
ATOM 876  O O      . ARG C 3 8  ? 1.694   -6.517  2.737   1.00 0.50 ? 10  ARG A O      1 
ATOM 877  C CB     . ARG C 3 8  ? -0.533  -8.027  1.396   1.00 0.44 ? 10  ARG A CB     1 
ATOM 878  C CG     . ARG C 3 8  ? -1.172  -8.901  0.314   1.00 0.43 ? 10  ARG A CG     1 
ATOM 879  C CD     . ARG C 3 8  ? -1.990  -10.018 0.968   1.00 0.42 ? 10  ARG A CD     1 
ATOM 880  N NE     . ARG C 3 8  ? -2.961  -10.567 -0.019  1.00 0.46 ? 10  ARG A NE     1 
ATOM 881  C CZ     . ARG C 3 8  ? -3.548  -11.709 0.211   1.00 0.47 ? 10  ARG A CZ     1 
ATOM 882  N NH1    . ARG C 3 8  ? -3.280  -12.372 1.303   1.00 0.46 ? 10  ARG A NH1    1 
ATOM 883  N NH2    . ARG C 3 8  ? -4.404  -12.189 -0.650  1.00 0.57 ? 10  ARG A NH2    1 
ATOM 884  H H      . ARG C 3 8  ? 1.617   -8.825  0.260   1.00 0.49 ? 10  ARG A H      1 
ATOM 885  H HA     . ARG C 3 8  ? -0.008  -6.506  -0.031  1.00 0.42 ? 10  ARG A HA     1 
ATOM 886  H HB2    . ARG C 3 8  ? -0.026  -8.654  2.113   1.00 0.48 ? 10  ARG A HB2    1 
ATOM 887  H HB3    . ARG C 3 8  ? -1.304  -7.459  1.896   1.00 0.46 ? 10  ARG A HB3    1 
ATOM 888  H HG2    . ARG C 3 8  ? -1.820  -8.295  -0.303  1.00 0.45 ? 10  ARG A HG2    1 
ATOM 889  H HG3    . ARG C 3 8  ? -0.398  -9.337  -0.299  1.00 0.44 ? 10  ARG A HG3    1 
ATOM 890  H HD2    . ARG C 3 8  ? -1.326  -10.807 1.293   1.00 0.45 ? 10  ARG A HD2    1 
ATOM 891  H HD3    . ARG C 3 8  ? -2.525  -9.625  1.820   1.00 0.46 ? 10  ARG A HD3    1 
ATOM 892  H HE     . ARG C 3 8  ? -3.160  -10.066 -0.839  1.00 0.51 ? 10  ARG A HE     1 
ATOM 893  H HH11   . ARG C 3 8  ? -2.626  -12.004 1.963   1.00 0.47 ? 10  ARG A HH11   1 
ATOM 894  H HH12   . ARG C 3 8  ? -3.731  -13.247 1.480   1.00 0.49 ? 10  ARG A HH12   1 
ATOM 895  H HH21   . ARG C 3 8  ? -4.610  -11.681 -1.486  1.00 0.65 ? 10  ARG A HH21   1 
ATOM 896  H HH22   . ARG C 3 8  ? -4.852  -13.065 -0.474  1.00 0.60 ? 10  ARG A HH22   1 
ATOM 897  N N      . GLY C 3 9  ? 0.706   -4.846  1.714   1.00 0.41 ? 11  GLY A N      1 
ATOM 898  C CA     . GLY C 3 9  ? 1.215   -3.888  2.735   1.00 0.44 ? 11  GLY A CA     1 
ATOM 899  C C      . GLY C 3 9  ? 0.860   -2.454  2.339   1.00 0.42 ? 11  GLY A C      1 
ATOM 900  O O      . GLY C 3 9  ? 0.352   -2.198  1.265   1.00 0.46 ? 11  GLY A O      1 
ATOM 901  H H      . GLY C 3 9  ? 0.152   -4.528  0.969   1.00 0.41 ? 11  GLY A H      1 
ATOM 902  H HA2    . GLY C 3 9  ? 0.772   -4.118  3.693   1.00 0.46 ? 11  GLY A HA2    1 
ATOM 903  H HA3    . GLY C 3 9  ? 2.288   -3.980  2.807   1.00 0.47 ? 11  GLY A HA3    1 
ATOM 904  N N      . ARG C 3 10 ? 1.127   -1.518  3.210   1.00 0.39 ? 12  ARG A N      1 
ATOM 905  C CA     . ARG C 3 10 ? 0.816   -0.088  2.915   1.00 0.39 ? 12  ARG A CA     1 
ATOM 906  C C      . ARG C 3 10 ? 2.111   0.642   2.511   1.00 0.38 ? 12  ARG A C      1 
ATOM 907  O O      . ARG C 3 10 ? 3.031   0.733   3.299   1.00 0.38 ? 12  ARG A O      1 
ATOM 908  C CB     . ARG C 3 10 ? 0.257   0.555   4.189   1.00 0.39 ? 12  ARG A CB     1 
ATOM 909  C CG     . ARG C 3 10 ? -0.350  1.916   3.853   1.00 0.49 ? 12  ARG A CG     1 
ATOM 910  C CD     . ARG C 3 10 ? -0.718  2.648   5.147   1.00 0.51 ? 12  ARG A CD     1 
ATOM 911  N NE     . ARG C 3 10 ? 0.508   3.255   5.738   1.00 0.63 ? 12  ARG A NE     1 
ATOM 912  C CZ     . ARG C 3 10 ? 0.405   4.134   6.697   1.00 1.14 ? 12  ARG A CZ     1 
ATOM 913  N NH1    . ARG C 3 10 ? -0.771  4.459   7.161   1.00 1.99 ? 12  ARG A NH1    1 
ATOM 914  N NH2    . ARG C 3 10 ? 1.477   4.685   7.196   1.00 1.40 ? 12  ARG A NH2    1 
ATOM 915  H H      . ARG C 3 10 ? 1.536   -1.758  4.067   1.00 0.39 ? 12  ARG A H      1 
ATOM 916  H HA     . ARG C 3 10 ? 0.083   -0.025  2.127   1.00 0.42 ? 12  ARG A HA     1 
ATOM 917  H HB2    . ARG C 3 10 ? -0.502  -0.086  4.613   1.00 0.45 ? 12  ARG A HB2    1 
ATOM 918  H HB3    . ARG C 3 10 ? 1.057   0.687   4.905   1.00 0.42 ? 12  ARG A HB3    1 
ATOM 919  H HG2    . ARG C 3 10 ? 0.368   2.501   3.297   1.00 0.62 ? 12  ARG A HG2    1 
ATOM 920  H HG3    . ARG C 3 10 ? -1.239  1.774   3.257   1.00 0.66 ? 12  ARG A HG3    1 
ATOM 921  H HD2    . ARG C 3 10 ? -1.432  3.427   4.929   1.00 0.68 ? 12  ARG A HD2    1 
ATOM 922  H HD3    . ARG C 3 10 ? -1.155  1.948   5.847   1.00 0.76 ? 12  ARG A HD3    1 
ATOM 923  H HE     . ARG C 3 10 ? 1.392   3.001   5.399   1.00 1.19 ? 12  ARG A HE     1 
ATOM 924  H HH11   . ARG C 3 10 ? -1.593  4.032   6.782   1.00 2.05 ? 12  ARG A HH11   1 
ATOM 925  H HH12   . ARG C 3 10 ? -0.851  5.131   7.896   1.00 2.73 ? 12  ARG A HH12   1 
ATOM 926  H HH21   . ARG C 3 10 ? 2.379   4.433   6.844   1.00 1.39 ? 12  ARG A HH21   1 
ATOM 927  H HH22   . ARG C 3 10 ? 1.397   5.359   7.931   1.00 1.99 ? 12  ARG A HH22   1 
ATOM 928  N N      . PRO C 3 11 ? 2.203   1.164   1.304   1.00 0.41 ? 13  PRO A N      1 
ATOM 929  C CA     . PRO C 3 11 ? 3.427   1.888   0.847   1.00 0.43 ? 13  PRO A CA     1 
ATOM 930  C C      . PRO C 3 11 ? 3.987   2.825   1.923   1.00 0.43 ? 13  PRO A C      1 
ATOM 931  O O      . PRO C 3 11 ? 3.269   3.297   2.784   1.00 0.53 ? 13  PRO A O      1 
ATOM 932  C CB     . PRO C 3 11 ? 2.939   2.682   -0.364  1.00 0.48 ? 13  PRO A CB     1 
ATOM 933  C CG     . PRO C 3 11 ? 1.843   1.848   -0.942  1.00 0.60 ? 13  PRO A CG     1 
ATOM 934  C CD     . PRO C 3 11 ? 1.175   1.135   0.242   1.00 0.47 ? 13  PRO A CD     1 
ATOM 935  H HA     . PRO C 3 11 ? 4.182   1.184   0.535   1.00 0.45 ? 13  PRO A HA     1 
ATOM 936  H HB2    . PRO C 3 11 ? 2.559   3.647   -0.055  1.00 0.55 ? 13  PRO A HB2    1 
ATOM 937  H HB3    . PRO C 3 11 ? 3.734   2.803   -1.086  1.00 0.51 ? 13  PRO A HB3    1 
ATOM 938  H HG2    . PRO C 3 11 ? 1.129   2.479   -1.457  1.00 0.76 ? 13  PRO A HG2    1 
ATOM 939  H HG3    . PRO C 3 11 ? 2.253   1.117   -1.623  1.00 0.75 ? 13  PRO A HG3    1 
ATOM 940  H HD2    . PRO C 3 11 ? 0.288   1.670   0.553   1.00 0.44 ? 13  PRO A HD2    1 
ATOM 941  H HD3    . PRO C 3 11 ? 0.934   0.114   -0.015  1.00 0.51 ? 13  PRO A HD3    1 
ATOM 942  N N      . LYS C 3 12 ? 5.264   3.093   1.884   1.00 0.43 ? 14  LYS A N      1 
ATOM 943  C CA     . LYS C 3 12 ? 5.870   3.993   2.907   1.00 0.45 ? 14  LYS A CA     1 
ATOM 944  C C      . LYS C 3 12 ? 5.504   5.446   2.594   1.00 0.51 ? 14  LYS A C      1 
ATOM 945  O O      . LYS C 3 12 ? 5.454   5.851   1.450   1.00 0.57 ? 14  LYS A O      1 
ATOM 946  C CB     . LYS C 3 12 ? 7.391   3.834   2.883   1.00 0.49 ? 14  LYS A CB     1 
ATOM 947  C CG     . LYS C 3 12 ? 7.753   2.373   3.156   1.00 0.54 ? 14  LYS A CG     1 
ATOM 948  C CD     . LYS C 3 12 ? 9.268   2.241   3.322   1.00 0.66 ? 14  LYS A CD     1 
ATOM 949  C CE     . LYS C 3 12 ? 9.613   0.816   3.757   1.00 1.21 ? 14  LYS A CE     1 
ATOM 950  N NZ     . LYS C 3 12 ? 11.087  0.614   3.676   1.00 2.09 ? 14  LYS A NZ     1 
ATOM 951  H H      . LYS C 3 12 ? 5.825   2.700   1.185   1.00 0.51 ? 14  LYS A H      1 
ATOM 952  H HA     . LYS C 3 12 ? 5.495   3.730   3.885   1.00 0.46 ? 14  LYS A HA     1 
ATOM 953  H HB2    . LYS C 3 12 ? 7.770   4.128   1.916   1.00 0.52 ? 14  LYS A HB2    1 
ATOM 954  H HB3    . LYS C 3 12 ? 7.830   4.458   3.648   1.00 0.53 ? 14  LYS A HB3    1 
ATOM 955  H HG2    . LYS C 3 12 ? 7.260   2.041   4.057   1.00 0.78 ? 14  LYS A HG2    1 
ATOM 956  H HG3    . LYS C 3 12 ? 7.431   1.763   2.324   1.00 0.69 ? 14  LYS A HG3    1 
ATOM 957  H HD2    . LYS C 3 12 ? 9.753   2.458   2.379   1.00 1.16 ? 14  LYS A HD2    1 
ATOM 958  H HD3    . LYS C 3 12 ? 9.610   2.938   4.072   1.00 1.16 ? 14  LYS A HD3    1 
ATOM 959  H HE2    . LYS C 3 12 ? 9.284   0.663   4.775   1.00 1.66 ? 14  LYS A HE2    1 
ATOM 960  H HE3    . LYS C 3 12 ? 9.116   0.111   3.108   1.00 1.76 ? 14  LYS A HE3    1 
ATOM 961  H HZ1    . LYS C 3 12 ? 11.568  1.530   3.791   1.00 2.53 ? 14  LYS A HZ1    1 
ATOM 962  H HZ2    . LYS C 3 12 ? 11.390  -0.034  4.430   1.00 2.55 ? 14  LYS A HZ2    1 
ATOM 963  H HZ3    . LYS C 3 12 ? 11.331  0.208   2.752   1.00 2.57 ? 14  LYS A HZ3    1 
ATOM 964  N N      . GLY C 3 13 ? 5.248   6.234   3.604   1.00 0.56 ? 15  GLY A N      1 
ATOM 965  C CA     . GLY C 3 13 ? 4.889   7.661   3.368   1.00 0.66 ? 15  GLY A CA     1 
ATOM 966  C C      . GLY C 3 13 ? 3.402   7.767   3.018   1.00 0.60 ? 15  GLY A C      1 
ATOM 967  O O      . GLY C 3 13 ? 2.923   8.809   2.616   1.00 0.60 ? 15  GLY A O      1 
ATOM 968  H H      . GLY C 3 13 ? 5.296   5.886   4.519   1.00 0.57 ? 15  GLY A H      1 
ATOM 969  H HA2    . GLY C 3 13 ? 5.090   8.234   4.262   1.00 0.74 ? 15  GLY A HA2    1 
ATOM 970  H HA3    . GLY C 3 13 ? 5.475   8.050   2.550   1.00 0.74 ? 15  GLY A HA3    1 
ATOM 971  N N      . SER C 3 14 ? 2.668   6.697   3.167   1.00 0.61 ? 16  SER A N      1 
ATOM 972  C CA     . SER C 3 14 ? 1.213   6.741   2.840   1.00 0.58 ? 16  SER A CA     1 
ATOM 973  C C      . SER C 3 14 ? 0.437   7.289   4.043   1.00 0.57 ? 16  SER A C      1 
ATOM 974  O O      . SER C 3 14 ? 0.282   6.625   5.050   1.00 0.67 ? 16  SER A O      1 
ATOM 975  C CB     . SER C 3 14 ? 0.725   5.326   2.508   1.00 0.65 ? 16  SER A CB     1 
ATOM 976  O OG     . SER C 3 14 ? -0.402  5.409   1.646   1.00 1.58 ? 16  SER A OG     1 
ATOM 977  H H      . SER C 3 14 ? 3.072   5.866   3.491   1.00 0.69 ? 16  SER A H      1 
ATOM 978  H HA     . SER C 3 14 ? 1.054   7.384   1.987   1.00 0.59 ? 16  SER A HA     1 
ATOM 979  H HB2    . SER C 3 14 ? 1.510   4.780   2.011   1.00 1.02 ? 16  SER A HB2    1 
ATOM 980  H HB3    . SER C 3 14 ? 0.455   4.812   3.422   1.00 1.09 ? 16  SER A HB3    1 
ATOM 981  H HG     . SER C 3 14 ? -0.187  4.947   0.832   1.00 2.04 ? 16  SER A HG     1 
ATOM 982  N N      . LYS C 3 15 ? -0.057  8.494   3.943   1.00 0.60 ? 17  LYS A N      1 
ATOM 983  C CA     . LYS C 3 15 ? -0.826  9.089   5.076   1.00 0.73 ? 17  LYS A CA     1 
ATOM 984  C C      . LYS C 3 15 ? -2.311  8.772   4.888   1.00 0.74 ? 17  LYS A C      1 
ATOM 985  O O      . LYS C 3 15 ? -2.711  8.201   3.893   1.00 0.80 ? 17  LYS A O      1 
ATOM 986  C CB     . LYS C 3 15 ? -0.636  10.612  5.091   1.00 0.90 ? 17  LYS A CB     1 
ATOM 987  C CG     . LYS C 3 15 ? 0.857   10.967  5.051   1.00 1.02 ? 17  LYS A CG     1 
ATOM 988  C CD     . LYS C 3 15 ? 1.481   10.778  6.437   1.00 0.85 ? 17  LYS A CD     1 
ATOM 989  C CE     . LYS C 3 15 ? 2.936   11.256  6.411   1.00 0.95 ? 17  LYS A CE     1 
ATOM 990  N NZ     . LYS C 3 15 ? 2.976   12.718  6.122   1.00 1.61 ? 17  LYS A NZ     1 
ATOM 991  H H      . LYS C 3 15 ? 0.079   9.011   3.121   1.00 0.63 ? 17  LYS A H      1 
ATOM 992  H HA     . LYS C 3 15 ? -0.483  8.669   6.011   1.00 0.79 ? 17  LYS A HA     1 
ATOM 993  H HB2    . LYS C 3 15 ? -1.128  11.041  4.231   1.00 0.93 ? 17  LYS A HB2    1 
ATOM 994  H HB3    . LYS C 3 15 ? -1.074  11.017  5.993   1.00 1.03 ? 17  LYS A HB3    1 
ATOM 995  H HG2    . LYS C 3 15 ? 1.363   10.329  4.340   1.00 1.62 ? 17  LYS A HG2    1 
ATOM 996  H HG3    . LYS C 3 15 ? 0.970   11.998  4.749   1.00 1.38 ? 17  LYS A HG3    1 
ATOM 997  H HD2    . LYS C 3 15 ? 0.926   11.355  7.163   1.00 1.30 ? 17  LYS A HD2    1 
ATOM 998  H HD3    . LYS C 3 15 ? 1.453   9.734   6.707   1.00 1.54 ? 17  LYS A HD3    1 
ATOM 999  H HE2    . LYS C 3 15 ? 3.394   11.067  7.371   1.00 1.42 ? 17  LYS A HE2    1 
ATOM 1000 H HE3    . LYS C 3 15 ? 3.476   10.723  5.643   1.00 1.56 ? 17  LYS A HE3    1 
ATOM 1001 H HZ1    . LYS C 3 15 ? 2.447   12.913  5.249   1.00 2.07 ? 17  LYS A HZ1    1 
ATOM 1002 H HZ2    . LYS C 3 15 ? 2.547   13.239  6.913   1.00 2.18 ? 17  LYS A HZ2    1 
ATOM 1003 H HZ3    . LYS C 3 15 ? 3.963   13.021  6.001   1.00 2.05 ? 17  LYS A HZ3    1 
ATOM 1004 N N      . ASN C 3 16 ? -3.137  9.142   5.830   1.00 0.84 ? 18  ASN A N      1 
ATOM 1005 C CA     . ASN C 3 16 ? -4.594  8.864   5.689   1.00 0.89 ? 18  ASN A CA     1 
ATOM 1006 C C      . ASN C 3 16 ? -5.184  9.851   4.678   1.00 1.08 ? 18  ASN A C      1 
ATOM 1007 O O      . ASN C 3 16 ? -4.900  11.032  4.711   1.00 1.34 ? 18  ASN A O      1 
ATOM 1008 C CB     . ASN C 3 16 ? -5.278  9.025   7.048   1.00 1.13 ? 18  ASN A CB     1 
ATOM 1009 C CG     . ASN C 3 16 ? -4.618  8.082   8.059   1.00 1.25 ? 18  ASN A CG     1 
ATOM 1010 O OD1    . ASN C 3 16 ? -3.703  7.358   7.721   1.00 1.69 ? 18  ASN A OD1    1 
ATOM 1011 N ND2    . ASN C 3 16 ? -5.046  8.059   9.291   1.00 1.55 ? 18  ASN A ND2    1 
ATOM 1012 H H      . ASN C 3 16 ? -2.800  9.606   6.623   1.00 0.96 ? 18  ASN A H      1 
ATOM 1013 H HA     . ASN C 3 16 ? -4.734  7.855   5.330   1.00 0.83 ? 18  ASN A HA     1 
ATOM 1014 H HB2    . ASN C 3 16 ? -5.177  10.046  7.386   1.00 1.33 ? 18  ASN A HB2    1 
ATOM 1015 H HB3    . ASN C 3 16 ? -6.325  8.775   6.958   1.00 1.17 ? 18  ASN A HB3    1 
ATOM 1016 H HD21   . ASN C 3 16 ? -5.785  8.640   9.565   1.00 1.94 ? 18  ASN A HD21   1 
ATOM 1017 H HD22   . ASN C 3 16 ? -4.628  7.458   9.943   1.00 1.71 ? 18  ASN A HD22   1 
ATOM 1018 N N      . LYS C 3 17 ? -5.976  9.370   3.759   1.00 1.16 ? 19  LYS A N      1 
ATOM 1019 C CA     . LYS C 3 17 ? -6.554  10.272  2.720   1.00 1.51 ? 19  LYS A CA     1 
ATOM 1020 C C      . LYS C 3 17 ? -7.794  11.002  3.246   1.00 1.71 ? 19  LYS A C      1 
ATOM 1021 O O      . LYS C 3 17 ? -8.364  11.824  2.559   1.00 2.19 ? 19  LYS A O      1 
ATOM 1022 C CB     . LYS C 3 17 ? -6.941  9.440   1.497   1.00 1.78 ? 19  LYS A CB     1 
ATOM 1023 C CG     . LYS C 3 17 ? -5.680  8.826   0.882   1.00 1.77 ? 19  LYS A CG     1 
ATOM 1024 C CD     . LYS C 3 17 ? -6.075  7.774   -0.158  1.00 1.97 ? 19  LYS A CD     1 
ATOM 1025 C CE     . LYS C 3 17 ? -4.879  7.474   -1.065  1.00 2.30 ? 19  LYS A CE     1 
ATOM 1026 N NZ     . LYS C 3 17 ? -4.478  8.715   -1.784  1.00 2.86 ? 19  LYS A NZ     1 
ATOM 1027 H H      . LYS C 3 17 ? -6.172  8.410   3.736   1.00 1.12 ? 19  LYS A H      1 
ATOM 1028 H HA     . LYS C 3 17 ? -5.812  11.000  2.430   1.00 1.66 ? 19  LYS A HA     1 
ATOM 1029 H HB2    . LYS C 3 17 ? -7.619  8.653   1.795   1.00 2.18 ? 19  LYS A HB2    1 
ATOM 1030 H HB3    . LYS C 3 17 ? -7.422  10.075  0.767   1.00 2.29 ? 19  LYS A HB3    1 
ATOM 1031 H HG2    . LYS C 3 17 ? -5.098  9.603   0.406   1.00 2.16 ? 19  LYS A HG2    1 
ATOM 1032 H HG3    . LYS C 3 17 ? -5.093  8.361   1.659   1.00 2.07 ? 19  LYS A HG3    1 
ATOM 1033 H HD2    . LYS C 3 17 ? -6.379  6.868   0.347   1.00 2.28 ? 19  LYS A HD2    1 
ATOM 1034 H HD3    . LYS C 3 17 ? -6.894  8.145   -0.755  1.00 2.38 ? 19  LYS A HD3    1 
ATOM 1035 H HE2    . LYS C 3 17 ? -4.052  7.121   -0.466  1.00 2.62 ? 19  LYS A HE2    1 
ATOM 1036 H HE3    . LYS C 3 17 ? -5.154  6.715   -1.783  1.00 2.70 ? 19  LYS A HE3    1 
ATOM 1037 H HZ1    . LYS C 3 17 ? -5.063  9.510   -1.458  1.00 3.13 ? 19  LYS A HZ1    1 
ATOM 1038 H HZ2    . LYS C 3 17 ? -3.475  8.920   -1.591  1.00 3.17 ? 19  LYS A HZ2    1 
ATOM 1039 H HZ3    . LYS C 3 17 ? -4.615  8.585   -2.806  1.00 3.36 ? 19  LYS A HZ3    1 
ATOM 1040 N N      . GLY C 3 18 ? -8.224  10.725  4.446   1.00 2.06 ? 20  GLY A N      1 
ATOM 1041 C CA     . GLY C 3 18 ? -9.429  11.438  4.957   1.00 2.39 ? 20  GLY A CA     1 
ATOM 1042 C C      . GLY C 3 18 ? -9.909  10.822  6.272   1.00 2.07 ? 20  GLY A C      1 
ATOM 1043 O O      . GLY C 3 18 ? -9.160  10.185  6.986   1.00 2.22 ? 20  GLY A O      1 
ATOM 1044 H H      . GLY C 3 18 ? -7.763  10.062  5.001   1.00 2.48 ? 20  GLY A H      1 
ATOM 1045 H HA2    . GLY C 3 18 ? -9.184  12.477  5.120   1.00 2.90 ? 20  GLY A HA2    1 
ATOM 1046 H HA3    . GLY C 3 18 ? -10.220 11.369  4.225   1.00 2.73 ? 20  GLY A HA3    1 
ATOM 1047 N N      . ALA C 3 19 ? -11.159 11.024  6.596   1.00 2.18 ? 21  ALA A N      1 
ATOM 1048 C CA     . ALA C 3 19 ? -11.705 10.470  7.867   1.00 2.38 ? 21  ALA A CA     1 
ATOM 1049 C C      . ALA C 3 19 ? -12.075 8.998   7.685   1.00 2.05 ? 21  ALA A C      1 
ATOM 1050 O O      . ALA C 3 19 ? -13.104 8.671   7.127   1.00 2.23 ? 21  ALA A O      1 
ATOM 1051 C CB     . ALA C 3 19 ? -12.958 11.257  8.259   1.00 3.09 ? 21  ALA A CB     1 
ATOM 1052 H H      . ALA C 3 19 ? -11.736 11.549  6.005   1.00 2.48 ? 21  ALA A H      1 
ATOM 1053 H HA     . ALA C 3 19 ? -10.966 10.563  8.648   1.00 2.70 ? 21  ALA A HA     1 
ATOM 1054 H HB1    . ALA C 3 19 ? -12.761 12.316  8.176   1.00 3.45 ? 21  ALA A HB1    1 
ATOM 1055 H HB2    . ALA C 3 19 ? -13.771 10.990  7.600   1.00 3.37 ? 21  ALA A HB2    1 
ATOM 1056 H HB3    . ALA C 3 19 ? -13.228 11.021  9.278   1.00 3.49 ? 21  ALA A HB3    1 
ATOM 1057 N N      . ALA C 3 20 ? -11.255 8.104   8.167   1.00 1.96 ? 22  ALA A N      1 
ATOM 1058 C CA     . ALA C 3 20 ? -11.578 6.658   8.034   1.00 2.01 ? 22  ALA A CA     1 
ATOM 1059 C C      . ALA C 3 20 ? -12.626 6.291   9.086   1.00 2.60 ? 22  ALA A C      1 
ATOM 1060 O O      . ALA C 3 20 ? -12.323 6.149   10.255  1.00 3.01 ? 22  ALA A O      1 
ATOM 1061 C CB     . ALA C 3 20 ? -10.315 5.824   8.257   1.00 2.07 ? 22  ALA A CB     1 
ATOM 1062 H H      . ALA C 3 20 ? -10.436 8.386   8.626   1.00 2.13 ? 22  ALA A H      1 
ATOM 1063 H HA     . ALA C 3 20 ? -11.972 6.463   7.048   1.00 2.07 ? 22  ALA A HA     1 
ATOM 1064 H HB1    . ALA C 3 20 ? -9.868  6.092   9.202   1.00 2.52 ? 22  ALA A HB1    1 
ATOM 1065 H HB2    . ALA C 3 20 ? -10.572 4.775   8.265   1.00 2.17 ? 22  ALA A HB2    1 
ATOM 1066 H HB3    . ALA C 3 20 ? -9.612  6.015   7.459   1.00 2.36 ? 22  ALA A HB3    1 
ATOM 1067 N N      . LYS C 3 21 ? -13.859 6.144   8.684   1.00 3.11 ? 23  LYS A N      1 
ATOM 1068 C CA     . LYS C 3 21 ? -14.932 5.799   9.662   1.00 3.88 ? 23  LYS A CA     1 
ATOM 1069 C C      . LYS C 3 21 ? -15.018 4.278   9.807   1.00 4.15 ? 23  LYS A C      1 
ATOM 1070 O O      . LYS C 3 21 ? -15.980 3.748   10.326  1.00 4.38 ? 23  LYS A O      1 
ATOM 1071 C CB     . LYS C 3 21 ? -16.277 6.337   9.156   1.00 4.71 ? 23  LYS A CB     1 
ATOM 1072 C CG     . LYS C 3 21 ? -16.145 7.825   8.803   1.00 5.18 ? 23  LYS A CG     1 
ATOM 1073 C CD     . LYS C 3 21 ? -17.362 8.281   7.982   1.00 6.11 ? 23  LYS A CD     1 
ATOM 1074 C CE     . LYS C 3 21 ? -17.386 7.575   6.615   1.00 6.71 ? 23  LYS A CE     1 
ATOM 1075 N NZ     . LYS C 3 21 ? -17.947 8.501   5.590   1.00 7.23 ? 23  LYS A NZ     1 
ATOM 1076 H H      . LYS C 3 21 ? -14.082 6.270   7.738   1.00 3.26 ? 23  LYS A H      1 
ATOM 1077 H HA     . LYS C 3 21 ? -14.704 6.240   10.620  1.00 4.05 ? 23  LYS A HA     1 
ATOM 1078 H HB2    . LYS C 3 21 ? -16.578 5.782   8.282   1.00 4.97 ? 23  LYS A HB2    1 
ATOM 1079 H HB3    . LYS C 3 21 ? -17.021 6.220   9.930   1.00 5.13 ? 23  LYS A HB3    1 
ATOM 1080 H HG2    . LYS C 3 21 ? -16.094 8.405   9.714   1.00 5.29 ? 23  LYS A HG2    1 
ATOM 1081 H HG3    . LYS C 3 21 ? -15.246 7.984   8.227   1.00 5.14 ? 23  LYS A HG3    1 
ATOM 1082 H HD2    . LYS C 3 21 ? -18.267 8.046   8.524   1.00 6.31 ? 23  LYS A HD2    1 
ATOM 1083 H HD3    . LYS C 3 21 ? -17.307 9.349   7.828   1.00 6.48 ? 23  LYS A HD3    1 
ATOM 1084 H HE2    . LYS C 3 21 ? -16.383 7.292   6.331   1.00 6.98 ? 23  LYS A HE2    1 
ATOM 1085 H HE3    . LYS C 3 21 ? -18.005 6.691   6.676   1.00 6.85 ? 23  LYS A HE3    1 
ATOM 1086 H HZ1    . LYS C 3 21 ? -17.544 9.450   5.721   1.00 7.39 ? 23  LYS A HZ1    1 
ATOM 1087 H HZ2    . LYS C 3 21 ? -17.708 8.154   4.639   1.00 7.45 ? 23  LYS A HZ2    1 
ATOM 1088 H HZ3    . LYS C 3 21 ? -18.982 8.546   5.692   1.00 7.51 ? 23  LYS A HZ3    1 
# 
